data_2WH7
# 
_entry.id   2WH7 
# 
_audit_conform.dict_name       mmcif_pdbx.dic 
_audit_conform.dict_version    5.382 
_audit_conform.dict_location   http://mmcif.pdb.org/dictionaries/ascii/mmcif_pdbx.dic 
# 
loop_
_database_2.database_id 
_database_2.database_code 
_database_2.pdbx_database_accession 
_database_2.pdbx_DOI 
PDB   2WH7         pdb_00002wh7 10.2210/pdb2wh7/pdb 
PDBE  EBI-39418    ?            ?                   
WWPDB D_1290039418 ?            ?                   
# 
_pdbx_database_status.status_code                     REL 
_pdbx_database_status.entry_id                        2WH7 
_pdbx_database_status.deposit_site                    PDBE 
_pdbx_database_status.process_site                    PDBE 
_pdbx_database_status.SG_entry                        . 
_pdbx_database_status.recvd_initial_deposition_date   2009-05-01 
_pdbx_database_status.pdb_format_compatible           Y 
_pdbx_database_status.status_code_sf                  REL 
_pdbx_database_status.status_code_mr                  ? 
_pdbx_database_status.status_code_cs                  ? 
_pdbx_database_status.methods_development_category    ? 
_pdbx_database_status.status_code_nmr_data            ? 
# 
loop_
_audit_author.name 
_audit_author.pdbx_ordinal 
'Martinez-Fleites, C.' 1 
'Black, G.W.'          2 
'Turkenburg, J.P.'     3 
'Smith, N.L.'          4 
'Taylor, E.J.'         5 
# 
_citation.id                        primary 
_citation.title                     
'Structures of Two Truncated Phage-Tail Hyaluronate Lyases from Streptococcus Pyogenes Serotype M1.' 
_citation.journal_abbrev            'Acta Crystallogr.,Sect.F' 
_citation.journal_volume            65 
_citation.page_first                963 
_citation.page_last                 ? 
_citation.year                      2009 
_citation.journal_id_ASTM           ? 
_citation.country                   DK 
_citation.journal_id_ISSN           1744-3091 
_citation.journal_id_CSD            ? 
_citation.book_publisher            ? 
_citation.pdbx_database_id_PubMed   19850999 
_citation.pdbx_database_id_DOI      10.1107/S1744309109032813 
# 
loop_
_citation_author.citation_id 
_citation_author.name 
_citation_author.ordinal 
_citation_author.identifier_ORCID 
primary 'Martinez-Fleites, C.' 1 ? 
primary 'Smith, N.L.'          2 ? 
primary 'Turkenburg, J.P.'     3 ? 
primary 'Black, G.W.'          4 ? 
primary 'Taylor, E.J.'         5 ? 
# 
_cell.entry_id           2WH7 
_cell.length_a           50.838 
_cell.length_b           50.838 
_cell.length_c           219.031 
_cell.angle_alpha        90.00 
_cell.angle_beta         90.00 
_cell.angle_gamma        120.00 
_cell.Z_PDB              12 
_cell.pdbx_unique_axis   ? 
# 
_symmetry.entry_id                         2WH7 
_symmetry.space_group_name_H-M             'P 63 2 2' 
_symmetry.pdbx_full_space_group_name_H-M   ? 
_symmetry.cell_setting                     ? 
_symmetry.Int_Tables_number                182 
# 
loop_
_entity.id 
_entity.type 
_entity.src_method 
_entity.pdbx_description 
_entity.formula_weight 
_entity.pdbx_number_of_molecules 
_entity.pdbx_ec 
_entity.pdbx_mutation 
_entity.pdbx_fragment 
_entity.details 
1 polymer man 'HYALURONIDASE-PHAGE ASSOCIATED' 19118.580 1   3.2.1.35 ? 'HYALURONATE LYASES FRAGMENT, RESIDUES 215-372' ? 
2 water   nat water                            18.015    200 ?        ? ?                                               ? 
# 
_entity_name_com.entity_id   1 
_entity_name_com.name        HYLP2 
# 
_entity_poly.entity_id                      1 
_entity_poly.type                           'polypeptide(L)' 
_entity_poly.nstd_linkage                   no 
_entity_poly.nstd_monomer                   no 
_entity_poly.pdbx_seq_one_letter_code       
;MGSSHHHHHHSSGLVPRGSHNAVNIVMRQPTTPNFSSALNITSANEGGSAMQIRGVEKALGTLKITHENPSVDKEYDKNA
AALSIDIVKKQKGGKGTAAQGIYINSTSGTTGKLLRIRNLNDDKFYVKPDGGFYAKETSQIDGNLKLKDPIANDHAATKA
YVDGEVEKLKALLAAKQM
;
_entity_poly.pdbx_seq_one_letter_code_can   
;MGSSHHHHHHSSGLVPRGSHNAVNIVMRQPTTPNFSSALNITSANEGGSAMQIRGVEKALGTLKITHENPSVDKEYDKNA
AALSIDIVKKQKGGKGTAAQGIYINSTSGTTGKLLRIRNLNDDKFYVKPDGGFYAKETSQIDGNLKLKDPIANDHAATKA
YVDGEVEKLKALLAAKQM
;
_entity_poly.pdbx_strand_id                 A 
_entity_poly.pdbx_target_identifier         ? 
# 
loop_
_entity_poly_seq.entity_id 
_entity_poly_seq.num 
_entity_poly_seq.mon_id 
_entity_poly_seq.hetero 
1 1   MET n 
1 2   GLY n 
1 3   SER n 
1 4   SER n 
1 5   HIS n 
1 6   HIS n 
1 7   HIS n 
1 8   HIS n 
1 9   HIS n 
1 10  HIS n 
1 11  SER n 
1 12  SER n 
1 13  GLY n 
1 14  LEU n 
1 15  VAL n 
1 16  PRO n 
1 17  ARG n 
1 18  GLY n 
1 19  SER n 
1 20  HIS n 
1 21  ASN n 
1 22  ALA n 
1 23  VAL n 
1 24  ASN n 
1 25  ILE n 
1 26  VAL n 
1 27  MET n 
1 28  ARG n 
1 29  GLN n 
1 30  PRO n 
1 31  THR n 
1 32  THR n 
1 33  PRO n 
1 34  ASN n 
1 35  PHE n 
1 36  SER n 
1 37  SER n 
1 38  ALA n 
1 39  LEU n 
1 40  ASN n 
1 41  ILE n 
1 42  THR n 
1 43  SER n 
1 44  ALA n 
1 45  ASN n 
1 46  GLU n 
1 47  GLY n 
1 48  GLY n 
1 49  SER n 
1 50  ALA n 
1 51  MET n 
1 52  GLN n 
1 53  ILE n 
1 54  ARG n 
1 55  GLY n 
1 56  VAL n 
1 57  GLU n 
1 58  LYS n 
1 59  ALA n 
1 60  LEU n 
1 61  GLY n 
1 62  THR n 
1 63  LEU n 
1 64  LYS n 
1 65  ILE n 
1 66  THR n 
1 67  HIS n 
1 68  GLU n 
1 69  ASN n 
1 70  PRO n 
1 71  SER n 
1 72  VAL n 
1 73  ASP n 
1 74  LYS n 
1 75  GLU n 
1 76  TYR n 
1 77  ASP n 
1 78  LYS n 
1 79  ASN n 
1 80  ALA n 
1 81  ALA n 
1 82  ALA n 
1 83  LEU n 
1 84  SER n 
1 85  ILE n 
1 86  ASP n 
1 87  ILE n 
1 88  VAL n 
1 89  LYS n 
1 90  LYS n 
1 91  GLN n 
1 92  LYS n 
1 93  GLY n 
1 94  GLY n 
1 95  LYS n 
1 96  GLY n 
1 97  THR n 
1 98  ALA n 
1 99  ALA n 
1 100 GLN n 
1 101 GLY n 
1 102 ILE n 
1 103 TYR n 
1 104 ILE n 
1 105 ASN n 
1 106 SER n 
1 107 THR n 
1 108 SER n 
1 109 GLY n 
1 110 THR n 
1 111 THR n 
1 112 GLY n 
1 113 LYS n 
1 114 LEU n 
1 115 LEU n 
1 116 ARG n 
1 117 ILE n 
1 118 ARG n 
1 119 ASN n 
1 120 LEU n 
1 121 ASN n 
1 122 ASP n 
1 123 ASP n 
1 124 LYS n 
1 125 PHE n 
1 126 TYR n 
1 127 VAL n 
1 128 LYS n 
1 129 PRO n 
1 130 ASP n 
1 131 GLY n 
1 132 GLY n 
1 133 PHE n 
1 134 TYR n 
1 135 ALA n 
1 136 LYS n 
1 137 GLU n 
1 138 THR n 
1 139 SER n 
1 140 GLN n 
1 141 ILE n 
1 142 ASP n 
1 143 GLY n 
1 144 ASN n 
1 145 LEU n 
1 146 LYS n 
1 147 LEU n 
1 148 LYS n 
1 149 ASP n 
1 150 PRO n 
1 151 ILE n 
1 152 ALA n 
1 153 ASN n 
1 154 ASP n 
1 155 HIS n 
1 156 ALA n 
1 157 ALA n 
1 158 THR n 
1 159 LYS n 
1 160 ALA n 
1 161 TYR n 
1 162 VAL n 
1 163 ASP n 
1 164 GLY n 
1 165 GLU n 
1 166 VAL n 
1 167 GLU n 
1 168 LYS n 
1 169 LEU n 
1 170 LYS n 
1 171 ALA n 
1 172 LEU n 
1 173 LEU n 
1 174 ALA n 
1 175 ALA n 
1 176 LYS n 
1 177 GLN n 
1 178 MET n 
# 
_entity_src_gen.entity_id                          1 
_entity_src_gen.pdbx_src_id                        1 
_entity_src_gen.pdbx_alt_source_flag               sample 
_entity_src_gen.pdbx_seq_type                      ? 
_entity_src_gen.pdbx_beg_seq_num                   ? 
_entity_src_gen.pdbx_end_seq_num                   ? 
_entity_src_gen.gene_src_common_name               ? 
_entity_src_gen.gene_src_genus                     ? 
_entity_src_gen.pdbx_gene_src_gene                 ? 
_entity_src_gen.gene_src_species                   ? 
_entity_src_gen.gene_src_strain                    'M1 GAS SF370' 
_entity_src_gen.gene_src_tissue                    ? 
_entity_src_gen.gene_src_tissue_fraction           ? 
_entity_src_gen.gene_src_details                   ? 
_entity_src_gen.pdbx_gene_src_fragment             ? 
_entity_src_gen.pdbx_gene_src_scientific_name      'STREPTOCOCCUS PYOGENES' 
_entity_src_gen.pdbx_gene_src_ncbi_taxonomy_id     1314 
_entity_src_gen.pdbx_gene_src_variant              ? 
_entity_src_gen.pdbx_gene_src_cell_line            ? 
_entity_src_gen.pdbx_gene_src_atcc                 700294 
_entity_src_gen.pdbx_gene_src_organ                ? 
_entity_src_gen.pdbx_gene_src_organelle            ? 
_entity_src_gen.pdbx_gene_src_cell                 ? 
_entity_src_gen.pdbx_gene_src_cellular_location    ? 
_entity_src_gen.host_org_common_name               ? 
_entity_src_gen.pdbx_host_org_scientific_name      'ESCHERICHIA COLI' 
_entity_src_gen.pdbx_host_org_ncbi_taxonomy_id     469008 
_entity_src_gen.host_org_genus                     ? 
_entity_src_gen.pdbx_host_org_gene                 ? 
_entity_src_gen.pdbx_host_org_organ                ? 
_entity_src_gen.host_org_species                   ? 
_entity_src_gen.pdbx_host_org_tissue               ? 
_entity_src_gen.pdbx_host_org_tissue_fraction      ? 
_entity_src_gen.pdbx_host_org_strain               'BL21(DE3)' 
_entity_src_gen.pdbx_host_org_variant              ? 
_entity_src_gen.pdbx_host_org_cell_line            ? 
_entity_src_gen.pdbx_host_org_atcc                 ? 
_entity_src_gen.pdbx_host_org_culture_collection   ? 
_entity_src_gen.pdbx_host_org_cell                 ? 
_entity_src_gen.pdbx_host_org_organelle            ? 
_entity_src_gen.pdbx_host_org_cellular_location    ? 
_entity_src_gen.pdbx_host_org_vector_type          PLASMID 
_entity_src_gen.pdbx_host_org_vector               ? 
_entity_src_gen.host_org_details                   ? 
_entity_src_gen.expression_system_id               ? 
_entity_src_gen.plasmid_name                       'PET28A (NOVAGEN)' 
_entity_src_gen.plasmid_details                    ? 
_entity_src_gen.pdbx_description                   ? 
# 
loop_
_struct_ref.id 
_struct_ref.db_name 
_struct_ref.db_code 
_struct_ref.entity_id 
_struct_ref.pdbx_seq_one_letter_code 
_struct_ref.pdbx_align_begin 
_struct_ref.pdbx_db_accession 
_struct_ref.pdbx_db_isoform 
1 PDB 2WH7         1 ? ? 2WH7   ? 
2 UNP Q99ZZ7_STRP1 1 ? ? Q99ZZ7 ? 
# 
loop_
_struct_ref_seq.align_id 
_struct_ref_seq.ref_id 
_struct_ref_seq.pdbx_PDB_id_code 
_struct_ref_seq.pdbx_strand_id 
_struct_ref_seq.seq_align_beg 
_struct_ref_seq.pdbx_seq_align_beg_ins_code 
_struct_ref_seq.seq_align_end 
_struct_ref_seq.pdbx_seq_align_end_ins_code 
_struct_ref_seq.pdbx_db_accession 
_struct_ref_seq.db_align_beg 
_struct_ref_seq.pdbx_db_align_beg_ins_code 
_struct_ref_seq.db_align_end 
_struct_ref_seq.pdbx_db_align_end_ins_code 
_struct_ref_seq.pdbx_auth_seq_align_beg 
_struct_ref_seq.pdbx_auth_seq_align_end 
1 1 2WH7 A 1  ? 20  ? 2WH7   215 ? 234 ? 215 234 
2 2 2WH7 A 21 ? 178 ? Q99ZZ7 215 ? 372 ? 235 392 
# 
loop_
_chem_comp.id 
_chem_comp.type 
_chem_comp.mon_nstd_flag 
_chem_comp.name 
_chem_comp.pdbx_synonyms 
_chem_comp.formula 
_chem_comp.formula_weight 
ALA 'L-peptide linking' y ALANINE         ? 'C3 H7 N O2'     89.093  
ARG 'L-peptide linking' y ARGININE        ? 'C6 H15 N4 O2 1' 175.209 
ASN 'L-peptide linking' y ASPARAGINE      ? 'C4 H8 N2 O3'    132.118 
ASP 'L-peptide linking' y 'ASPARTIC ACID' ? 'C4 H7 N O4'     133.103 
GLN 'L-peptide linking' y GLUTAMINE       ? 'C5 H10 N2 O3'   146.144 
GLU 'L-peptide linking' y 'GLUTAMIC ACID' ? 'C5 H9 N O4'     147.129 
GLY 'peptide linking'   y GLYCINE         ? 'C2 H5 N O2'     75.067  
HIS 'L-peptide linking' y HISTIDINE       ? 'C6 H10 N3 O2 1' 156.162 
HOH non-polymer         . WATER           ? 'H2 O'           18.015  
ILE 'L-peptide linking' y ISOLEUCINE      ? 'C6 H13 N O2'    131.173 
LEU 'L-peptide linking' y LEUCINE         ? 'C6 H13 N O2'    131.173 
LYS 'L-peptide linking' y LYSINE          ? 'C6 H15 N2 O2 1' 147.195 
MET 'L-peptide linking' y METHIONINE      ? 'C5 H11 N O2 S'  149.211 
PHE 'L-peptide linking' y PHENYLALANINE   ? 'C9 H11 N O2'    165.189 
PRO 'L-peptide linking' y PROLINE         ? 'C5 H9 N O2'     115.130 
SER 'L-peptide linking' y SERINE          ? 'C3 H7 N O3'     105.093 
THR 'L-peptide linking' y THREONINE       ? 'C4 H9 N O3'     119.119 
TYR 'L-peptide linking' y TYROSINE        ? 'C9 H11 N O3'    181.189 
VAL 'L-peptide linking' y VALINE          ? 'C5 H11 N O2'    117.146 
# 
_exptl.entry_id          2WH7 
_exptl.method            'X-RAY DIFFRACTION' 
_exptl.crystals_number   1 
# 
_exptl_crystal.id                    1 
_exptl_crystal.density_meas          ? 
_exptl_crystal.density_Matthews      2.4 
_exptl_crystal.density_percent_sol   49 
_exptl_crystal.description           NONE 
# 
_exptl_crystal_grow.crystal_id      1 
_exptl_crystal_grow.method          ? 
_exptl_crystal_grow.temp            ? 
_exptl_crystal_grow.temp_details    ? 
_exptl_crystal_grow.pH              ? 
_exptl_crystal_grow.pdbx_pH_range   ? 
_exptl_crystal_grow.pdbx_details    '2 M NACL, 10 % (W/V) PEG 6000;' 
# 
_diffrn.id                     1 
_diffrn.ambient_temp           100 
_diffrn.ambient_temp_details   ? 
_diffrn.crystal_id             1 
# 
_diffrn_detector.diffrn_id              1 
_diffrn_detector.detector               CCD 
_diffrn_detector.type                   'ADSC CCD' 
_diffrn_detector.pdbx_collection_date   ? 
_diffrn_detector.details                ? 
# 
_diffrn_radiation.diffrn_id                        1 
_diffrn_radiation.wavelength_id                    1 
_diffrn_radiation.pdbx_monochromatic_or_laue_m_l   M 
_diffrn_radiation.monochromator                    ? 
_diffrn_radiation.pdbx_diffrn_protocol             'SINGLE WAVELENGTH' 
_diffrn_radiation.pdbx_scattering_type             x-ray 
# 
_diffrn_radiation_wavelength.id           1 
_diffrn_radiation_wavelength.wavelength   0.93300 
_diffrn_radiation_wavelength.wt           1.0 
# 
_diffrn_source.diffrn_id                   1 
_diffrn_source.source                      SYNCHROTRON 
_diffrn_source.type                        'ESRF BEAMLINE ID14-1' 
_diffrn_source.pdbx_synchrotron_site       ESRF 
_diffrn_source.pdbx_synchrotron_beamline   ID14-1 
_diffrn_source.pdbx_wavelength             0.93300 
_diffrn_source.pdbx_wavelength_list        ? 
# 
_reflns.pdbx_diffrn_id               1 
_reflns.pdbx_ordinal                 1 
_reflns.entry_id                     2WH7 
_reflns.observed_criterion_sigma_I   2.0 
_reflns.observed_criterion_sigma_F   ? 
_reflns.d_resolution_low             30.00 
_reflns.d_resolution_high            1.60 
_reflns.number_obs                   23240 
_reflns.number_all                   ? 
_reflns.percent_possible_obs         91.0 
_reflns.pdbx_Rmerge_I_obs            0.07 
_reflns.pdbx_Rsym_value              ? 
_reflns.pdbx_netI_over_sigmaI        41.90 
_reflns.B_iso_Wilson_estimate        ? 
_reflns.pdbx_redundancy              4.4 
# 
_reflns_shell.pdbx_diffrn_id         1 
_reflns_shell.pdbx_ordinal           1 
_reflns_shell.d_res_high             1.60 
_reflns_shell.d_res_low              1.66 
_reflns_shell.percent_possible_all   93.0 
_reflns_shell.Rmerge_I_obs           0.17 
_reflns_shell.pdbx_Rsym_value        ? 
_reflns_shell.meanI_over_sigI_obs    13.00 
_reflns_shell.pdbx_redundancy        4.9 
# 
_refine.pdbx_refine_id                           'X-RAY DIFFRACTION' 
_refine.entry_id                                 2WH7 
_refine.pdbx_diffrn_id                           1 
_refine.pdbx_TLS_residual_ADP_flag               ? 
_refine.ls_number_reflns_obs                     20606 
_refine.ls_number_reflns_all                     ? 
_refine.pdbx_ls_sigma_I                          ? 
_refine.pdbx_ls_sigma_F                          ? 
_refine.pdbx_data_cutoff_high_absF               ? 
_refine.pdbx_data_cutoff_low_absF                ? 
_refine.pdbx_data_cutoff_high_rms_absF           ? 
_refine.ls_d_res_low                             109.76 
_refine.ls_d_res_high                            1.60 
_refine.ls_percent_reflns_obs                    93.5 
_refine.ls_R_factor_obs                          0.214 
_refine.ls_R_factor_all                          ? 
_refine.ls_R_factor_R_work                       0.212 
_refine.ls_R_factor_R_free                       0.258 
_refine.ls_R_factor_R_free_error                 ? 
_refine.ls_R_factor_R_free_error_details         ? 
_refine.ls_percent_reflns_R_free                 5.100 
_refine.ls_number_reflns_R_free                  1118 
_refine.ls_number_parameters                     ? 
_refine.ls_number_restraints                     ? 
_refine.occupancy_min                            ? 
_refine.occupancy_max                            ? 
_refine.correlation_coeff_Fo_to_Fc               0.946 
_refine.correlation_coeff_Fo_to_Fc_free          0.923 
_refine.B_iso_mean                               18.92 
_refine.aniso_B[1][1]                            0.96000 
_refine.aniso_B[2][2]                            0.96000 
_refine.aniso_B[3][3]                            -1.45000 
_refine.aniso_B[1][2]                            0.48000 
_refine.aniso_B[1][3]                            0.00000 
_refine.aniso_B[2][3]                            0.00000 
_refine.solvent_model_details                    MASK 
_refine.solvent_model_param_ksol                 ? 
_refine.solvent_model_param_bsol                 ? 
_refine.pdbx_solvent_vdw_probe_radii             1.40 
_refine.pdbx_solvent_ion_probe_radii             0.80 
_refine.pdbx_solvent_shrinkage_radii             0.80 
_refine.pdbx_ls_cross_valid_method               THROUGHOUT 
_refine.details                                  'HYDROGENS HAVE BEEN ADDED IN THE RIDING POSITIONS. U VALUES REFINED INDIVIDUALLY' 
_refine.pdbx_starting_model                      'PDB ENTRY 2C3F' 
_refine.pdbx_method_to_determine_struct          'MOLECULAR REPLACEMENT' 
_refine.pdbx_isotropic_thermal_model             ? 
_refine.pdbx_stereochemistry_target_values       'MAXIMUM LIKELIHOOD' 
_refine.pdbx_stereochem_target_val_spec_case     ? 
_refine.pdbx_R_Free_selection_details            RANDOM 
_refine.pdbx_overall_ESU_R                       0.107 
_refine.pdbx_overall_ESU_R_Free                  0.111 
_refine.overall_SU_ML                            0.070 
_refine.pdbx_overall_phase_error                 ? 
_refine.overall_SU_B                             1.945 
_refine.overall_SU_R_Cruickshank_DPI             ? 
_refine.pdbx_overall_SU_R_free_Cruickshank_DPI   ? 
_refine.pdbx_overall_SU_R_Blow_DPI               ? 
_refine.pdbx_overall_SU_R_free_Blow_DPI          ? 
# 
_refine_hist.pdbx_refine_id                   'X-RAY DIFFRACTION' 
_refine_hist.cycle_id                         LAST 
_refine_hist.pdbx_number_atoms_protein        1140 
_refine_hist.pdbx_number_atoms_nucleic_acid   0 
_refine_hist.pdbx_number_atoms_ligand         0 
_refine_hist.number_atoms_solvent             200 
_refine_hist.number_atoms_total               1340 
_refine_hist.d_res_high                       1.60 
_refine_hist.d_res_low                        109.76 
# 
loop_
_refine_ls_restr.type 
_refine_ls_restr.dev_ideal 
_refine_ls_restr.dev_ideal_target 
_refine_ls_restr.weight 
_refine_ls_restr.number 
_refine_ls_restr.pdbx_refine_id 
_refine_ls_restr.pdbx_restraint_function 
r_bond_refined_d             0.020  0.022  ? 1188 'X-RAY DIFFRACTION' ? 
r_bond_other_d               ?      ?      ? ?    'X-RAY DIFFRACTION' ? 
r_angle_refined_deg          1.589  1.972  ? 1604 'X-RAY DIFFRACTION' ? 
r_angle_other_deg            ?      ?      ? ?    'X-RAY DIFFRACTION' ? 
r_dihedral_angle_1_deg       6.451  5.000  ? 158  'X-RAY DIFFRACTION' ? 
r_dihedral_angle_2_deg       35.093 26.250 ? 48   'X-RAY DIFFRACTION' ? 
r_dihedral_angle_3_deg       11.472 15.000 ? 221  'X-RAY DIFFRACTION' ? 
r_dihedral_angle_4_deg       14.449 15.000 ? 4    'X-RAY DIFFRACTION' ? 
r_chiral_restr               0.124  0.200  ? 183  'X-RAY DIFFRACTION' ? 
r_gen_planes_refined         0.009  0.021  ? 881  'X-RAY DIFFRACTION' ? 
r_gen_planes_other           ?      ?      ? ?    'X-RAY DIFFRACTION' ? 
r_nbd_refined                ?      ?      ? ?    'X-RAY DIFFRACTION' ? 
r_nbd_other                  ?      ?      ? ?    'X-RAY DIFFRACTION' ? 
r_nbtor_refined              ?      ?      ? ?    'X-RAY DIFFRACTION' ? 
r_nbtor_other                ?      ?      ? ?    'X-RAY DIFFRACTION' ? 
r_xyhbond_nbd_refined        ?      ?      ? ?    'X-RAY DIFFRACTION' ? 
r_xyhbond_nbd_other          ?      ?      ? ?    'X-RAY DIFFRACTION' ? 
r_metal_ion_refined          ?      ?      ? ?    'X-RAY DIFFRACTION' ? 
r_metal_ion_other            ?      ?      ? ?    'X-RAY DIFFRACTION' ? 
r_symmetry_vdw_refined       ?      ?      ? ?    'X-RAY DIFFRACTION' ? 
r_symmetry_vdw_other         ?      ?      ? ?    'X-RAY DIFFRACTION' ? 
r_symmetry_hbond_refined     ?      ?      ? ?    'X-RAY DIFFRACTION' ? 
r_symmetry_hbond_other       ?      ?      ? ?    'X-RAY DIFFRACTION' ? 
r_symmetry_metal_ion_refined ?      ?      ? ?    'X-RAY DIFFRACTION' ? 
r_symmetry_metal_ion_other   ?      ?      ? ?    'X-RAY DIFFRACTION' ? 
r_mcbond_it                  1.072  1.500  ? 773  'X-RAY DIFFRACTION' ? 
r_mcbond_other               ?      ?      ? ?    'X-RAY DIFFRACTION' ? 
r_mcangle_it                 1.712  2.000  ? 1239 'X-RAY DIFFRACTION' ? 
r_mcangle_other              ?      ?      ? ?    'X-RAY DIFFRACTION' ? 
r_scbond_it                  3.023  3.000  ? 415  'X-RAY DIFFRACTION' ? 
r_scbond_other               ?      ?      ? ?    'X-RAY DIFFRACTION' ? 
r_scangle_it                 5.095  4.500  ? 365  'X-RAY DIFFRACTION' ? 
r_scangle_other              ?      ?      ? ?    'X-RAY DIFFRACTION' ? 
r_long_range_B_refined       ?      ?      ? ?    'X-RAY DIFFRACTION' ? 
r_long_range_B_other         ?      ?      ? ?    'X-RAY DIFFRACTION' ? 
r_rigid_bond_restr           ?      ?      ? ?    'X-RAY DIFFRACTION' ? 
r_sphericity_free            ?      ?      ? ?    'X-RAY DIFFRACTION' ? 
r_sphericity_bonded          ?      ?      ? ?    'X-RAY DIFFRACTION' ? 
# 
_refine_ls_shell.pdbx_refine_id                   'X-RAY DIFFRACTION' 
_refine_ls_shell.pdbx_total_number_of_bins_used   20 
_refine_ls_shell.d_res_high                       1.60 
_refine_ls_shell.d_res_low                        1.64 
_refine_ls_shell.number_reflns_R_work             1448 
_refine_ls_shell.R_factor_R_work                  0.2460 
_refine_ls_shell.percent_reflns_obs               91.06 
_refine_ls_shell.R_factor_R_free                  0.3170 
_refine_ls_shell.R_factor_R_free_error            ? 
_refine_ls_shell.percent_reflns_R_free            ? 
_refine_ls_shell.number_reflns_R_free             79 
_refine_ls_shell.number_reflns_all                ? 
_refine_ls_shell.R_factor_all                     ? 
# 
_struct.entry_id                  2WH7 
_struct.title                     
'The partial structure of a group A streptpcoccal phage-encoded tail fibre hyaluronate lyase Hylp2' 
_struct.pdbx_model_details        ? 
_struct.pdbx_CASP_flag            ? 
_struct.pdbx_model_type_details   ? 
# 
_struct_keywords.entry_id        2WH7 
_struct_keywords.pdbx_keywords   HYDROLASE 
_struct_keywords.text            
'TRIPLE-STRANDED BETA-HELIX, HYALURONAN LYASE, PHAGE TAIL FIBRE, HYDROLASE, GLYCOSIDASE, HYALURONIDASE, SCARLET FEVER' 
# 
loop_
_struct_asym.id 
_struct_asym.pdbx_blank_PDB_chainid_flag 
_struct_asym.pdbx_modified 
_struct_asym.entity_id 
_struct_asym.details 
A N N 1 ? 
B N N 2 ? 
# 
_struct_biol.id   1 
# 
loop_
_struct_conf.conf_type_id 
_struct_conf.id 
_struct_conf.pdbx_PDB_helix_id 
_struct_conf.beg_label_comp_id 
_struct_conf.beg_label_asym_id 
_struct_conf.beg_label_seq_id 
_struct_conf.pdbx_beg_PDB_ins_code 
_struct_conf.end_label_comp_id 
_struct_conf.end_label_asym_id 
_struct_conf.end_label_seq_id 
_struct_conf.pdbx_end_PDB_ins_code 
_struct_conf.beg_auth_comp_id 
_struct_conf.beg_auth_asym_id 
_struct_conf.beg_auth_seq_id 
_struct_conf.end_auth_comp_id 
_struct_conf.end_auth_asym_id 
_struct_conf.end_auth_seq_id 
_struct_conf.pdbx_PDB_helix_class 
_struct_conf.details 
_struct_conf.pdbx_PDB_helix_length 
HELX_P HELX_P1 1 THR A 158 ? ASP A 163 ? THR A 372 ASP A 377 1 ? 6 
HELX_P HELX_P2 2 GLU A 165 ? LEU A 172 ? GLU A 379 LEU A 386 1 ? 8 
# 
_struct_conf_type.id          HELX_P 
_struct_conf_type.criteria    ? 
_struct_conf_type.reference   ? 
# 
_struct_sheet.id               AA 
_struct_sheet.type             ? 
_struct_sheet.number_strands   3 
_struct_sheet.details          ? 
# 
loop_
_struct_sheet_order.sheet_id 
_struct_sheet_order.range_id_1 
_struct_sheet_order.range_id_2 
_struct_sheet_order.offset 
_struct_sheet_order.sense 
AA 1 2 ? anti-parallel 
AA 2 3 ? anti-parallel 
# 
loop_
_struct_sheet_range.sheet_id 
_struct_sheet_range.id 
_struct_sheet_range.beg_label_comp_id 
_struct_sheet_range.beg_label_asym_id 
_struct_sheet_range.beg_label_seq_id 
_struct_sheet_range.pdbx_beg_PDB_ins_code 
_struct_sheet_range.end_label_comp_id 
_struct_sheet_range.end_label_asym_id 
_struct_sheet_range.end_label_seq_id 
_struct_sheet_range.pdbx_end_PDB_ins_code 
_struct_sheet_range.beg_auth_comp_id 
_struct_sheet_range.beg_auth_asym_id 
_struct_sheet_range.beg_auth_seq_id 
_struct_sheet_range.end_auth_comp_id 
_struct_sheet_range.end_auth_asym_id 
_struct_sheet_range.end_auth_seq_id 
AA 1 LEU A 115 ? ASN A 119 ? LEU A 329 ASN A 333 
AA 2 ASP A 122 ? VAL A 127 ? ASP A 336 VAL A 341 
AA 3 TYR A 134 ? ALA A 135 ? TYR A 348 ALA A 349 
# 
loop_
_pdbx_struct_sheet_hbond.sheet_id 
_pdbx_struct_sheet_hbond.range_id_1 
_pdbx_struct_sheet_hbond.range_id_2 
_pdbx_struct_sheet_hbond.range_1_label_atom_id 
_pdbx_struct_sheet_hbond.range_1_label_comp_id 
_pdbx_struct_sheet_hbond.range_1_label_asym_id 
_pdbx_struct_sheet_hbond.range_1_label_seq_id 
_pdbx_struct_sheet_hbond.range_1_PDB_ins_code 
_pdbx_struct_sheet_hbond.range_1_auth_atom_id 
_pdbx_struct_sheet_hbond.range_1_auth_comp_id 
_pdbx_struct_sheet_hbond.range_1_auth_asym_id 
_pdbx_struct_sheet_hbond.range_1_auth_seq_id 
_pdbx_struct_sheet_hbond.range_2_label_atom_id 
_pdbx_struct_sheet_hbond.range_2_label_comp_id 
_pdbx_struct_sheet_hbond.range_2_label_asym_id 
_pdbx_struct_sheet_hbond.range_2_label_seq_id 
_pdbx_struct_sheet_hbond.range_2_PDB_ins_code 
_pdbx_struct_sheet_hbond.range_2_auth_atom_id 
_pdbx_struct_sheet_hbond.range_2_auth_comp_id 
_pdbx_struct_sheet_hbond.range_2_auth_asym_id 
_pdbx_struct_sheet_hbond.range_2_auth_seq_id 
AA 1 2 N ASN A 119 ? N ASN A 333 O ASP A 122 ? O ASP A 336 
AA 2 3 N TYR A 126 ? N TYR A 340 O TYR A 134 ? O TYR A 348 
# 
_atom_sites.entry_id                    2WH7 
_atom_sites.fract_transf_matrix[1][1]   -0.00720041 
_atom_sites.fract_transf_matrix[1][2]   0.00809645 
_atom_sites.fract_transf_matrix[1][3]   0.01996226 
_atom_sites.fract_transf_matrix[2][1]   -0.00021196 
_atom_sites.fract_transf_matrix[2][2]   0.02239845 
_atom_sites.fract_transf_matrix[2][3]   0.00376097 
_atom_sites.fract_transf_matrix[3][1]   -0.00425846 
_atom_sites.fract_transf_matrix[3][2]   0.00023352 
_atom_sites.fract_transf_matrix[3][3]   -0.00163074 
_atom_sites.fract_transf_vector[1]      0.353495 
_atom_sites.fract_transf_vector[2]      0.672203 
_atom_sites.fract_transf_vector[3]      0.114056 
# 
loop_
_atom_type.symbol 
C 
N 
O 
S 
# 
loop_
_atom_site.group_PDB 
_atom_site.id 
_atom_site.type_symbol 
_atom_site.label_atom_id 
_atom_site.label_alt_id 
_atom_site.label_comp_id 
_atom_site.label_asym_id 
_atom_site.label_entity_id 
_atom_site.label_seq_id 
_atom_site.pdbx_PDB_ins_code 
_atom_site.Cartn_x 
_atom_site.Cartn_y 
_atom_site.Cartn_z 
_atom_site.occupancy 
_atom_site.B_iso_or_equiv 
_atom_site.pdbx_formal_charge 
_atom_site.auth_seq_id 
_atom_site.auth_comp_id 
_atom_site.auth_asym_id 
_atom_site.auth_atom_id 
_atom_site.pdbx_PDB_model_num 
ATOM   1    N N   . ASN A 1 21  ? -22.488 14.207  -13.774 1.00 21.55  ? 235  ASN A N   1 
ATOM   2    C CA  . ASN A 1 21  ? -22.106 12.782  -13.809 1.00 19.29  ? 235  ASN A CA  1 
ATOM   3    C C   . ASN A 1 21  ? -23.176 11.912  -14.507 1.00 17.49  ? 235  ASN A C   1 
ATOM   4    O O   . ASN A 1 21  ? -24.388 12.243  -14.473 1.00 17.13  ? 235  ASN A O   1 
ATOM   5    C CB  . ASN A 1 21  ? -21.823 12.269  -12.387 1.00 19.18  ? 235  ASN A CB  1 
ATOM   6    C CG  . ASN A 1 21  ? -20.774 13.112  -11.659 1.00 18.10  ? 235  ASN A CG  1 
ATOM   7    O OD1 . ASN A 1 21  ? -19.662 13.338  -12.155 1.00 17.55  ? 235  ASN A OD1 1 
ATOM   8    N ND2 . ASN A 1 21  ? -21.093 13.491  -10.441 1.00 16.74  ? 235  ASN A ND2 1 
ATOM   9    N N   . ALA A 1 22  ? -22.760 10.841  -15.168 1.00 15.33  ? 236  ALA A N   1 
ATOM   10   C CA  . ALA A 1 22  ? -23.716 10.009  -15.916 1.00 13.63  ? 236  ALA A CA  1 
ATOM   11   C C   . ALA A 1 22  ? -24.638 9.313   -14.916 1.00 13.72  ? 236  ALA A C   1 
ATOM   12   O O   . ALA A 1 22  ? -25.850 9.233   -15.138 1.00 13.71  ? 236  ALA A O   1 
ATOM   13   C CB  . ALA A 1 22  ? -23.029 8.953   -16.802 1.00 15.40  ? 236  ALA A CB  1 
ATOM   14   N N   . VAL A 1 23  ? -24.059 8.788   -13.832 1.00 11.34  ? 237  VAL A N   1 
ATOM   15   C CA  . VAL A 1 23  ? -24.853 8.145   -12.765 1.00 11.19  ? 237  VAL A CA  1 
ATOM   16   C C   . VAL A 1 23  ? -24.389 8.642   -11.393 1.00 11.67  ? 237  VAL A C   1 
ATOM   17   O O   . VAL A 1 23  ? -23.189 8.538   -11.079 1.00 10.89  ? 237  VAL A O   1 
ATOM   18   C CB  . VAL A 1 23  ? -24.711 6.587   -12.827 1.00 10.72  ? 237  VAL A CB  1 
ATOM   19   C CG1 . VAL A 1 23  ? -25.563 5.909   -11.801 1.00 11.65  ? 237  VAL A CG1 1 
ATOM   20   C CG2 . VAL A 1 23  ? -25.041 6.006   -14.235 1.00 10.93  ? 237  VAL A CG2 1 
ATOM   21   N N   . ASN A 1 24  ? -25.326 9.103   -10.569 1.00 11.46  ? 238  ASN A N   1 
ATOM   22   C CA  . ASN A 1 24  ? -25.055 9.552   -9.211  1.00 11.86  ? 238  ASN A CA  1 
ATOM   23   C C   . ASN A 1 24  ? -25.893 8.710   -8.238  1.00 11.83  ? 238  ASN A C   1 
ATOM   24   O O   . ASN A 1 24  ? -27.126 8.591   -8.414  1.00 11.27  ? 238  ASN A O   1 
ATOM   25   C CB  . ASN A 1 24  ? -25.490 11.035  -9.084  1.00 13.14  ? 238  ASN A CB  1 
ATOM   26   C CG  . ASN A 1 24  ? -24.478 12.043  -9.646  1.00 17.73  ? 238  ASN A CG  1 
ATOM   27   O OD1 . ASN A 1 24  ? -23.321 12.043  -9.290  1.00 18.98  ? 238  ASN A OD1 1 
ATOM   28   N ND2 . ASN A 1 24  ? -24.946 12.940  -10.495 1.00 23.39  ? 238  ASN A ND2 1 
ATOM   29   N N   . ILE A 1 25  ? -25.273 8.130   -7.204  1.00 11.44  ? 239  ILE A N   1 
ATOM   30   C CA  . ILE A 1 25  ? -25.983 7.391   -6.139  1.00 13.00  ? 239  ILE A CA  1 
ATOM   31   C C   . ILE A 1 25  ? -25.736 8.121   -4.810  1.00 14.90  ? 239  ILE A C   1 
ATOM   32   O O   . ILE A 1 25  ? -24.577 8.469   -4.500  1.00 15.38  ? 239  ILE A O   1 
ATOM   33   C CB  . ILE A 1 25  ? -25.522 5.945   -6.026  1.00 11.81  ? 239  ILE A CB  1 
ATOM   34   C CG1 . ILE A 1 25  ? -25.721 5.267   -7.378  1.00 12.07  ? 239  ILE A CG1 1 
ATOM   35   C CG2 . ILE A 1 25  ? -26.323 5.228   -4.896  1.00 14.42  ? 239  ILE A CG2 1 
ATOM   36   C CD1 . ILE A 1 25  ? -25.244 3.807   -7.462  1.00 13.76  ? 239  ILE A CD1 1 
ATOM   37   N N   . VAL A 1 26  ? -26.801 8.438   -4.065  1.00 15.73  ? 240  VAL A N   1 
ATOM   38   C CA  . VAL A 1 26  ? -26.685 9.212   -2.830  1.00 16.13  ? 240  VAL A CA  1 
ATOM   39   C C   . VAL A 1 26  ? -27.416 8.483   -1.729  1.00 16.67  ? 240  VAL A C   1 
ATOM   40   O O   . VAL A 1 26  ? -28.610 8.208   -1.879  1.00 19.01  ? 240  VAL A O   1 
ATOM   41   C CB  . VAL A 1 26  ? -27.329 10.592  -2.977  1.00 15.99  ? 240  VAL A CB  1 
ATOM   42   C CG1 . VAL A 1 26  ? -27.326 11.341  -1.608  1.00 20.15  ? 240  VAL A CG1 1 
ATOM   43   C CG2 . VAL A 1 26  ? -26.552 11.368  -4.035  1.00 16.01  ? 240  VAL A CG2 1 
ATOM   44   N N   . MET A 1 27  ? -26.708 8.163   -0.635  1.00 17.32  ? 241  MET A N   1 
ATOM   45   C CA  . MET A 1 27  ? -27.341 7.790   0.652   1.00 17.82  ? 241  MET A CA  1 
ATOM   46   C C   . MET A 1 27  ? -27.375 8.972   1.623   1.00 18.52  ? 241  MET A C   1 
ATOM   47   O O   . MET A 1 27  ? -26.310 9.485   2.033   1.00 18.20  ? 241  MET A O   1 
ATOM   48   C CB  . MET A 1 27  ? -26.598 6.591   1.279   1.00 18.65  ? 241  MET A CB  1 
ATOM   49   C CG  . MET A 1 27  ? -26.975 6.336   2.741   1.00 19.68  ? 241  MET A CG  1 
ATOM   50   S SD  . MET A 1 27  ? -26.584 4.686   3.263   1.00 22.52  ? 241  MET A SD  1 
ATOM   51   C CE  . MET A 1 27  ? -27.761 3.752   2.242   1.00 17.87  ? 241  MET A CE  1 
ATOM   52   N N   . ARG A 1 28  ? -28.583 9.432   1.973   1.00 19.03  ? 242  ARG A N   1 
ATOM   53   C CA  . ARG A 1 28  ? -28.734 10.617  2.851   1.00 21.02  ? 242  ARG A CA  1 
ATOM   54   C C   . ARG A 1 28  ? -28.459 10.245  4.299   1.00 21.53  ? 242  ARG A C   1 
ATOM   55   O O   . ARG A 1 28  ? -28.416 9.061   4.657   1.00 19.84  ? 242  ARG A O   1 
ATOM   56   C CB  . ARG A 1 28  ? -30.133 11.247  2.719   1.00 22.05  ? 242  ARG A CB  1 
ATOM   57   C CG  . ARG A 1 28  ? -31.262 10.434  3.412   1.00 25.27  ? 242  ARG A CG  1 
ATOM   58   C CD  . ARG A 1 28  ? -32.652 11.063  3.185   1.00 33.23  ? 242  ARG A CD  1 
ATOM   59   N NE  . ARG A 1 28  ? -32.852 11.358  1.763   1.00 37.63  ? 242  ARG A NE  1 
ATOM   60   C CZ  . ARG A 1 28  ? -33.982 11.823  1.239   1.00 39.72  ? 242  ARG A CZ  1 
ATOM   61   N NH1 . ARG A 1 28  ? -35.030 12.034  2.029   1.00 39.88  ? 242  ARG A NH1 1 
ATOM   62   N NH2 . ARG A 1 28  ? -34.060 12.066  -0.074  1.00 40.23  ? 242  ARG A NH2 1 
ATOM   63   N N   . GLN A 1 29  ? -28.280 11.258  5.132   1.00 22.24  ? 243  GLN A N   1 
ATOM   64   C CA  . GLN A 1 29  ? -28.032 10.993  6.532   1.00 24.58  ? 243  GLN A CA  1 
ATOM   65   C C   . GLN A 1 29  ? -29.271 10.363  7.201   1.00 25.38  ? 243  GLN A C   1 
ATOM   66   O O   . GLN A 1 29  ? -30.354 10.932  7.156   1.00 26.70  ? 243  GLN A O   1 
ATOM   67   C CB  . GLN A 1 29  ? -27.564 12.256  7.246   1.00 24.98  ? 243  GLN A CB  1 
ATOM   68   C CG  . GLN A 1 29  ? -27.210 11.916  8.700   1.00 30.27  ? 243  GLN A CG  1 
ATOM   69   C CD  . GLN A 1 29  ? -26.688 13.082  9.464   1.00 34.52  ? 243  GLN A CD  1 
ATOM   70   O OE1 . GLN A 1 29  ? -25.970 13.926  8.923   1.00 37.68  ? 243  GLN A OE1 1 
ATOM   71   N NE2 . GLN A 1 29  ? -27.034 13.145  10.739  1.00 38.22  ? 243  GLN A NE2 1 
ATOM   72   N N   . PRO A 1 30  ? -29.120 9.164   7.778   1.00 26.46  ? 244  PRO A N   1 
ATOM   73   C CA  . PRO A 1 30  ? -30.193 8.482   8.512   1.00 27.16  ? 244  PRO A CA  1 
ATOM   74   C C   . PRO A 1 30  ? -30.427 9.096   9.916   1.00 27.75  ? 244  PRO A C   1 
ATOM   75   O O   . PRO A 1 30  ? -29.579 9.841   10.426  1.00 28.95  ? 244  PRO A O   1 
ATOM   76   C CB  . PRO A 1 30  ? -29.658 7.062   8.641   1.00 27.34  ? 244  PRO A CB  1 
ATOM   77   C CG  . PRO A 1 30  ? -28.172 7.241   8.695   1.00 26.69  ? 244  PRO A CG  1 
ATOM   78   C CD  . PRO A 1 30  ? -27.901 8.334   7.696   1.00 25.96  ? 244  PRO A CD  1 
ATOM   79   N N   . THR A 1 31  ? -31.562 8.775   10.542  1.00 28.79  ? 245  THR A N   1 
ATOM   80   C CA  . THR A 1 31  ? -31.846 9.323   11.890  1.00 29.40  ? 245  THR A CA  1 
ATOM   81   C C   . THR A 1 31  ? -30.809 8.868   12.914  1.00 28.87  ? 245  THR A C   1 
ATOM   82   O O   . THR A 1 31  ? -30.376 9.644   13.760  1.00 30.21  ? 245  THR A O   1 
ATOM   83   C CB  . THR A 1 31  ? -33.240 8.920   12.418  1.00 29.93  ? 245  THR A CB  1 
ATOM   84   O OG1 . THR A 1 31  ? -33.471 7.520   12.176  1.00 30.82  ? 245  THR A OG1 1 
ATOM   85   C CG2 . THR A 1 31  ? -34.308 9.700   11.728  1.00 30.66  ? 245  THR A CG2 1 
ATOM   86   N N   . THR A 1 32  ? -30.461 7.591   12.837  1.00 28.13  ? 246  THR A N   1 
ATOM   87   C CA  . THR A 1 32  ? -29.408 6.996   13.640  1.00 27.83  ? 246  THR A CA  1 
ATOM   88   C C   . THR A 1 32  ? -28.469 6.255   12.677  1.00 26.23  ? 246  THR A C   1 
ATOM   89   O O   . THR A 1 32  ? -28.938 5.703   11.675  1.00 25.28  ? 246  THR A O   1 
ATOM   90   C CB  . THR A 1 32  ? -29.980 6.026   14.731  1.00 28.18  ? 246  THR A CB  1 
ATOM   91   O OG1 . THR A 1 32  ? -28.910 5.447   15.489  1.00 31.43  ? 246  THR A OG1 1 
ATOM   92   C CG2 . THR A 1 32  ? -30.810 4.912   14.143  1.00 30.94  ? 246  THR A CG2 1 
ATOM   93   N N   . PRO A 1 33  ? -27.145 6.259   12.963  1.00 24.19  ? 247  PRO A N   1 
ATOM   94   C CA  . PRO A 1 33  ? -26.213 5.533   12.099  1.00 23.14  ? 247  PRO A CA  1 
ATOM   95   C C   . PRO A 1 33  ? -26.567 4.046   11.977  1.00 22.26  ? 247  PRO A C   1 
ATOM   96   O O   . PRO A 1 33  ? -27.019 3.438   12.958  1.00 22.58  ? 247  PRO A O   1 
ATOM   97   C CB  . PRO A 1 33  ? -24.863 5.712   12.813  1.00 23.53  ? 247  PRO A CB  1 
ATOM   98   C CG  . PRO A 1 33  ? -25.012 7.112   13.468  1.00 22.58  ? 247  PRO A CG  1 
ATOM   99   C CD  . PRO A 1 33  ? -26.434 7.042   14.003  1.00 24.21  ? 247  PRO A CD  1 
ATOM   100  N N   . ASN A 1 34  ? -26.337 3.447   10.804  1.00 20.80  ? 248  ASN A N   1 
ATOM   101  C CA  . ASN A 1 34  ? -26.626 2.012   10.622  1.00 19.62  ? 248  ASN A CA  1 
ATOM   102  C C   . ASN A 1 34  ? -25.662 1.430   9.637   1.00 19.24  ? 248  ASN A C   1 
ATOM   103  O O   . ASN A 1 34  ? -24.851 2.188   9.097   1.00 18.58  ? 248  ASN A O   1 
ATOM   104  C CB  . ASN A 1 34  ? -28.077 1.809   10.174  1.00 19.19  ? 248  ASN A CB  1 
ATOM   105  C CG  . ASN A 1 34  ? -28.378 2.520   8.862   1.00 21.02  ? 248  ASN A CG  1 
ATOM   106  O OD1 . ASN A 1 34  ? -27.815 2.192   7.824   1.00 21.63  ? 248  ASN A OD1 1 
ATOM   107  N ND2 . ASN A 1 34  ? -29.244 3.514   8.911   1.00 27.22  ? 248  ASN A ND2 1 
ATOM   108  N N   . PHE A 1 35  ? -25.705 0.119   9.399   1.00 18.06  ? 249  PHE A N   1 
ATOM   109  C CA  . PHE A 1 35  ? -24.682 -0.537  8.535   1.00 19.17  ? 249  PHE A CA  1 
ATOM   110  C C   . PHE A 1 35  ? -24.929 -0.421  7.028   1.00 18.71  ? 249  PHE A C   1 
ATOM   111  O O   . PHE A 1 35  ? -24.115 -0.914  6.215   1.00 19.29  ? 249  PHE A O   1 
ATOM   112  C CB  . PHE A 1 35  ? -24.422 -2.004  8.950   1.00 19.89  ? 249  PHE A CB  1 
ATOM   113  C CG  . PHE A 1 35  ? -23.872 -2.122  10.343  1.00 26.29  ? 249  PHE A CG  1 
ATOM   114  C CD1 . PHE A 1 35  ? -22.536 -1.792  10.608  1.00 27.65  ? 249  PHE A CD1 1 
ATOM   115  C CD2 . PHE A 1 35  ? -24.694 -2.501  11.394  1.00 27.62  ? 249  PHE A CD2 1 
ATOM   116  C CE1 . PHE A 1 35  ? -22.034 -1.851  11.908  1.00 31.22  ? 249  PHE A CE1 1 
ATOM   117  C CE2 . PHE A 1 35  ? -24.205 -2.536  12.692  1.00 30.14  ? 249  PHE A CE2 1 
ATOM   118  C CZ  . PHE A 1 35  ? -22.867 -2.241  12.943  1.00 29.96  ? 249  PHE A CZ  1 
ATOM   119  N N   . SER A 1 36  ? -26.005 0.239   6.624   1.00 17.65  ? 250  SER A N   1 
ATOM   120  C CA  . SER A 1 36  ? -26.332 0.245   5.182   1.00 17.30  ? 250  SER A CA  1 
ATOM   121  C C   . SER A 1 36  ? -25.270 0.985   4.338   1.00 14.62  ? 250  SER A C   1 
ATOM   122  O O   . SER A 1 36  ? -24.621 1.930   4.811   1.00 15.54  ? 250  SER A O   1 
ATOM   123  C CB  . SER A 1 36  ? -27.732 0.807   4.935   1.00 17.91  ? 250  SER A CB  1 
ATOM   124  O OG  . SER A 1 36  ? -27.782 2.233   5.114   1.00 22.05  ? 250  SER A OG  1 
ATOM   125  N N   . SER A 1 37  ? -25.132 0.531   3.091   1.00 13.41  ? 251  SER A N   1 
ATOM   126  C CA  . SER A 1 37  ? -24.254 1.153   2.085   1.00 11.44  ? 251  SER A CA  1 
ATOM   127  C C   . SER A 1 37  ? -25.047 1.769   0.938   1.00 12.14  ? 251  SER A C   1 
ATOM   128  O O   . SER A 1 37  ? -26.162 1.378   0.630   1.00 12.25  ? 251  SER A O   1 
ATOM   129  C CB  . SER A 1 37  ? -23.342 0.048   1.487   1.00 12.11  ? 251  SER A CB  1 
ATOM   130  O OG  . SER A 1 37  ? -22.518 -0.545  2.518   1.00 12.26  ? 251  SER A OG  1 
ATOM   131  N N   . ALA A 1 38  ? -24.460 2.763   0.287   1.00 11.52  ? 252  ALA A N   1 
ATOM   132  C CA  . ALA A 1 38  ? -25.074 3.300   -0.910  1.00 11.77  ? 252  ALA A CA  1 
ATOM   133  C C   . ALA A 1 38  ? -25.067 2.269   -2.053  1.00 11.55  ? 252  ALA A C   1 
ATOM   134  O O   . ALA A 1 38  ? -26.044 2.204   -2.823  1.00 11.77  ? 252  ALA A O   1 
ATOM   135  C CB  . ALA A 1 38  ? -24.394 4.584   -1.347  1.00 11.36  ? 252  ALA A CB  1 
ATOM   136  N N   . LEU A 1 39  ? -23.975 1.491   -2.206  1.00 10.50  ? 253  LEU A N   1 
ATOM   137  C CA  . LEU A 1 39  ? -23.884 0.531   -3.309  1.00 10.35  ? 253  LEU A CA  1 
ATOM   138  C C   . LEU A 1 39  ? -23.178 -0.758  -2.805  1.00 8.93   ? 253  LEU A C   1 
ATOM   139  O O   . LEU A 1 39  ? -22.114 -0.668  -2.205  1.00 9.03   ? 253  LEU A O   1 
ATOM   140  C CB  . LEU A 1 39  ? -23.114 1.126   -4.507  1.00 10.75  ? 253  LEU A CB  1 
ATOM   141  C CG  . LEU A 1 39  ? -22.891 0.191   -5.733  1.00 11.09  ? 253  LEU A CG  1 
ATOM   142  C CD1 . LEU A 1 39  ? -24.188 -0.326  -6.308  1.00 12.36  ? 253  LEU A CD1 1 
ATOM   143  C CD2 . LEU A 1 39  ? -22.114 0.938   -6.827  1.00 12.07  ? 253  LEU A CD2 1 
ATOM   144  N N   . ASN A 1 40  ? -23.808 -1.915  -3.031  1.00 10.27  ? 254  ASN A N   1 
ATOM   145  C CA  . ASN A 1 40  ? -23.245 -3.153  -2.581  1.00 9.61   ? 254  ASN A CA  1 
ATOM   146  C C   . ASN A 1 40  ? -23.239 -4.075  -3.802  1.00 11.76  ? 254  ASN A C   1 
ATOM   147  O O   . ASN A 1 40  ? -24.292 -4.212  -4.467  1.00 12.42  ? 254  ASN A O   1 
ATOM   148  C CB  . ASN A 1 40  ? -24.158 -3.748  -1.500  1.00 10.86  ? 254  ASN A CB  1 
ATOM   149  C CG  . ASN A 1 40  ? -23.658 -5.008  -0.975  1.00 14.55  ? 254  ASN A CG  1 
ATOM   150  O OD1 . ASN A 1 40  ? -22.540 -5.087  -0.463  1.00 18.29  ? 254  ASN A OD1 1 
ATOM   151  N ND2 . ASN A 1 40  ? -24.506 -6.023  -1.002  1.00 21.15  ? 254  ASN A ND2 1 
ATOM   152  N N   . ILE A 1 41  ? -22.102 -4.737  -4.041  1.00 11.06  ? 255  ILE A N   1 
ATOM   153  C CA  . ILE A 1 41  ? -21.906 -5.583  -5.254  1.00 13.32  ? 255  ILE A CA  1 
ATOM   154  C C   . ILE A 1 41  ? -21.441 -6.959  -4.844  1.00 13.19  ? 255  ILE A C   1 
ATOM   155  O O   . ILE A 1 41  ? -20.488 -7.077  -4.100  1.00 13.23  ? 255  ILE A O   1 
ATOM   156  C CB  . ILE A 1 41  ? -20.874 -4.979  -6.234  1.00 13.77  ? 255  ILE A CB  1 
ATOM   157  C CG1 . ILE A 1 41  ? -21.374 -3.612  -6.727  1.00 18.46  ? 255  ILE A CG1 1 
ATOM   158  C CG2 . ILE A 1 41  ? -20.579 -5.923  -7.460  1.00 17.78  ? 255  ILE A CG2 1 
ATOM   159  C CD1 . ILE A 1 41  ? -20.371 -2.969  -7.499  1.00 20.28  ? 255  ILE A CD1 1 
ATOM   160  N N   . THR A 1 42  ? -22.107 -8.001  -5.326  1.00 13.52  ? 256  THR A N   1 
ATOM   161  C CA  . THR A 1 42  ? -21.673 -9.358  -4.990  1.00 14.70  ? 256  THR A CA  1 
ATOM   162  C C   . THR A 1 42  ? -21.648 -10.198 -6.276  1.00 14.14  ? 256  THR A C   1 
ATOM   163  O O   . THR A 1 42  ? -22.600 -10.136 -7.035  1.00 13.86  ? 256  THR A O   1 
ATOM   164  C CB  . THR A 1 42  ? -22.638 -10.039 -4.006  1.00 16.15  ? 256  THR A CB  1 
ATOM   165  O OG1 . THR A 1 42  ? -22.618 -9.343  -2.743  1.00 21.00  ? 256  THR A OG1 1 
ATOM   166  C CG2 . THR A 1 42  ? -22.199 -11.424 -3.721  1.00 17.64  ? 256  THR A CG2 1 
ATOM   167  N N   . SER A 1 43  ? -20.580 -10.990 -6.463  1.00 13.80  ? 257  SER A N   1 
ATOM   168  C CA  . SER A 1 43  ? -20.532 -12.009 -7.511  1.00 12.58  ? 257  SER A CA  1 
ATOM   169  C C   . SER A 1 43  ? -20.189 -13.379 -6.978  1.00 13.69  ? 257  SER A C   1 
ATOM   170  O O   . SER A 1 43  ? -19.334 -13.529 -6.063  1.00 15.40  ? 257  SER A O   1 
ATOM   171  C CB  . SER A 1 43  ? -19.531 -11.634 -8.620  1.00 13.18  ? 257  SER A CB  1 
ATOM   172  O OG  . SER A 1 43  ? -19.583 -12.634 -9.656  1.00 13.23  ? 257  SER A OG  1 
ATOM   173  N N   . ALA A 1 44  ? -20.882 -14.368 -7.548  1.00 12.66  ? 258  ALA A N   1 
ATOM   174  C CA  . ALA A 1 44  ? -20.640 -15.805 -7.260  1.00 13.37  ? 258  ALA A CA  1 
ATOM   175  C C   . ALA A 1 44  ? -20.019 -16.520 -8.478  1.00 15.26  ? 258  ALA A C   1 
ATOM   176  O O   . ALA A 1 44  ? -19.972 -17.774 -8.526  1.00 14.31  ? 258  ALA A O   1 
ATOM   177  C CB  . ALA A 1 44  ? -21.954 -16.432 -6.883  1.00 14.59  ? 258  ALA A CB  1 
ATOM   178  N N   . ASN A 1 45  ? -19.570 -15.748 -9.463  1.00 12.75  ? 259  ASN A N   1 
ATOM   179  C CA  . ASN A 1 45  ? -18.848 -16.250 -10.638 1.00 13.78  ? 259  ASN A CA  1 
ATOM   180  C C   . ASN A 1 45  ? -17.324 -16.238 -10.444 1.00 13.26  ? 259  ASN A C   1 
ATOM   181  O O   . ASN A 1 45  ? -16.677 -15.168 -10.459 1.00 13.14  ? 259  ASN A O   1 
ATOM   182  C CB  . ASN A 1 45  ? -19.222 -15.415 -11.872 1.00 14.28  ? 259  ASN A CB  1 
ATOM   183  C CG  . ASN A 1 45  ? -18.362 -15.731 -13.068 1.00 15.63  ? 259  ASN A CG  1 
ATOM   184  O OD1 . ASN A 1 45  ? -17.912 -16.871 -13.248 1.00 12.96  ? 259  ASN A OD1 1 
ATOM   185  N ND2 . ASN A 1 45  ? -18.152 -14.738 -13.913 1.00 14.34  ? 259  ASN A ND2 1 
ATOM   186  N N   . GLU A 1 46  ? -16.728 -17.427 -10.279 1.00 13.13  ? 260  GLU A N   1 
ATOM   187  C CA  . GLU A 1 46  ? -15.282 -17.533 -10.055 1.00 14.47  ? 260  GLU A CA  1 
ATOM   188  C C   . GLU A 1 46  ? -14.409 -17.147 -11.284 1.00 13.33  ? 260  GLU A C   1 
ATOM   189  O O   . GLU A 1 46  ? -13.201 -16.997 -11.167 1.00 14.48  ? 260  GLU A O   1 
ATOM   190  C CB  . GLU A 1 46  ? -14.862 -18.898 -9.449  1.00 13.34  ? 260  GLU A CB  1 
ATOM   191  C CG  . GLU A 1 46  ? -14.826 -20.069 -10.439 1.00 15.83  ? 260  GLU A CG  1 
ATOM   192  C CD  . GLU A 1 46  ? -14.229 -21.347 -9.812  1.00 17.49  ? 260  GLU A CD  1 
ATOM   193  O OE1 . GLU A 1 46  ? -14.739 -21.825 -8.774  1.00 19.60  ? 260  GLU A OE1 1 
ATOM   194  O OE2 . GLU A 1 46  ? -13.237 -21.848 -10.372 1.00 20.84  ? 260  GLU A OE2 1 
ATOM   195  N N   . GLY A 1 47  ? -15.013 -16.971 -12.462 1.00 12.20  ? 261  GLY A N   1 
ATOM   196  C CA  . GLY A 1 47  ? -14.236 -16.837 -13.649 1.00 13.60  ? 261  GLY A CA  1 
ATOM   197  C C   . GLY A 1 47  ? -14.032 -15.422 -14.121 1.00 14.32  ? 261  GLY A C   1 
ATOM   198  O O   . GLY A 1 47  ? -13.336 -15.197 -15.099 1.00 13.74  ? 261  GLY A O   1 
ATOM   199  N N   . GLY A 1 48  ? -14.641 -14.481 -13.426 1.00 13.69  ? 262  GLY A N   1 
ATOM   200  C CA  . GLY A 1 48  ? -14.494 -13.051 -13.779 1.00 13.68  ? 262  GLY A CA  1 
ATOM   201  C C   . GLY A 1 48  ? -14.495 -12.125 -12.551 1.00 13.12  ? 262  GLY A C   1 
ATOM   202  O O   . GLY A 1 48  ? -15.026 -12.437 -11.464 1.00 13.81  ? 262  GLY A O   1 
ATOM   203  N N   . SER A 1 49  ? -13.889 -10.972 -12.744 1.00 13.78  ? 263  SER A N   1 
ATOM   204  C CA  . SER A 1 49  ? -13.853 -9.910  -11.716 1.00 13.05  ? 263  SER A CA  1 
ATOM   205  C C   . SER A 1 49  ? -15.279 -9.497  -11.327 1.00 13.35  ? 263  SER A C   1 
ATOM   206  O O   . SER A 1 49  ? -16.076 -9.201  -12.200 1.00 14.17  ? 263  SER A O   1 
ATOM   207  C CB  . SER A 1 49  ? -13.071 -8.697  -12.218 1.00 13.23  ? 263  SER A CB  1 
ATOM   208  O OG  . SER A 1 49  ? -11.686 -8.972  -12.409 1.00 14.24  ? 263  SER A OG  1 
ATOM   209  N N   . ALA A 1 50  ? -15.616 -9.452  -10.030 1.00 12.44  ? 264  ALA A N   1 
ATOM   210  C CA  . ALA A 1 50  ? -16.891 -8.890  -9.667  1.00 11.43  ? 264  ALA A CA  1 
ATOM   211  C C   . ALA A 1 50  ? -17.147 -7.450  -10.235 1.00 10.52  ? 264  ALA A C   1 
ATOM   212  O O   . ALA A 1 50  ? -18.245 -7.157  -10.676 1.00 10.78  ? 264  ALA A O   1 
ATOM   213  C CB  . ALA A 1 50  ? -17.086 -8.893  -8.092  1.00 12.30  ? 264  ALA A CB  1 
ATOM   214  N N   . MET A 1 51  ? -16.113 -6.624  -10.277 1.00 10.51  ? 265  MET A N   1 
ATOM   215  C CA  . MET A 1 51  ? -16.217 -5.259  -10.837 1.00 9.04   ? 265  MET A CA  1 
ATOM   216  C C   . MET A 1 51  ? -14.958 -4.905  -11.599 1.00 10.83  ? 265  MET A C   1 
ATOM   217  O O   . MET A 1 51  ? -13.835 -5.304  -11.236 1.00 9.33   ? 265  MET A O   1 
ATOM   218  C CB  . MET A 1 51  ? -16.440 -4.215  -9.730  1.00 9.81   ? 265  MET A CB  1 
ATOM   219  C CG  . MET A 1 51  ? -16.702 -2.832  -10.263 1.00 10.14  ? 265  MET A CG  1 
ATOM   220  S SD  . MET A 1 51  ? -17.256 -1.800  -8.855  1.00 12.77  ? 265  MET A SD  1 
ATOM   221  C CE  . MET A 1 51  ? -17.362 -0.239  -9.770  1.00 13.64  ? 265  MET A CE  1 
ATOM   222  N N   . GLN A 1 52  ? -15.161 -4.159  -12.686 1.00 11.29  ? 266  GLN A N   1 
ATOM   223  C CA  . GLN A 1 52  ? -14.051 -3.578  -13.417 1.00 12.40  ? 266  GLN A CA  1 
ATOM   224  C C   . GLN A 1 52  ? -14.305 -2.126  -13.696 1.00 12.41  ? 266  GLN A C   1 
ATOM   225  O O   . GLN A 1 52  ? -15.455 -1.718  -13.948 1.00 12.63  ? 266  GLN A O   1 
ATOM   226  C CB  . GLN A 1 52  ? -13.814 -4.271  -14.762 1.00 14.05  ? 266  GLN A CB  1 
ATOM   227  C CG  . GLN A 1 52  ? -13.752 -5.742  -14.734 1.00 16.68  ? 266  GLN A CG  1 
ATOM   228  C CD  . GLN A 1 52  ? -13.575 -6.301  -16.133 1.00 26.41  ? 266  GLN A CD  1 
ATOM   229  O OE1 . GLN A 1 52  ? -14.539 -6.422  -16.896 1.00 30.50  ? 266  GLN A OE1 1 
ATOM   230  N NE2 . GLN A 1 52  ? -12.344 -6.631  -16.474 1.00 28.06  ? 266  GLN A NE2 1 
ATOM   231  N N   . ILE A 1 53  ? -13.224 -1.343  -13.707 1.00 10.93  ? 267  ILE A N   1 
ATOM   232  C CA  . ILE A 1 53  ? -13.255 0.115   -14.085 1.00 11.94  ? 267  ILE A CA  1 
ATOM   233  C C   . ILE A 1 53  ? -12.122 0.383   -15.073 1.00 11.98  ? 267  ILE A C   1 
ATOM   234  O O   . ILE A 1 53  ? -11.002 -0.074  -14.821 1.00 12.87  ? 267  ILE A O   1 
ATOM   235  C CB  . ILE A 1 53  ? -13.035 1.046   -12.848 1.00 11.76  ? 267  ILE A CB  1 
ATOM   236  C CG1 . ILE A 1 53  ? -14.021 0.724   -11.739 1.00 12.46  ? 267  ILE A CG1 1 
ATOM   237  C CG2 . ILE A 1 53  ? -13.121 2.530   -13.250 1.00 14.05  ? 267  ILE A CG2 1 
ATOM   238  C CD1 . ILE A 1 53  ? -13.683 1.472   -10.398 1.00 10.62  ? 267  ILE A CD1 1 
ATOM   239  N N   . ARG A 1 54  ? -12.400 1.181   -16.130 1.00 11.69  ? 268  ARG A N   1 
ATOM   240  C CA  . ARG A 1 54  ? -11.373 1.631   -17.083 1.00 12.26  ? 268  ARG A CA  1 
ATOM   241  C C   . ARG A 1 54  ? -11.584 3.098   -17.366 1.00 11.41  ? 268  ARG A C   1 
ATOM   242  O O   . ARG A 1 54  ? -12.726 3.530   -17.587 1.00 11.67  ? 268  ARG A O   1 
ATOM   243  C CB  . ARG A 1 54  ? -11.493 0.828   -18.397 1.00 14.83  ? 268  ARG A CB  1 
ATOM   244  C CG  . ARG A 1 54  ? -10.365 1.094   -19.345 1.00 16.00  ? 268  ARG A CG  1 
ATOM   245  C CD  . ARG A 1 54  ? -10.473 0.275   -20.651 1.00 22.17  ? 268  ARG A CD  1 
ATOM   246  N NE  . ARG A 1 54  ? -9.197  0.324   -21.341 1.00 25.04  ? 268  ARG A NE  1 
ATOM   247  C CZ  . ARG A 1 54  ? -8.274  -0.631  -21.384 1.00 24.25  ? 268  ARG A CZ  1 
ATOM   248  N NH1 . ARG A 1 54  ? -8.450  -1.810  -20.760 1.00 23.74  ? 268  ARG A NH1 1 
ATOM   249  N NH2 . ARG A 1 54  ? -7.155  -0.411  -22.092 1.00 22.77  ? 268  ARG A NH2 1 
ATOM   250  N N   . GLY A 1 55  ? -10.499 3.882   -17.354 1.00 11.15  ? 269  GLY A N   1 
ATOM   251  C CA  . GLY A 1 55  ? -10.602 5.307   -17.713 1.00 11.90  ? 269  GLY A CA  1 
ATOM   252  C C   . GLY A 1 55  ? -9.341  5.812   -18.364 1.00 12.20  ? 269  GLY A C   1 
ATOM   253  O O   . GLY A 1 55  ? -8.303  5.084   -18.435 1.00 13.04  ? 269  GLY A O   1 
ATOM   254  N N   . VAL A 1 56  ? -9.428  7.066   -18.820 1.00 13.44  ? 270  VAL A N   1 
ATOM   255  C CA  . VAL A 1 56  ? -8.343  7.615   -19.623 1.00 13.87  ? 270  VAL A CA  1 
ATOM   256  C C   . VAL A 1 56  ? -7.924  9.018   -19.120 1.00 13.91  ? 270  VAL A C   1 
ATOM   257  O O   . VAL A 1 56  ? -7.651  9.964   -19.925 1.00 13.75  ? 270  VAL A O   1 
ATOM   258  C CB  . VAL A 1 56  ? -8.686  7.668   -21.146 1.00 14.96  ? 270  VAL A CB  1 
ATOM   259  C CG1 . VAL A 1 56  ? -8.842  6.240   -21.727 1.00 14.41  ? 270  VAL A CG1 1 
ATOM   260  C CG2 . VAL A 1 56  ? -9.943  8.498   -21.415 1.00 15.91  ? 270  VAL A CG2 1 
ATOM   261  N N   . GLU A 1 57  ? -7.750  9.130   -17.831 1.00 12.78  ? 271  GLU A N   1 
ATOM   262  C CA  . GLU A 1 57  ? -7.527  10.468  -17.233 1.00 12.31  ? 271  GLU A CA  1 
ATOM   263  C C   . GLU A 1 57  ? -6.152  11.068  -17.602 1.00 13.19  ? 271  GLU A C   1 
ATOM   264  O O   . GLU A 1 57  ? -5.125  10.401  -17.573 1.00 12.82  ? 271  GLU A O   1 
ATOM   265  C CB  . GLU A 1 57  ? -7.680  10.397  -15.698 1.00 12.91  ? 271  GLU A CB  1 
ATOM   266  C CG  . GLU A 1 57  ? -9.050  9.974   -15.169 1.00 15.88  ? 271  GLU A CG  1 
ATOM   267  C CD  . GLU A 1 57  ? -9.383  8.461   -15.318 1.00 16.55  ? 271  GLU A CD  1 
ATOM   268  O OE1 . GLU A 1 57  ? -8.493  7.635   -15.544 1.00 19.77  ? 271  GLU A OE1 1 
ATOM   269  O OE2 . GLU A 1 57  ? -10.569 8.107   -15.198 1.00 18.44  ? 271  GLU A OE2 1 
ATOM   270  N N   . LYS A 1 58  ? -6.116  12.369  -17.842 1.00 11.62  ? 272  LYS A N   1 
ATOM   271  C CA  . LYS A 1 58  ? -4.854  13.031  -18.007 1.00 12.26  ? 272  LYS A CA  1 
ATOM   272  C C   . LYS A 1 58  ? -4.180  13.272  -16.653 1.00 11.33  ? 272  LYS A C   1 
ATOM   273  O O   . LYS A 1 58  ? -3.053  13.159  -16.524 1.00 13.34  ? 272  LYS A O   1 
ATOM   274  C CB  . LYS A 1 58  ? -5.049  14.394  -18.679 1.00 12.06  ? 272  LYS A CB  1 
ATOM   275  C CG  . LYS A 1 58  ? -3.772  15.196  -18.845 1.00 14.83  ? 272  LYS A CG  1 
ATOM   276  C CD  . LYS A 1 58  ? -3.983  16.493  -19.597 1.00 17.05  ? 272  LYS A CD  1 
ATOM   277  C CE  . LYS A 1 58  ? -2.716  17.349  -19.785 1.00 18.76  ? 272  LYS A CE  1 
ATOM   278  N NZ  . LYS A 1 58  ? -1.453  16.630  -19.962 1.00 23.50  ? 272  LYS A NZ  1 
ATOM   279  N N   . ALA A 1 59  ? -4.929  13.713  -15.664 1.00 13.69  ? 273  ALA A N   1 
ATOM   280  C CA  . ALA A 1 59  ? -4.286  14.167  -14.474 1.00 12.49  ? 273  ALA A CA  1 
ATOM   281  C C   . ALA A 1 59  ? -5.002  13.837  -13.156 1.00 13.52  ? 273  ALA A C   1 
ATOM   282  O O   . ALA A 1 59  ? -4.797  14.479  -12.194 1.00 15.54  ? 273  ALA A O   1 
ATOM   283  C CB  . ALA A 1 59  ? -4.059  15.641  -14.562 1.00 15.05  ? 273  ALA A CB  1 
ATOM   284  N N   . LEU A 1 60  ? -5.805  12.801  -13.157 1.00 11.68  ? 274  LEU A N   1 
ATOM   285  C CA  . LEU A 1 60  ? -6.661  12.406  -12.004 1.00 12.23  ? 274  LEU A CA  1 
ATOM   286  C C   . LEU A 1 60  ? -6.613  10.869  -11.843 1.00 11.87  ? 274  LEU A C   1 
ATOM   287  O O   . LEU A 1 60  ? -6.071  10.157  -12.706 1.00 11.80  ? 274  LEU A O   1 
ATOM   288  C CB  . LEU A 1 60  ? -8.111  12.845  -12.249 1.00 12.66  ? 274  LEU A CB  1 
ATOM   289  C CG  . LEU A 1 60  ? -8.370  14.351  -12.293 1.00 13.71  ? 274  LEU A CG  1 
ATOM   290  C CD1 . LEU A 1 60  ? -9.776  14.631  -12.813 1.00 15.04  ? 274  LEU A CD1 1 
ATOM   291  C CD2 . LEU A 1 60  ? -8.182  14.983  -10.913 1.00 15.69  ? 274  LEU A CD2 1 
ATOM   292  N N   . GLY A 1 61  ? -7.218  10.367  -10.780 1.00 12.33  ? 275  GLY A N   1 
ATOM   293  C CA  . GLY A 1 61  ? -7.375  8.929   -10.583 1.00 11.60  ? 275  GLY A CA  1 
ATOM   294  C C   . GLY A 1 61  ? -8.547  8.353   -11.384 1.00 12.41  ? 275  GLY A C   1 
ATOM   295  O O   . GLY A 1 61  ? -9.667  8.939   -11.443 1.00 12.44  ? 275  GLY A O   1 
ATOM   296  N N   . THR A 1 62  ? -8.346  7.163   -11.964 1.00 10.16  ? 276  THR A N   1 
ATOM   297  C CA  . THR A 1 62  ? -9.434  6.424   -12.567 1.00 11.21  ? 276  THR A CA  1 
ATOM   298  C C   . THR A 1 62  ? -10.587 6.178   -11.575 1.00 9.47   ? 276  THR A C   1 
ATOM   299  O O   . THR A 1 62  ? -11.767 6.314   -11.922 1.00 9.66   ? 276  THR A O   1 
ATOM   300  C CB  . THR A 1 62  ? -8.905  5.157   -13.150 1.00 12.33  ? 276  THR A CB  1 
ATOM   301  O OG1 . THR A 1 62  ? -7.913  5.516   -14.125 1.00 14.65  ? 276  THR A OG1 1 
ATOM   302  C CG2 . THR A 1 62  ? -10.005 4.324   -13.841 1.00 13.67  ? 276  THR A CG2 1 
ATOM   303  N N   . LEU A 1 63  ? -10.187 5.786   -10.373 1.00 10.50  ? 277  LEU A N   1 
ATOM   304  C CA  . LEU A 1 63  ? -11.087 5.726   -9.199  1.00 8.65   ? 277  LEU A CA  1 
ATOM   305  C C   . LEU A 1 63  ? -10.559 6.696   -8.160  1.00 8.93   ? 277  LEU A C   1 
ATOM   306  O O   . LEU A 1 63  ? -9.375  6.568   -7.801  1.00 9.37   ? 277  LEU A O   1 
ATOM   307  C CB  . LEU A 1 63  ? -11.204 4.283   -8.627  1.00 10.85  ? 277  LEU A CB  1 
ATOM   308  C CG  . LEU A 1 63  ? -12.034 4.140   -7.320  1.00 9.22   ? 277  LEU A CG  1 
ATOM   309  C CD1 . LEU A 1 63  ? -13.484 4.621   -7.524  1.00 10.88  ? 277  LEU A CD1 1 
ATOM   310  C CD2 . LEU A 1 63  ? -12.051 2.678   -6.704  1.00 10.34  ? 277  LEU A CD2 1 
ATOM   311  N N   . LYS A 1 64  ? -11.406 7.621   -7.672  1.00 9.69   ? 278  LYS A N   1 
ATOM   312  C CA  . LYS A 1 64  ? -11.030 8.518   -6.557  1.00 10.50  ? 278  LYS A CA  1 
ATOM   313  C C   . LYS A 1 64  ? -11.913 8.168   -5.358  1.00 11.73  ? 278  LYS A C   1 
ATOM   314  O O   . LYS A 1 64  ? -13.157 8.085   -5.515  1.00 12.29  ? 278  LYS A O   1 
ATOM   315  C CB  . LYS A 1 64  ? -11.263 9.985   -6.996  1.00 12.52  ? 278  LYS A CB  1 
ATOM   316  C CG  . LYS A 1 64  ? -11.015 11.066  -5.930  1.00 16.41  ? 278  LYS A CG  1 
ATOM   317  C CD  . LYS A 1 64  ? -9.574  11.207  -5.647  1.00 21.42  ? 278  LYS A CD  1 
ATOM   318  C CE  . LYS A 1 64  ? -9.260  12.272  -4.589  1.00 24.06  ? 278  LYS A CE  1 
ATOM   319  N NZ  . LYS A 1 64  ? -9.935  13.576  -4.652  1.00 23.55  ? 278  LYS A NZ  1 
ATOM   320  N N   . ILE A 1 65  ? -11.290 7.913   -4.196  1.00 10.42  ? 279  ILE A N   1 
ATOM   321  C CA  . ILE A 1 65  ? -12.030 7.682   -2.930  1.00 11.16  ? 279  ILE A CA  1 
ATOM   322  C C   . ILE A 1 65  ? -11.661 8.770   -1.926  1.00 11.10  ? 279  ILE A C   1 
ATOM   323  O O   . ILE A 1 65  ? -10.461 9.050   -1.745  1.00 12.01  ? 279  ILE A O   1 
ATOM   324  C CB  . ILE A 1 65  ? -11.656 6.319   -2.306  1.00 9.98   ? 279  ILE A CB  1 
ATOM   325  C CG1 . ILE A 1 65  ? -11.675 5.182   -3.360  1.00 11.96  ? 279  ILE A CG1 1 
ATOM   326  C CG2 . ILE A 1 65  ? -12.522 6.100   -1.018  1.00 13.42  ? 279  ILE A CG2 1 
ATOM   327  C CD1 . ILE A 1 65  ? -11.213 3.759   -2.823  1.00 13.22  ? 279  ILE A CD1 1 
ATOM   328  N N   . THR A 1 66  ? -12.671 9.406   -1.314  1.00 11.10  ? 280  THR A N   1 
ATOM   329  C CA  . THR A 1 66  ? -12.449 10.425  -0.268  1.00 11.84  ? 280  THR A CA  1 
ATOM   330  C C   . THR A 1 66  ? -13.183 10.024  1.036   1.00 11.85  ? 280  THR A C   1 
ATOM   331  O O   . THR A 1 66  ? -14.405 9.751   1.012   1.00 12.64  ? 280  THR A O   1 
ATOM   332  C CB  . THR A 1 66  ? -12.981 11.816  -0.709  1.00 11.64  ? 280  THR A CB  1 
ATOM   333  O OG1 . THR A 1 66  ? -12.290 12.268  -1.904  1.00 14.96  ? 280  THR A OG1 1 
ATOM   334  C CG2 . THR A 1 66  ? -12.734 12.821  0.391   1.00 11.99  ? 280  THR A CG2 1 
ATOM   335  N N   . HIS A 1 67  ? -12.437 9.891   2.139   1.00 11.78  ? 281  HIS A N   1 
ATOM   336  C CA  . HIS A 1 67  ? -13.047 9.683   3.459   1.00 12.28  ? 281  HIS A CA  1 
ATOM   337  C C   . HIS A 1 67  ? -13.071 11.064  4.127   1.00 12.82  ? 281  HIS A C   1 
ATOM   338  O O   . HIS A 1 67  ? -12.025 11.740  4.144   1.00 12.44  ? 281  HIS A O   1 
ATOM   339  C CB  . HIS A 1 67  ? -12.296 8.660   4.344   1.00 13.49  ? 281  HIS A CB  1 
ATOM   340  C CG  . HIS A 1 67  ? -12.866 8.604   5.730   1.00 13.19  ? 281  HIS A CG  1 
ATOM   341  N ND1 . HIS A 1 67  ? -12.498 9.502   6.712   1.00 14.61  ? 281  HIS A ND1 1 
ATOM   342  C CD2 . HIS A 1 67  ? -13.902 7.885   6.231   1.00 14.91  ? 281  HIS A CD2 1 
ATOM   343  C CE1 . HIS A 1 67  ? -13.229 9.275   7.794   1.00 16.50  ? 281  HIS A CE1 1 
ATOM   344  N NE2 . HIS A 1 67  ? -14.095 8.312   7.525   1.00 13.66  ? 281  HIS A NE2 1 
ATOM   345  N N   . GLU A 1 68  ? -14.231 11.452  4.681   1.00 11.76  ? 282  GLU A N   1 
ATOM   346  C CA  . GLU A 1 68  ? -14.358 12.737  5.430   1.00 12.48  ? 282  GLU A CA  1 
ATOM   347  C C   . GLU A 1 68  ? -14.750 12.400  6.846   1.00 11.82  ? 282  GLU A C   1 
ATOM   348  O O   . GLU A 1 68  ? -15.661 11.639  7.031   1.00 12.88  ? 282  GLU A O   1 
ATOM   349  C CB  . GLU A 1 68  ? -15.430 13.651  4.758   1.00 12.85  ? 282  GLU A CB  1 
ATOM   350  C CG  . GLU A 1 68  ? -15.774 14.876  5.630   1.00 14.96  ? 282  GLU A CG  1 
ATOM   351  C CD  . GLU A 1 68  ? -16.748 15.817  4.938   1.00 20.68  ? 282  GLU A CD  1 
ATOM   352  O OE1 . GLU A 1 68  ? -16.929 15.690  3.697   1.00 22.87  ? 282  GLU A OE1 1 
ATOM   353  O OE2 . GLU A 1 68  ? -17.315 16.698  5.631   1.00 22.43  ? 282  GLU A OE2 1 
ATOM   354  N N   . ASN A 1 69  ? -14.099 13.007  7.845   1.00 13.65  ? 283  ASN A N   1 
ATOM   355  C CA  . ASN A 1 69  ? -14.476 12.762  9.256   1.00 12.29  ? 283  ASN A CA  1 
ATOM   356  C C   . ASN A 1 69  ? -15.918 13.221  9.477   1.00 13.14  ? 283  ASN A C   1 
ATOM   357  O O   . ASN A 1 69  ? -16.208 14.374  9.120   1.00 13.00  ? 283  ASN A O   1 
ATOM   358  C CB  . ASN A 1 69  ? -13.537 13.576  10.143  1.00 12.57  ? 283  ASN A CB  1 
ATOM   359  C CG  . ASN A 1 69  ? -13.648 13.245  11.633  1.00 12.42  ? 283  ASN A CG  1 
ATOM   360  O OD1 . ASN A 1 69  ? -14.559 12.530  12.093  1.00 12.01  ? 283  ASN A OD1 1 
ATOM   361  N ND2 . ASN A 1 69  ? -12.649 13.718  12.413  1.00 12.13  ? 283  ASN A ND2 1 
ATOM   362  N N   . PRO A 1 70  ? -16.804 12.350  10.035  1.00 12.49  ? 284  PRO A N   1 
ATOM   363  C CA  . PRO A 1 70  ? -18.221 12.775  10.297  1.00 12.89  ? 284  PRO A CA  1 
ATOM   364  C C   . PRO A 1 70  ? -18.310 13.843  11.437  1.00 14.91  ? 284  PRO A C   1 
ATOM   365  O O   . PRO A 1 70  ? -19.381 14.498  11.634  1.00 16.70  ? 284  PRO A O   1 
ATOM   366  C CB  . PRO A 1 70  ? -18.921 11.453  10.735  1.00 14.23  ? 284  PRO A CB  1 
ATOM   367  C CG  . PRO A 1 70  ? -17.814 10.524  11.180  1.00 15.31  ? 284  PRO A CG  1 
ATOM   368  C CD  . PRO A 1 70  ? -16.605 10.895  10.297  1.00 11.77  ? 284  PRO A CD  1 
ATOM   369  N N   . SER A 1 71  ? -17.209 13.976  12.182  1.00 15.43  ? 285  SER A N   1 
ATOM   370  C CA  . SER A 1 71  ? -17.204 14.729  13.458  1.00 14.42  ? 285  SER A CA  1 
ATOM   371  C C   . SER A 1 71  ? -16.171 15.839  13.459  1.00 15.69  ? 285  SER A C   1 
ATOM   372  O O   . SER A 1 71  ? -15.158 15.763  12.807  1.00 16.52  ? 285  SER A O   1 
ATOM   373  C CB  . SER A 1 71  ? -16.869 13.775  14.616  1.00 15.09  ? 285  SER A CB  1 
ATOM   374  O OG  . SER A 1 71  ? -16.840 14.429  15.919  1.00 14.94  ? 285  SER A OG  1 
ATOM   375  N N   . VAL A 1 72  ? -16.412 16.877  14.248  1.00 15.98  ? 286  VAL A N   1 
ATOM   376  C CA  . VAL A 1 72  ? -15.406 17.909  14.449  1.00 17.49  ? 286  VAL A CA  1 
ATOM   377  C C   . VAL A 1 72  ? -14.163 17.406  15.200  1.00 15.19  ? 286  VAL A C   1 
ATOM   378  O O   . VAL A 1 72  ? -13.097 17.974  15.059  1.00 15.32  ? 286  VAL A O   1 
ATOM   379  C CB  . VAL A 1 72  ? -16.016 19.098  15.225  1.00 17.30  ? 286  VAL A CB  1 
ATOM   380  C CG1 . VAL A 1 72  ? -17.186 19.644  14.478  1.00 21.85  ? 286  VAL A CG1 1 
ATOM   381  C CG2 . VAL A 1 72  ? -16.469 18.690  16.615  1.00 21.80  ? 286  VAL A CG2 1 
ATOM   382  N N   . ASP A 1 73  ? -14.332 16.353  16.012  1.00 14.79  ? 287  ASP A N   1 
ATOM   383  C CA  . ASP A 1 73  ? -13.321 15.774  16.907  1.00 13.93  ? 287  ASP A CA  1 
ATOM   384  C C   . ASP A 1 73  ? -12.284 14.968  16.070  1.00 14.74  ? 287  ASP A C   1 
ATOM   385  O O   . ASP A 1 73  ? -12.640 14.032  15.350  1.00 14.87  ? 287  ASP A O   1 
ATOM   386  C CB  . ASP A 1 73  ? -14.107 14.839  17.862  1.00 14.34  ? 287  ASP A CB  1 
ATOM   387  C CG  . ASP A 1 73  ? -13.232 13.985  18.768  1.00 18.40  ? 287  ASP A CG  1 
ATOM   388  O OD1 . ASP A 1 73  ? -11.997 13.877  18.582  1.00 20.12  ? 287  ASP A OD1 1 
ATOM   389  O OD2 . ASP A 1 73  ? -13.860 13.425  19.729  1.00 25.94  ? 287  ASP A OD2 1 
ATOM   390  N N   . LYS A 1 74  ? -11.025 15.385  16.189  1.00 15.08  ? 288  LYS A N   1 
ATOM   391  C CA  . LYS A 1 74  ? -9.935  14.955  15.308  1.00 15.67  ? 288  LYS A CA  1 
ATOM   392  C C   . LYS A 1 74  ? -9.526  13.494  15.540  1.00 15.74  ? 288  LYS A C   1 
ATOM   393  O O   . LYS A 1 74  ? -8.766  12.953  14.748  1.00 15.96  ? 288  LYS A O   1 
ATOM   394  C CB  . LYS A 1 74  ? -8.737  15.892  15.444  1.00 16.95  ? 288  LYS A CB  1 
ATOM   395  C CG  . LYS A 1 74  ? -8.075  15.888  16.876  1.00 18.82  ? 288  LYS A CG  1 
ATOM   396  C CD  . LYS A 1 74  ? -6.816  16.777  16.969  1.00 26.34  ? 288  LYS A CD  1 
ATOM   397  C CE  . LYS A 1 74  ? -7.071  18.148  16.454  1.00 32.63  ? 288  LYS A CE  1 
ATOM   398  N NZ  . LYS A 1 74  ? -5.938  19.122  16.764  1.00 37.13  ? 288  LYS A NZ  1 
ATOM   399  N N   . GLU A 1 75  ? -10.045 12.870  16.588  1.00 16.06  ? 289  GLU A N   1 
ATOM   400  C CA  . GLU A 1 75  ? -9.760  11.441  16.879  1.00 17.78  ? 289  GLU A CA  1 
ATOM   401  C C   . GLU A 1 75  ? -10.964 10.550  16.641  1.00 15.66  ? 289  GLU A C   1 
ATOM   402  O O   . GLU A 1 75  ? -10.897 9.332   16.866  1.00 16.90  ? 289  GLU A O   1 
ATOM   403  C CB  . GLU A 1 75  ? -9.285  11.252  18.353  1.00 19.31  ? 289  GLU A CB  1 
ATOM   404  C CG  . GLU A 1 75  ? -7.968  11.939  18.675  1.00 26.31  ? 289  GLU A CG  1 
ATOM   405  C CD  . GLU A 1 75  ? -6.778  11.387  17.905  1.00 34.38  ? 289  GLU A CD  1 
ATOM   406  O OE1 . GLU A 1 75  ? -6.640  10.137  17.782  1.00 36.47  ? 289  GLU A OE1 1 
ATOM   407  O OE2 . GLU A 1 75  ? -5.964  12.230  17.458  1.00 37.30  ? 289  GLU A OE2 1 
ATOM   408  N N   . TYR A 1 76  ? -12.088 11.132  16.206  1.00 15.44  ? 290  TYR A N   1 
ATOM   409  C CA  . TYR A 1 76  ? -13.388 10.411  16.161  1.00 14.32  ? 290  TYR A CA  1 
ATOM   410  C C   . TYR A 1 76  ? -13.364 9.200   15.214  1.00 15.36  ? 290  TYR A C   1 
ATOM   411  O O   . TYR A 1 76  ? -14.057 8.190   15.435  1.00 15.93  ? 290  TYR A O   1 
ATOM   412  C CB  . TYR A 1 76  ? -14.520 11.352  15.773  1.00 14.41  ? 290  TYR A CB  1 
ATOM   413  C CG  . TYR A 1 76  ? -15.927 10.820  15.867  1.00 13.13  ? 290  TYR A CG  1 
ATOM   414  C CD1 . TYR A 1 76  ? -16.639 10.913  17.081  1.00 15.12  ? 290  TYR A CD1 1 
ATOM   415  C CD2 . TYR A 1 76  ? -16.582 10.243  14.750  1.00 13.74  ? 290  TYR A CD2 1 
ATOM   416  C CE1 . TYR A 1 76  ? -17.974 10.440  17.155  1.00 15.91  ? 290  TYR A CE1 1 
ATOM   417  C CE2 . TYR A 1 76  ? -17.897 9.789   14.835  1.00 16.98  ? 290  TYR A CE2 1 
ATOM   418  C CZ  . TYR A 1 76  ? -18.581 9.902   16.033  1.00 18.79  ? 290  TYR A CZ  1 
ATOM   419  O OH  . TYR A 1 76  ? -19.889 9.442   16.089  1.00 21.76  ? 290  TYR A OH  1 
ATOM   420  N N   . ASP A 1 77  ? -12.565 9.354   14.164  1.00 14.00  ? 291  ASP A N   1 
ATOM   421  C CA  . ASP A 1 77  ? -12.542 8.411   13.033  1.00 13.57  ? 291  ASP A CA  1 
ATOM   422  C C   . ASP A 1 77  ? -11.237 7.625   12.980  1.00 12.89  ? 291  ASP A C   1 
ATOM   423  O O   . ASP A 1 77  ? -10.820 7.161   11.914  1.00 13.00  ? 291  ASP A O   1 
ATOM   424  C CB  . ASP A 1 77  ? -12.784 9.192   11.705  1.00 13.52  ? 291  ASP A CB  1 
ATOM   425  C CG  . ASP A 1 77  ? -11.740 10.272  11.436  1.00 11.44  ? 291  ASP A CG  1 
ATOM   426  O OD1 . ASP A 1 77  ? -10.798 10.447  12.247  1.00 12.75  ? 291  ASP A OD1 1 
ATOM   427  O OD2 . ASP A 1 77  ? -11.826 10.883  10.350  1.00 12.52  ? 291  ASP A OD2 1 
ATOM   428  N N   . LYS A 1 78  ? -10.622 7.391   14.132  1.00 13.00  ? 292  LYS A N   1 
ATOM   429  C CA  . LYS A 1 78  ? -9.329  6.615   14.217  1.00 12.39  ? 292  LYS A CA  1 
ATOM   430  C C   . LYS A 1 78  ? -9.310  5.200   13.628  1.00 13.01  ? 292  LYS A C   1 
ATOM   431  O O   . LYS A 1 78  ? -8.215  4.723   13.228  1.00 12.76  ? 292  LYS A O   1 
ATOM   432  C CB  . LYS A 1 78  ? -8.756  6.629   15.639  1.00 12.91  ? 292  LYS A CB  1 
ATOM   433  C CG  . LYS A 1 78  ? -9.565  5.885   16.683  1.00 14.18  ? 292  LYS A CG  1 
ATOM   434  C CD  . LYS A 1 78  ? -9.033  6.258   18.056  1.00 16.22  ? 292  LYS A CD  1 
ATOM   435  C CE  . LYS A 1 78  ? -9.853  5.514   19.102  1.00 25.36  ? 292  LYS A CE  1 
ATOM   436  N NZ  . LYS A 1 78  ? -9.548  5.931   20.520  1.00 31.60  ? 292  LYS A NZ  1 
ATOM   437  N N   . ASN A 1 79  ? -10.492 4.579   13.550  1.00 13.52  ? 293  ASN A N   1 
ATOM   438  C CA  . ASN A 1 79  ? -10.603 3.231   13.021  1.00 14.06  ? 293  ASN A CA  1 
ATOM   439  C C   . ASN A 1 79  ? -11.164 3.195   11.607  1.00 13.56  ? 293  ASN A C   1 
ATOM   440  O O   . ASN A 1 79  ? -11.469 2.123   11.108  1.00 14.29  ? 293  ASN A O   1 
ATOM   441  C CB  . ASN A 1 79  ? -11.463 2.405   13.987  1.00 14.77  ? 293  ASN A CB  1 
ATOM   442  C CG  . ASN A 1 79  ? -10.689 2.057   15.254  1.00 19.00  ? 293  ASN A CG  1 
ATOM   443  O OD1 . ASN A 1 79  ? -11.110 2.432   16.360  1.00 24.69  ? 293  ASN A OD1 1 
ATOM   444  N ND2 . ASN A 1 79  ? -9.507  1.427   15.090  1.00 21.01  ? 293  ASN A ND2 1 
ATOM   445  N N   . ALA A 1 80  ? -11.340 4.369   10.990  1.00 10.94  ? 294  ALA A N   1 
ATOM   446  C CA  . ALA A 1 80  ? -11.893 4.429   9.630   1.00 11.37  ? 294  ALA A CA  1 
ATOM   447  C C   . ALA A 1 80  ? -10.740 4.364   8.623   1.00 9.80   ? 294  ALA A C   1 
ATOM   448  O O   . ALA A 1 80  ? -9.560  4.616   8.968   1.00 11.67  ? 294  ALA A O   1 
ATOM   449  C CB  . ALA A 1 80  ? -12.700 5.736   9.378   1.00 11.26  ? 294  ALA A CB  1 
ATOM   450  N N   . ALA A 1 81  ? -11.082 4.063   7.361   1.00 10.65  ? 295  ALA A N   1 
ATOM   451  C CA  . ALA A 1 81  ? -10.114 4.090   6.257   1.00 10.97  ? 295  ALA A CA  1 
ATOM   452  C C   . ALA A 1 81  ? -10.827 4.496   4.969   1.00 11.58  ? 295  ALA A C   1 
ATOM   453  O O   . ALA A 1 81  ? -12.039 4.368   4.881   1.00 12.44  ? 295  ALA A O   1 
ATOM   454  C CB  . ALA A 1 81  ? -9.465  2.708   6.032   1.00 11.17  ? 295  ALA A CB  1 
ATOM   455  N N   . ALA A 1 82  ? -10.086 4.961   3.967   1.00 11.19  ? 296  ALA A N   1 
ATOM   456  C CA  . ALA A 1 82  ? -10.681 5.161   2.631   1.00 9.95   ? 296  ALA A CA  1 
ATOM   457  C C   . ALA A 1 82  ? -10.965 3.829   1.945   1.00 9.46   ? 296  ALA A C   1 
ATOM   458  O O   . ALA A 1 82  ? -11.978 3.673   1.313   1.00 9.25   ? 296  ALA A O   1 
ATOM   459  C CB  . ALA A 1 82  ? -9.779  6.043   1.770   1.00 11.70  ? 296  ALA A CB  1 
ATOM   460  N N   . LEU A 1 83  ? -10.005 2.925   2.044   1.00 9.20   ? 297  LEU A N   1 
ATOM   461  C CA  . LEU A 1 83  ? -10.062 1.580   1.400   1.00 9.35   ? 297  LEU A CA  1 
ATOM   462  C C   . LEU A 1 83  ? -9.771  0.476   2.435   1.00 9.21   ? 297  LEU A C   1 
ATOM   463  O O   . LEU A 1 83  ? -8.727  0.483   3.066   1.00 11.02  ? 297  LEU A O   1 
ATOM   464  C CB  . LEU A 1 83  ? -9.090  1.500   0.200   1.00 10.45  ? 297  LEU A CB  1 
ATOM   465  C CG  . LEU A 1 83  ? -9.018  0.108   -0.504  1.00 9.21   ? 297  LEU A CG  1 
ATOM   466  C CD1 . LEU A 1 83  ? -10.350 -0.316  -1.087  1.00 12.10  ? 297  LEU A CD1 1 
ATOM   467  C CD2 . LEU A 1 83  ? -7.910  0.016   -1.575  1.00 12.27  ? 297  LEU A CD2 1 
ATOM   468  N N   . SER A 1 84  ? -10.708 -0.464  2.602   1.00 9.50   ? 298  SER A N   1 
ATOM   469  C CA  . SER A 1 84  ? -10.517 -1.612  3.505   1.00 10.79  ? 298  SER A CA  1 
ATOM   470  C C   . SER A 1 84  ? -10.654 -2.873  2.690   1.00 10.39  ? 298  SER A C   1 
ATOM   471  O O   . SER A 1 84  ? -11.598 -2.985  1.920   1.00 11.05  ? 298  SER A O   1 
ATOM   472  C CB  . SER A 1 84  ? -11.555 -1.511  4.622   1.00 10.79  ? 298  SER A CB  1 
ATOM   473  O OG  . SER A 1 84  ? -11.507 -2.613  5.557   1.00 14.56  ? 298  SER A OG  1 
ATOM   474  N N   . ILE A 1 85  ? -9.671  -3.775  2.839   1.00 12.14  ? 299  ILE A N   1 
ATOM   475  C CA  . ILE A 1 85  ? -9.617  -5.017  2.101   1.00 10.28  ? 299  ILE A CA  1 
ATOM   476  C C   . ILE A 1 85  ? -9.597  -6.216  3.057   1.00 11.22  ? 299  ILE A C   1 
ATOM   477  O O   . ILE A 1 85  ? -8.854  -6.172  4.012   1.00 12.11  ? 299  ILE A O   1 
ATOM   478  C CB  . ILE A 1 85  ? -8.367  -5.045  1.241   1.00 12.34  ? 299  ILE A CB  1 
ATOM   479  C CG1 . ILE A 1 85  ? -8.600  -4.196  -0.008  1.00 11.56  ? 299  ILE A CG1 1 
ATOM   480  C CG2 . ILE A 1 85  ? -7.991  -6.494  0.823   1.00 10.23  ? 299  ILE A CG2 1 
ATOM   481  C CD1 . ILE A 1 85  ? -7.304  -3.933  -0.836  1.00 14.73  ? 299  ILE A CD1 1 
ATOM   482  N N   . ASP A 1 86  ? -10.459 -7.213  2.836   1.00 12.68  ? 300  ASP A N   1 
ATOM   483  C CA  . ASP A 1 86  ? -10.359 -8.493  3.587   1.00 12.28  ? 300  ASP A CA  1 
ATOM   484  C C   . ASP A 1 86  ? -10.222 -9.707  2.620   1.00 12.59  ? 300  ASP A C   1 
ATOM   485  O O   . ASP A 1 86  ? -10.742 -9.701  1.509   1.00 12.45  ? 300  ASP A O   1 
ATOM   486  C CB  . ASP A 1 86  ? -11.529 -8.676  4.579   1.00 14.25  ? 300  ASP A CB  1 
ATOM   487  C CG  . ASP A 1 86  ? -11.278 -9.757  5.654   1.00 14.42  ? 300  ASP A CG  1 
ATOM   488  O OD1 . ASP A 1 86  ? -10.149 -10.206 5.864   1.00 13.23  ? 300  ASP A OD1 1 
ATOM   489  O OD2 . ASP A 1 86  ? -12.265 -10.047 6.369   1.00 20.56  ? 300  ASP A OD2 1 
ATOM   490  N N   . ILE A 1 87  ? -9.498  -10.726 3.062   1.00 11.82  ? 301  ILE A N   1 
ATOM   491  C CA  . ILE A 1 87  ? -9.094  -11.892 2.233   1.00 12.21  ? 301  ILE A CA  1 
ATOM   492  C C   . ILE A 1 87  ? -9.513  -13.111 3.039   1.00 12.38  ? 301  ILE A C   1 
ATOM   493  O O   . ILE A 1 87  ? -8.943  -13.397 4.090   1.00 13.53  ? 301  ILE A O   1 
ATOM   494  C CB  . ILE A 1 87  ? -7.537  -11.890 1.993   1.00 11.41  ? 301  ILE A CB  1 
ATOM   495  C CG1 . ILE A 1 87  ? -7.108  -10.498 1.395   1.00 13.38  ? 301  ILE A CG1 1 
ATOM   496  C CG2 . ILE A 1 87  ? -7.105  -13.120 1.129   1.00 14.73  ? 301  ILE A CG2 1 
ATOM   497  C CD1 . ILE A 1 87  ? -5.589  -10.241 1.530   1.00 13.96  ? 301  ILE A CD1 1 
ATOM   498  N N   . VAL A 1 88  ? -10.559 -13.785 2.590   1.00 11.78  ? 302  VAL A N   1 
ATOM   499  C CA  . VAL A 1 88  ? -11.163 -14.883 3.411   1.00 13.65  ? 302  VAL A CA  1 
ATOM   500  C C   . VAL A 1 88  ? -11.235 -16.265 2.754   1.00 13.47  ? 302  VAL A C   1 
ATOM   501  O O   . VAL A 1 88  ? -11.270 -16.393 1.525   1.00 14.03  ? 302  VAL A O   1 
ATOM   502  C CB  . VAL A 1 88  ? -12.555 -14.450 3.982   1.00 13.44  ? 302  VAL A CB  1 
ATOM   503  C CG1 . VAL A 1 88  ? -12.440 -13.202 4.845   1.00 15.03  ? 302  VAL A CG1 1 
ATOM   504  C CG2 . VAL A 1 88  ? -13.564 -14.276 2.860   1.00 13.83  ? 302  VAL A CG2 1 
ATOM   505  N N   . LYS A 1 89  ? -11.245 -17.307 3.588   1.00 13.01  ? 303  LYS A N   1 
ATOM   506  C CA  . LYS A 1 89  ? -11.438 -18.673 3.055   1.00 13.99  ? 303  LYS A CA  1 
ATOM   507  C C   . LYS A 1 89  ? -12.909 -18.933 2.720   1.00 15.27  ? 303  LYS A C   1 
ATOM   508  O O   . LYS A 1 89  ? -13.784 -18.146 3.030   1.00 14.68  ? 303  LYS A O   1 
ATOM   509  C CB  . LYS A 1 89  ? -10.980 -19.712 4.083   1.00 14.13  ? 303  LYS A CB  1 
ATOM   510  C CG  . LYS A 1 89  ? -11.846 -19.689 5.324   1.00 16.87  ? 303  LYS A CG  1 
ATOM   511  C CD  . LYS A 1 89  ? -11.222 -20.624 6.391   1.00 23.63  ? 303  LYS A CD  1 
ATOM   512  C CE  . LYS A 1 89  ? -11.689 -20.313 7.818   1.00 29.09  ? 303  LYS A CE  1 
ATOM   513  N NZ  . LYS A 1 89  ? -13.007 -20.881 8.180   1.00 32.54  ? 303  LYS A NZ  1 
ATOM   514  N N   . LYS A 1 90  ? -13.172 -20.036 2.032   1.00 14.38  ? 304  LYS A N   1 
ATOM   515  C CA  . LYS A 1 90  ? -14.542 -20.388 1.703   1.00 16.55  ? 304  LYS A CA  1 
ATOM   516  C C   . LYS A 1 90  ? -15.354 -20.489 3.005   1.00 18.92  ? 304  LYS A C   1 
ATOM   517  O O   . LYS A 1 90  ? -14.990 -21.192 3.861   1.00 19.92  ? 304  LYS A O   1 
ATOM   518  C CB  . LYS A 1 90  ? -14.584 -21.725 0.957   1.00 15.63  ? 304  LYS A CB  1 
ATOM   519  C CG  . LYS A 1 90  ? -15.973 -22.136 0.483   1.00 16.38  ? 304  LYS A CG  1 
ATOM   520  C CD  . LYS A 1 90  ? -15.986 -23.382 -0.348  1.00 20.50  ? 304  LYS A CD  1 
ATOM   521  C CE  . LYS A 1 90  ? -17.290 -23.632 -1.039  1.00 25.65  ? 304  LYS A CE  1 
ATOM   522  N NZ  . LYS A 1 90  ? -17.414 -25.078 -1.193  1.00 32.22  ? 304  LYS A NZ  1 
ATOM   523  N N   . GLN A 1 91  ? -16.448 -19.751 3.112   1.00 21.64  ? 305  GLN A N   1 
ATOM   524  C CA  . GLN A 1 91  ? -17.259 -19.731 4.326   1.00 24.63  ? 305  GLN A CA  1 
ATOM   525  C C   . GLN A 1 91  ? -17.625 -21.051 5.047   1.00 26.55  ? 305  GLN A C   1 
ATOM   526  O O   . GLN A 1 91  ? -17.500 -21.125 6.239   1.00 28.27  ? 305  GLN A O   1 
ATOM   527  C CB  . GLN A 1 91  ? -18.542 -19.029 4.044   1.00 24.78  ? 305  GLN A CB  1 
ATOM   528  N N   . LYS A 1 92  ? -18.118 -22.017 4.324   1.00 28.00  ? 306  LYS A N   1 
ATOM   529  C CA  . LYS A 1 92  ? -18.362 -23.343 4.869   1.00 29.52  ? 306  LYS A CA  1 
ATOM   530  C C   . LYS A 1 92  ? -17.404 -24.380 4.397   1.00 28.70  ? 306  LYS A C   1 
ATOM   531  O O   . LYS A 1 92  ? -17.353 -24.712 3.242   1.00 29.12  ? 306  LYS A O   1 
ATOM   532  C CB  . LYS A 1 92  ? -19.795 -23.822 4.684   1.00 30.35  ? 306  LYS A CB  1 
ATOM   533  C CG  . LYS A 1 92  ? -20.484 -23.419 3.418   1.00 32.89  ? 306  LYS A CG  1 
ATOM   534  C CD  . LYS A 1 92  ? -21.965 -23.717 3.590   1.00 38.22  ? 306  LYS A CD  1 
ATOM   535  C CE  . LYS A 1 92  ? -22.682 -22.458 3.750   1.00 40.44  ? 306  LYS A CE  1 
ATOM   536  N NZ  . LYS A 1 92  ? -22.588 -21.739 2.480   1.00 42.06  ? 306  LYS A NZ  1 
ATOM   537  N N   . GLY A 1 93  ? -16.624 -24.835 5.363   1.00 28.65  ? 307  GLY A N   1 
ATOM   538  C CA  . GLY A 1 93  ? -15.657 -25.919 5.172   1.00 26.82  ? 307  GLY A CA  1 
ATOM   539  C C   . GLY A 1 93  ? -14.279 -25.519 4.649   1.00 25.34  ? 307  GLY A C   1 
ATOM   540  O O   . GLY A 1 93  ? -13.413 -26.375 4.497   1.00 26.59  ? 307  GLY A O   1 
ATOM   541  N N   . GLY A 1 94  ? -14.066 -24.238 4.343   1.00 24.08  ? 308  GLY A N   1 
ATOM   542  C CA  . GLY A 1 94  ? -12.794 -23.823 3.710   1.00 21.37  ? 308  GLY A CA  1 
ATOM   543  C C   . GLY A 1 94  ? -11.549 -24.186 4.513   1.00 20.56  ? 308  GLY A C   1 
ATOM   544  O O   . GLY A 1 94  ? -11.540 -24.088 5.741   1.00 21.81  ? 308  GLY A O   1 
ATOM   545  N N   . LYS A 1 95  ? -10.492 -24.628 3.829   1.00 20.75  ? 309  LYS A N   1 
ATOM   546  C CA  . LYS A 1 95  ? -9.240  -25.009 4.477   1.00 19.72  ? 309  LYS A CA  1 
ATOM   547  C C   . LYS A 1 95  ? -8.281  -23.829 4.509   1.00 18.64  ? 309  LYS A C   1 
ATOM   548  O O   . LYS A 1 95  ? -7.323  -23.842 5.255   1.00 20.23  ? 309  LYS A O   1 
ATOM   549  C CB  . LYS A 1 95  ? -8.551  -26.195 3.771   1.00 19.61  ? 309  LYS A CB  1 
ATOM   550  C CG  . LYS A 1 95  ? -9.398  -27.449 3.679   1.00 21.05  ? 309  LYS A CG  1 
ATOM   551  C CD  . LYS A 1 95  ? -9.809  -27.854 5.052   1.00 23.08  ? 309  LYS A CD  1 
ATOM   552  C CE  . LYS A 1 95  ? -10.781 -29.031 4.956   1.00 25.03  ? 309  LYS A CE  1 
ATOM   553  N NZ  . LYS A 1 95  ? -11.025 -29.605 6.299   1.00 28.23  ? 309  LYS A NZ  1 
ATOM   554  N N   . GLY A 1 96  ? -8.517  -22.802 3.693   1.00 17.91  ? 310  GLY A N   1 
ATOM   555  C CA  . GLY A 1 96  ? -7.660  -21.608 3.826   1.00 16.83  ? 310  GLY A CA  1 
ATOM   556  C C   . GLY A 1 96  ? -7.735  -20.782 2.549   1.00 15.47  ? 310  GLY A C   1 
ATOM   557  O O   . GLY A 1 96  ? -8.632  -20.977 1.735   1.00 15.07  ? 310  GLY A O   1 
ATOM   558  N N   . THR A 1 97  ? -6.805  -19.833 2.389   1.00 14.98  ? 311  THR A N   1 
ATOM   559  C CA  . THR A 1 97  ? -6.694  -19.092 1.117   1.00 13.99  ? 311  THR A CA  1 
ATOM   560  C C   . THR A 1 97  ? -5.251  -18.671 0.823   1.00 11.85  ? 311  THR A C   1 
ATOM   561  O O   . THR A 1 97  ? -4.456  -18.491 1.751   1.00 11.62  ? 311  THR A O   1 
ATOM   562  C CB  . THR A 1 97  ? -7.621  -17.840 1.140   1.00 14.63  ? 311  THR A CB  1 
ATOM   563  O OG1 . THR A 1 97  ? -7.463  -17.065 -0.040  1.00 15.01  ? 311  THR A OG1 1 
ATOM   564  C CG2 . THR A 1 97  ? -7.351  -16.915 2.312   1.00 13.66  ? 311  THR A CG2 1 
ATOM   565  N N   . ALA A 1 98  ? -4.948  -18.481 -0.458  1.00 12.14  ? 312  ALA A N   1 
ATOM   566  C CA  . ALA A 1 98  ? -3.645  -18.033 -0.882  1.00 12.81  ? 312  ALA A CA  1 
ATOM   567  C C   . ALA A 1 98  ? -3.814  -16.720 -1.701  1.00 12.08  ? 312  ALA A C   1 
ATOM   568  O O   . ALA A 1 98  ? -2.869  -16.271 -2.371  1.00 13.48  ? 312  ALA A O   1 
ATOM   569  C CB  . ALA A 1 98  ? -2.971  -19.122 -1.740  1.00 13.39  ? 312  ALA A CB  1 
ATOM   570  N N   . ALA A 1 99  ? -5.014  -16.130 -1.681  1.00 11.01  ? 313  ALA A N   1 
ATOM   571  C CA  . ALA A 1 99  ? -5.254  -14.857 -2.426  1.00 12.02  ? 313  ALA A CA  1 
ATOM   572  C C   . ALA A 1 99  ? -4.420  -13.667 -1.912  1.00 11.57  ? 313  ALA A C   1 
ATOM   573  O O   . ALA A 1 99  ? -4.024  -13.610 -0.756  1.00 12.85  ? 313  ALA A O   1 
ATOM   574  C CB  . ALA A 1 99  ? -6.749  -14.510 -2.423  1.00 12.28  ? 313  ALA A CB  1 
ATOM   575  N N   . GLN A 1 100 ? -4.137  -12.726 -2.821  1.00 12.30  ? 314  GLN A N   1 
ATOM   576  C CA  . GLN A 1 100 ? -3.305  -11.557 -2.540  1.00 12.17  ? 314  GLN A CA  1 
ATOM   577  C C   . GLN A 1 100 ? -4.214  -10.356 -2.164  1.00 12.20  ? 314  GLN A C   1 
ATOM   578  O O   . GLN A 1 100 ? -5.417  -10.335 -2.508  1.00 11.85  ? 314  GLN A O   1 
ATOM   579  C CB  . GLN A 1 100 ? -2.457  -11.226 -3.775  1.00 11.05  ? 314  GLN A CB  1 
ATOM   580  C CG  . GLN A 1 100 ? -1.598  -12.477 -4.220  1.00 12.27  ? 314  GLN A CG  1 
ATOM   581  C CD  . GLN A 1 100 ? -1.130  -12.408 -5.634  1.00 17.60  ? 314  GLN A CD  1 
ATOM   582  O OE1 . GLN A 1 100 ? -1.924  -12.348 -6.598  1.00 19.70  ? 314  GLN A OE1 1 
ATOM   583  N NE2 . GLN A 1 100 ? 0.164   -12.510 -5.783  1.00 18.62  ? 314  GLN A NE2 1 
ATOM   584  N N   . GLY A 1 101 ? -3.652  -9.397  -1.431  1.00 11.52  ? 315  GLY A N   1 
ATOM   585  C CA  . GLY A 1 101 ? -4.431  -8.191  -1.078  1.00 12.42  ? 315  GLY A CA  1 
ATOM   586  C C   . GLY A 1 101 ? -4.535  -7.239  -2.274  1.00 9.83   ? 315  GLY A C   1 
ATOM   587  O O   . GLY A 1 101 ? -5.598  -7.123  -2.942  1.00 11.20  ? 315  GLY A O   1 
ATOM   588  N N   . ILE A 1 102 ? -3.463  -6.491  -2.504  1.00 11.00  ? 316  ILE A N   1 
ATOM   589  C CA  . ILE A 1 102 ? -3.379  -5.575  -3.665  1.00 9.91   ? 316  ILE A CA  1 
ATOM   590  C C   . ILE A 1 102 ? -2.298  -6.003  -4.638  1.00 9.89   ? 316  ILE A C   1 
ATOM   591  O O   . ILE A 1 102 ? -1.191  -6.271  -4.206  1.00 9.89   ? 316  ILE A O   1 
ATOM   592  C CB  . ILE A 1 102 ? -3.060  -4.134  -3.161  1.00 9.23   ? 316  ILE A CB  1 
ATOM   593  C CG1 . ILE A 1 102 ? -4.206  -3.572  -2.347  1.00 12.08  ? 316  ILE A CG1 1 
ATOM   594  C CG2 . ILE A 1 102 ? -2.747  -3.207  -4.357  1.00 10.78  ? 316  ILE A CG2 1 
ATOM   595  C CD1 . ILE A 1 102 ? -4.029  -2.034  -1.887  1.00 11.32  ? 316  ILE A CD1 1 
ATOM   596  N N   . TYR A 1 103 ? -2.650  -6.113  -5.933  1.00 10.11  ? 317  TYR A N   1 
ATOM   597  C CA  . TYR A 1 103 ? -1.723  -6.464  -7.033  1.00 10.98  ? 317  TYR A CA  1 
ATOM   598  C C   . TYR A 1 103 ? -1.696  -5.297  -8.013  1.00 10.12  ? 317  TYR A C   1 
ATOM   599  O O   . TYR A 1 103 ? -2.750  -4.883  -8.510  1.00 10.36  ? 317  TYR A O   1 
ATOM   600  C CB  . TYR A 1 103 ? -2.229  -7.752  -7.670  1.00 10.98  ? 317  TYR A CB  1 
ATOM   601  C CG  . TYR A 1 103 ? -1.499  -8.185  -8.918  1.00 13.29  ? 317  TYR A CG  1 
ATOM   602  C CD1 . TYR A 1 103 ? -0.588  -9.228  -8.861  1.00 17.78  ? 317  TYR A CD1 1 
ATOM   603  C CD2 . TYR A 1 103 ? -1.752  -7.581  -10.131 1.00 13.46  ? 317  TYR A CD2 1 
ATOM   604  C CE1 . TYR A 1 103 ? 0.081   -9.659  -10.008 1.00 17.64  ? 317  TYR A CE1 1 
ATOM   605  C CE2 . TYR A 1 103 ? -1.068  -7.999  -11.306 1.00 18.39  ? 317  TYR A CE2 1 
ATOM   606  C CZ  . TYR A 1 103 ? -0.166  -9.016  -11.219 1.00 18.09  ? 317  TYR A CZ  1 
ATOM   607  O OH  . TYR A 1 103 ? 0.479   -9.411  -12.394 1.00 22.31  ? 317  TYR A OH  1 
ATOM   608  N N   . ILE A 1 104 ? -0.502  -4.727  -8.234  1.00 10.44  ? 318  ILE A N   1 
ATOM   609  C CA  . ILE A 1 104 ? -0.299  -3.619  -9.162  1.00 11.16  ? 318  ILE A CA  1 
ATOM   610  C C   . ILE A 1 104 ? 0.636   -4.089  -10.253 1.00 11.21  ? 318  ILE A C   1 
ATOM   611  O O   . ILE A 1 104 ? 1.655   -4.749  -9.973  1.00 12.21  ? 318  ILE A O   1 
ATOM   612  C CB  . ILE A 1 104 ? 0.360   -2.424  -8.437  1.00 11.67  ? 318  ILE A CB  1 
ATOM   613  C CG1 . ILE A 1 104 ? -0.569  -1.873  -7.353  1.00 11.87  ? 318  ILE A CG1 1 
ATOM   614  C CG2 . ILE A 1 104 ? 0.738   -1.294  -9.453  1.00 13.43  ? 318  ILE A CG2 1 
ATOM   615  C CD1 . ILE A 1 104 ? 0.044   -0.799  -6.387  1.00 13.15  ? 318  ILE A CD1 1 
ATOM   616  N N   . ASN A 1 105 ? 0.289   -3.766  -11.504 1.00 11.38  ? 319  ASN A N   1 
ATOM   617  C CA  . ASN A 1 105 ? 1.225   -4.051  -12.621 1.00 12.04  ? 319  ASN A CA  1 
ATOM   618  C C   . ASN A 1 105 ? 1.112   -2.983  -13.705 1.00 12.86  ? 319  ASN A C   1 
ATOM   619  O O   . ASN A 1 105 ? 0.173   -2.158  -13.679 1.00 13.74  ? 319  ASN A O   1 
ATOM   620  C CB  . ASN A 1 105 ? 0.921   -5.454  -13.178 1.00 13.69  ? 319  ASN A CB  1 
ATOM   621  C CG  . ASN A 1 105 ? 1.943   -5.955  -14.207 1.00 12.65  ? 319  ASN A CG  1 
ATOM   622  O OD1 . ASN A 1 105 ? 3.109   -5.581  -14.228 1.00 15.04  ? 319  ASN A OD1 1 
ATOM   623  N ND2 . ASN A 1 105 ? 1.481   -6.841  -15.082 1.00 20.98  ? 319  ASN A ND2 1 
ATOM   624  N N   . SER A 1 106 ? 2.087   -2.978  -14.622 1.00 13.14  ? 320  SER A N   1 
ATOM   625  C CA  . SER A 1 106 ? 1.985   -2.200  -15.852 1.00 13.66  ? 320  SER A CA  1 
ATOM   626  C C   . SER A 1 106 ? 2.429   -3.129  -16.975 1.00 14.17  ? 320  SER A C   1 
ATOM   627  O O   . SER A 1 106 ? 3.616   -3.350  -17.174 1.00 14.46  ? 320  SER A O   1 
ATOM   628  C CB  . SER A 1 106 ? 2.864   -0.964  -15.820 1.00 14.68  ? 320  SER A CB  1 
ATOM   629  O OG  . SER A 1 106 ? 2.773   -0.250  -17.051 1.00 14.39  ? 320  SER A OG  1 
ATOM   630  N N   . THR A 1 107 ? 1.441   -3.668  -17.653 1.00 14.11  ? 321  THR A N   1 
ATOM   631  C CA  . THR A 1 107 ? 1.686   -4.521  -18.827 1.00 16.49  ? 321  THR A CA  1 
ATOM   632  C C   . THR A 1 107 ? 2.378   -3.704  -19.963 1.00 17.66  ? 321  THR A C   1 
ATOM   633  O O   . THR A 1 107 ? 3.143   -4.275  -20.733 1.00 20.06  ? 321  THR A O   1 
ATOM   634  C CB  . THR A 1 107 ? 0.383   -5.241  -19.328 1.00 16.22  ? 321  THR A CB  1 
ATOM   635  O OG1 . THR A 1 107 ? -0.647  -4.274  -19.491 1.00 20.08  ? 321  THR A OG1 1 
ATOM   636  C CG2 . THR A 1 107 ? -0.102  -6.271  -18.299 1.00 16.80  ? 321  THR A CG2 1 
ATOM   637  N N   . SER A 1 108 ? 2.189   -2.387  -20.029 1.00 18.86  ? 322  SER A N   1 
ATOM   638  C CA  . SER A 1 108 ? 2.928   -1.580  -21.046 1.00 20.28  ? 322  SER A CA  1 
ATOM   639  C C   . SER A 1 108 ? 4.314   -1.134  -20.578 1.00 19.59  ? 322  SER A C   1 
ATOM   640  O O   . SER A 1 108 ? 5.218   -0.885  -21.408 1.00 19.72  ? 322  SER A O   1 
ATOM   641  C CB  . SER A 1 108 ? 2.140   -0.310  -21.466 1.00 19.19  ? 322  SER A CB  1 
ATOM   642  O OG  . SER A 1 108 ? 0.791   -0.537  -21.642 1.00 24.76  ? 322  SER A OG  1 
ATOM   643  N N   . GLY A 1 109 ? 4.468   -1.020  -19.252 1.00 18.74  ? 323  GLY A N   1 
ATOM   644  C CA  . GLY A 1 109 ? 5.588   -0.349  -18.594 1.00 16.09  ? 323  GLY A CA  1 
ATOM   645  C C   . GLY A 1 109 ? 5.243   1.115   -18.383 1.00 17.28  ? 323  GLY A C   1 
ATOM   646  O O   . GLY A 1 109 ? 4.783   1.807   -19.323 1.00 18.36  ? 323  GLY A O   1 
ATOM   647  N N   . THR A 1 110 ? 5.395   1.574   -17.147 1.00 13.20  ? 324  THR A N   1 
ATOM   648  C CA  . THR A 1 110 ? 5.234   2.977   -16.810 1.00 12.98  ? 324  THR A CA  1 
ATOM   649  C C   . THR A 1 110 ? 6.547   3.520   -16.254 1.00 13.19  ? 324  THR A C   1 
ATOM   650  O O   . THR A 1 110 ? 7.326   2.811   -15.586 1.00 13.22  ? 324  THR A O   1 
ATOM   651  C CB  . THR A 1 110 ? 4.085   3.212   -15.790 1.00 13.14  ? 324  THR A CB  1 
ATOM   652  O OG1 . THR A 1 110 ? 3.911   4.622   -15.619 1.00 13.86  ? 324  THR A OG1 1 
ATOM   653  C CG2 . THR A 1 110 ? 4.364   2.497   -14.409 1.00 12.85  ? 324  THR A CG2 1 
ATOM   654  N N   . THR A 1 111 ? 6.757   4.813   -16.471 1.00 13.08  ? 325  THR A N   1 
ATOM   655  C CA  . THR A 1 111 ? 7.821   5.560   -15.810 1.00 14.56  ? 325  THR A CA  1 
ATOM   656  C C   . THR A 1 111 ? 7.339   6.320   -14.538 1.00 12.59  ? 325  THR A C   1 
ATOM   657  O O   . THR A 1 111 ? 8.159   6.938   -13.863 1.00 14.45  ? 325  THR A O   1 
ATOM   658  C CB  . THR A 1 111 ? 8.423   6.591   -16.800 1.00 12.70  ? 325  THR A CB  1 
ATOM   659  O OG1 . THR A 1 111 ? 7.424   7.577   -17.197 1.00 14.99  ? 325  THR A OG1 1 
ATOM   660  C CG2 . THR A 1 111 ? 9.066   5.910   -18.036 1.00 16.60  ? 325  THR A CG2 1 
ATOM   661  N N   . GLY A 1 112 ? 6.030   6.249   -14.221 1.00 12.26  ? 326  GLY A N   1 
ATOM   662  C CA  . GLY A 1 112 ? 5.480   6.830   -12.978 1.00 12.40  ? 326  GLY A CA  1 
ATOM   663  C C   . GLY A 1 112 ? 5.759   6.036   -11.705 1.00 13.05  ? 326  GLY A C   1 
ATOM   664  O O   . GLY A 1 112 ? 6.018   4.829   -11.743 1.00 12.71  ? 326  GLY A O   1 
ATOM   665  N N   . LYS A 1 113 ? 5.637   6.707   -10.553 1.00 12.56  ? 327  LYS A N   1 
ATOM   666  C CA  . LYS A 1 113 ? 5.703   5.982   -9.274  1.00 11.51  ? 327  LYS A CA  1 
ATOM   667  C C   . LYS A 1 113 ? 4.586   4.929   -9.228  1.00 11.96  ? 327  LYS A C   1 
ATOM   668  O O   . LYS A 1 113 ? 3.406   5.228   -9.495  1.00 12.29  ? 327  LYS A O   1 
ATOM   669  C CB  . LYS A 1 113 ? 5.615   6.972   -8.088  1.00 13.64  ? 327  LYS A CB  1 
ATOM   670  C CG  . LYS A 1 113 ? 6.920   7.813   -7.866  1.00 13.11  ? 327  LYS A CG  1 
ATOM   671  C CD  . LYS A 1 113 ? 6.637   9.009   -6.980  1.00 13.60  ? 327  LYS A CD  1 
ATOM   672  C CE  . LYS A 1 113 ? 7.935   9.842   -6.723  1.00 14.75  ? 327  LYS A CE  1 
ATOM   673  N NZ  . LYS A 1 113 ? 8.592   10.407  -7.907  1.00 20.15  ? 327  LYS A NZ  1 
ATOM   674  N N   . LEU A 1 114 ? 4.930   3.715   -8.825  1.00 11.03  ? 328  LEU A N   1 
ATOM   675  C CA  . LEU A 1 114 ? 3.923   2.637   -8.765  1.00 11.68  ? 328  LEU A CA  1 
ATOM   676  C C   . LEU A 1 114 ? 3.006   2.813   -7.532  1.00 10.69  ? 328  LEU A C   1 
ATOM   677  O O   . LEU A 1 114 ? 1.805   2.549   -7.607  1.00 12.87  ? 328  LEU A O   1 
ATOM   678  C CB  . LEU A 1 114 ? 4.595   1.263   -8.749  1.00 11.91  ? 328  LEU A CB  1 
ATOM   679  C CG  . LEU A 1 114 ? 5.449   1.051   -10.021 1.00 13.80  ? 328  LEU A CG  1 
ATOM   680  C CD1 . LEU A 1 114 ? 6.410   -0.156  -9.892  1.00 14.95  ? 328  LEU A CD1 1 
ATOM   681  C CD2 . LEU A 1 114 ? 4.609   0.931   -11.328 1.00 16.91  ? 328  LEU A CD2 1 
ATOM   682  N N   . LEU A 1 115 ? 3.600   3.234   -6.433  1.00 10.98  ? 329  LEU A N   1 
ATOM   683  C CA  . LEU A 1 115 ? 2.860   3.545   -5.215  1.00 9.85   ? 329  LEU A CA  1 
ATOM   684  C C   . LEU A 1 115 ? 3.399   4.869   -4.671  1.00 10.36  ? 329  LEU A C   1 
ATOM   685  O O   . LEU A 1 115 ? 4.609   5.028   -4.545  1.00 11.62  ? 329  LEU A O   1 
ATOM   686  C CB  . LEU A 1 115 ? 3.093   2.470   -4.156  1.00 8.92   ? 329  LEU A CB  1 
ATOM   687  C CG  . LEU A 1 115 ? 2.557   2.714   -2.699  1.00 11.18  ? 329  LEU A CG  1 
ATOM   688  C CD1 . LEU A 1 115 ? 1.041   2.975   -2.620  1.00 11.88  ? 329  LEU A CD1 1 
ATOM   689  C CD2 . LEU A 1 115 ? 2.929   1.483   -1.840  1.00 13.70  ? 329  LEU A CD2 1 
ATOM   690  N N   . ARG A 1 116 ? 2.527   5.819   -4.385  1.00 10.13  ? 330  ARG A N   1 
ATOM   691  C CA  . ARG A 1 116 ? 3.012   7.174   -3.964  1.00 10.56  ? 330  ARG A CA  1 
ATOM   692  C C   . ARG A 1 116 ? 2.133   7.608   -2.817  1.00 9.74   ? 330  ARG A C   1 
ATOM   693  O O   . ARG A 1 116 ? 0.934   7.778   -2.974  1.00 12.00  ? 330  ARG A O   1 
ATOM   694  C CB  . ARG A 1 116 ? 2.913   8.174   -5.125  1.00 9.04   ? 330  ARG A CB  1 
ATOM   695  C CG  . ARG A 1 116 ? 3.460   9.599   -4.764  1.00 11.13  ? 330  ARG A CG  1 
ATOM   696  C CD  . ARG A 1 116 ? 3.310   10.547  -5.908  1.00 12.32  ? 330  ARG A CD  1 
ATOM   697  N NE  . ARG A 1 116 ? 4.285   11.631  -5.786  1.00 15.70  ? 330  ARG A NE  1 
ATOM   698  C CZ  . ARG A 1 116 ? 4.677   12.444  -6.770  1.00 22.85  ? 330  ARG A CZ  1 
ATOM   699  N NH1 . ARG A 1 116 ? 4.224   12.300  -8.016  1.00 25.89  ? 330  ARG A NH1 1 
ATOM   700  N NH2 . ARG A 1 116 ? 5.563   13.406  -6.490  1.00 25.59  ? 330  ARG A NH2 1 
ATOM   701  N N   . ILE A 1 117 ? 2.735   7.782   -1.631  1.00 10.25  ? 331  ILE A N   1 
ATOM   702  C CA  . ILE A 1 117 ? 1.985   8.098   -0.380  1.00 10.72  ? 331  ILE A CA  1 
ATOM   703  C C   . ILE A 1 117 ? 2.413   9.469   0.119   1.00 10.85  ? 331  ILE A C   1 
ATOM   704  O O   . ILE A 1 117 ? 3.589   9.689   0.367   1.00 12.78  ? 331  ILE A O   1 
ATOM   705  C CB  . ILE A 1 117 ? 2.309   7.068   0.675   1.00 10.47  ? 331  ILE A CB  1 
ATOM   706  C CG1 . ILE A 1 117 ? 1.927   5.650   0.173   1.00 12.14  ? 331  ILE A CG1 1 
ATOM   707  C CG2 . ILE A 1 117 ? 1.565   7.382   2.014   1.00 11.49  ? 331  ILE A CG2 1 
ATOM   708  C CD1 . ILE A 1 117 ? 2.161   4.520   1.111   1.00 14.99  ? 331  ILE A CD1 1 
ATOM   709  N N   . ARG A 1 118 ? 1.441   10.367  0.273   1.00 9.80   ? 332  ARG A N   1 
ATOM   710  C CA  . ARG A 1 118 ? 1.710   11.724  0.788   1.00 11.99  ? 332  ARG A CA  1 
ATOM   711  C C   . ARG A 1 118 ? 0.866   12.057  1.993   1.00 10.91  ? 332  ARG A C   1 
ATOM   712  O O   . ARG A 1 118 ? -0.170  11.429  2.197   1.00 13.83  ? 332  ARG A O   1 
ATOM   713  C CB  . ARG A 1 118 ? 1.433   12.768  -0.319  1.00 13.83  ? 332  ARG A CB  1 
ATOM   714  C CG  . ARG A 1 118 ? 2.009   12.345  -1.653  1.00 17.36  ? 332  ARG A CG  1 
ATOM   715  C CD  . ARG A 1 118 ? 2.660   13.439  -2.361  1.00 28.39  ? 332  ARG A CD  1 
ATOM   716  N NE  . ARG A 1 118 ? 1.716   14.409  -2.827  1.00 29.49  ? 332  ARG A NE  1 
ATOM   717  C CZ  . ARG A 1 118 ? 2.012   15.291  -3.766  1.00 32.40  ? 332  ARG A CZ  1 
ATOM   718  N NH1 . ARG A 1 118 ? 3.228   15.299  -4.316  1.00 35.20  ? 332  ARG A NH1 1 
ATOM   719  N NH2 . ARG A 1 118 ? 1.098   16.155  -4.154  1.00 32.82  ? 332  ARG A NH2 1 
ATOM   720  N N   . ASN A 1 119 ? 1.249   13.120  2.732   1.00 10.62  ? 333  ASN A N   1 
ATOM   721  C CA  . ASN A 1 119 ? 0.407   13.658  3.816   1.00 12.16  ? 333  ASN A CA  1 
ATOM   722  C C   . ASN A 1 119 ? 0.639   15.170  3.748   1.00 12.66  ? 333  ASN A C   1 
ATOM   723  O O   . ASN A 1 119 ? 1.795   15.590  3.594   1.00 12.51  ? 333  ASN A O   1 
ATOM   724  C CB  . ASN A 1 119 ? 0.856   13.090  5.158   1.00 12.18  ? 333  ASN A CB  1 
ATOM   725  C CG  . ASN A 1 119 ? -0.235  13.174  6.269   1.00 14.49  ? 333  ASN A CG  1 
ATOM   726  O OD1 . ASN A 1 119 ? -1.314  13.723  6.057   1.00 15.30  ? 333  ASN A OD1 1 
ATOM   727  N ND2 . ASN A 1 119 ? 0.044   12.564  7.422   1.00 14.82  ? 333  ASN A ND2 1 
ATOM   728  N N   . LEU A 1 120 ? -0.457  15.936  3.729   1.00 14.16  ? 334  LEU A N   1 
ATOM   729  C CA  . LEU A 1 120 ? -0.361  17.430  3.579   1.00 15.10  ? 334  LEU A CA  1 
ATOM   730  C C   . LEU A 1 120 ? 0.440   17.763  2.318   1.00 16.73  ? 334  LEU A C   1 
ATOM   731  O O   . LEU A 1 120 ? 1.296   18.647  2.307   1.00 16.76  ? 334  LEU A O   1 
ATOM   732  C CB  . LEU A 1 120 ? 0.222   18.052  4.883   1.00 17.40  ? 334  LEU A CB  1 
ATOM   733  C CG  . LEU A 1 120 ? -0.764  18.134  6.042   1.00 19.33  ? 334  LEU A CG  1 
ATOM   734  C CD1 . LEU A 1 120 ? -0.108  18.626  7.370   1.00 22.18  ? 334  LEU A CD1 1 
ATOM   735  C CD2 . LEU A 1 120 ? -1.965  19.023  5.599   1.00 19.87  ? 334  LEU A CD2 1 
ATOM   736  N N   . ASN A 1 121 ? 0.181   17.001  1.243   1.00 15.24  ? 335  ASN A N   1 
ATOM   737  C CA  . ASN A 1 121 ? 0.748   17.270  -0.086  1.00 16.81  ? 335  ASN A CA  1 
ATOM   738  C C   . ASN A 1 121 ? 2.276   17.111  -0.164  1.00 16.57  ? 335  ASN A C   1 
ATOM   739  O O   . ASN A 1 121 ? 2.914   17.629  -1.105  1.00 20.09  ? 335  ASN A O   1 
ATOM   740  C CB  . ASN A 1 121 ? 0.372   18.675  -0.573  1.00 17.72  ? 335  ASN A CB  1 
ATOM   741  C CG  . ASN A 1 121 ? -1.134  18.968  -0.453  1.00 21.85  ? 335  ASN A CG  1 
ATOM   742  O OD1 . ASN A 1 121 ? -1.969  18.173  -0.889  1.00 22.33  ? 335  ASN A OD1 1 
ATOM   743  N ND2 . ASN A 1 121 ? -1.481  20.110  0.154   1.00 28.40  ? 335  ASN A ND2 1 
ATOM   744  N N   . ASP A 1 122 ? 2.843   16.399  0.802   1.00 16.65  ? 336  ASP A N   1 
ATOM   745  C CA  . ASP A 1 122 ? 4.295   16.162  0.804   1.00 14.88  ? 336  ASP A CA  1 
ATOM   746  C C   . ASP A 1 122 ? 4.601   14.688  0.674   1.00 14.53  ? 336  ASP A C   1 
ATOM   747  O O   . ASP A 1 122 ? 4.000   13.908  1.410   1.00 14.04  ? 336  ASP A O   1 
ATOM   748  C CB  . ASP A 1 122 ? 4.830   16.702  2.105   1.00 15.94  ? 336  ASP A CB  1 
ATOM   749  C CG  . ASP A 1 122 ? 6.343   16.666  2.164   1.00 17.77  ? 336  ASP A CG  1 
ATOM   750  O OD1 . ASP A 1 122 ? 7.013   17.057  1.134   1.00 18.91  ? 336  ASP A OD1 1 
ATOM   751  O OD2 . ASP A 1 122 ? 6.852   16.217  3.209   1.00 15.59  ? 336  ASP A OD2 1 
ATOM   752  N N   . ASP A 1 123 ? 5.517   14.299  -0.236  1.00 13.84  ? 337  ASP A N   1 
ATOM   753  C CA  . ASP A 1 123 ? 5.901   12.881  -0.442  1.00 13.81  ? 337  ASP A CA  1 
ATOM   754  C C   . ASP A 1 123 ? 6.470   12.296  0.848   1.00 12.77  ? 337  ASP A C   1 
ATOM   755  O O   . ASP A 1 123 ? 7.555   12.732  1.339   1.00 14.99  ? 337  ASP A O   1 
ATOM   756  C CB  . ASP A 1 123 ? 6.907   12.748  -1.610  1.00 14.20  ? 337  ASP A CB  1 
ATOM   757  C CG  . ASP A 1 123 ? 6.258   12.827  -2.966  1.00 18.23  ? 337  ASP A CG  1 
ATOM   758  O OD1 . ASP A 1 123 ? 5.036   12.631  -3.113  1.00 19.47  ? 337  ASP A OD1 1 
ATOM   759  O OD2 . ASP A 1 123 ? 7.015   13.055  -3.948  1.00 25.74  ? 337  ASP A OD2 1 
ATOM   760  N N   . LYS A 1 124 ? 5.802   11.248  1.352   1.00 12.25  ? 338  LYS A N   1 
ATOM   761  C CA  . LYS A 1 124 ? 6.198   10.560  2.599   1.00 12.16  ? 338  LYS A CA  1 
ATOM   762  C C   . LYS A 1 124 ? 6.826   9.180   2.352   1.00 12.57  ? 338  LYS A C   1 
ATOM   763  O O   . LYS A 1 124 ? 7.796   8.802   3.022   1.00 12.63  ? 338  LYS A O   1 
ATOM   764  C CB  . LYS A 1 124 ? 5.045   10.491  3.636   1.00 12.19  ? 338  LYS A CB  1 
ATOM   765  C CG  . LYS A 1 124 ? 4.388   11.840  4.047   1.00 12.71  ? 338  LYS A CG  1 
ATOM   766  C CD  . LYS A 1 124 ? 5.397   12.828  4.555   1.00 13.71  ? 338  LYS A CD  1 
ATOM   767  C CE  . LYS A 1 124 ? 4.642   13.954  5.273   1.00 15.10  ? 338  LYS A CE  1 
ATOM   768  N NZ  . LYS A 1 124 ? 5.612   15.049  5.696   1.00 15.52  ? 338  LYS A NZ  1 
ATOM   769  N N   . PHE A 1 125 ? 6.284   8.419   1.403   1.00 12.26  ? 339  PHE A N   1 
ATOM   770  C CA  . PHE A 1 125 ? 6.784   7.059   1.085   1.00 11.02  ? 339  PHE A CA  1 
ATOM   771  C C   . PHE A 1 125 ? 6.408   6.719   -0.367  1.00 11.56  ? 339  PHE A C   1 
ATOM   772  O O   . PHE A 1 125 ? 5.255   6.919   -0.772  1.00 13.22  ? 339  PHE A O   1 
ATOM   773  C CB  . PHE A 1 125 ? 6.157   5.999   2.048   1.00 12.81  ? 339  PHE A CB  1 
ATOM   774  C CG  . PHE A 1 125 ? 6.645   4.592   1.840   1.00 11.43  ? 339  PHE A CG  1 
ATOM   775  C CD1 . PHE A 1 125 ? 7.667   4.050   2.645   1.00 12.06  ? 339  PHE A CD1 1 
ATOM   776  C CD2 . PHE A 1 125 ? 6.102   3.790   0.805   1.00 11.25  ? 339  PHE A CD2 1 
ATOM   777  C CE1 . PHE A 1 125 ? 8.136   2.745   2.454   1.00 13.01  ? 339  PHE A CE1 1 
ATOM   778  C CE2 . PHE A 1 125 ? 6.561   2.460   0.571   1.00 11.39  ? 339  PHE A CE2 1 
ATOM   779  C CZ  . PHE A 1 125 ? 7.604   1.939   1.364   1.00 12.08  ? 339  PHE A CZ  1 
ATOM   780  N N   . TYR A 1 126 ? 7.334   6.215   -1.167  1.00 11.18  ? 340  TYR A N   1 
ATOM   781  C CA  . TYR A 1 126 ? 6.918   5.777   -2.500  1.00 11.29  ? 340  TYR A CA  1 
ATOM   782  C C   . TYR A 1 126 ? 7.730   4.611   -3.008  1.00 11.92  ? 340  TYR A C   1 
ATOM   783  O O   . TYR A 1 126 ? 8.838   4.335   -2.510  1.00 11.55  ? 340  TYR A O   1 
ATOM   784  C CB  . TYR A 1 126 ? 6.981   6.979   -3.515  1.00 10.15  ? 340  TYR A CB  1 
ATOM   785  C CG  . TYR A 1 126 ? 8.322   7.711   -3.663  1.00 12.47  ? 340  TYR A CG  1 
ATOM   786  C CD1 . TYR A 1 126 ? 9.366   7.197   -4.459  1.00 11.44  ? 340  TYR A CD1 1 
ATOM   787  C CD2 . TYR A 1 126 ? 8.485   8.960   -3.125  1.00 13.09  ? 340  TYR A CD2 1 
ATOM   788  C CE1 . TYR A 1 126 ? 10.579  7.930   -4.656  1.00 14.12  ? 340  TYR A CE1 1 
ATOM   789  C CE2 . TYR A 1 126 ? 9.690   9.686   -3.284  1.00 13.88  ? 340  TYR A CE2 1 
ATOM   790  C CZ  . TYR A 1 126 ? 10.720  9.164   -4.033  1.00 16.42  ? 340  TYR A CZ  1 
ATOM   791  O OH  . TYR A 1 126 ? 11.890  9.880   -4.182  1.00 18.25  ? 340  TYR A OH  1 
ATOM   792  N N   . VAL A 1 127 ? 7.178   3.921   -4.006  1.00 10.99  ? 341  VAL A N   1 
ATOM   793  C CA  . VAL A 1 127 ? 7.906   2.881   -4.714  1.00 11.34  ? 341  VAL A CA  1 
ATOM   794  C C   . VAL A 1 127 ? 8.115   3.355   -6.151  1.00 12.22  ? 341  VAL A C   1 
ATOM   795  O O   . VAL A 1 127 ? 7.142   3.633   -6.862  1.00 11.82  ? 341  VAL A O   1 
ATOM   796  C CB  . VAL A 1 127 ? 7.129   1.585   -4.668  1.00 11.42  ? 341  VAL A CB  1 
ATOM   797  C CG1 . VAL A 1 127 ? 7.825   0.505   -5.503  1.00 12.40  ? 341  VAL A CG1 1 
ATOM   798  C CG2 . VAL A 1 127 ? 6.956   1.179   -3.229  1.00 14.27  ? 341  VAL A CG2 1 
ATOM   799  N N   . LYS A 1 128 ? 9.390   3.467   -6.531  1.00 11.98  ? 342  LYS A N   1 
ATOM   800  C CA  . LYS A 1 128 ? 9.807   3.850   -7.903  1.00 12.27  ? 342  LYS A CA  1 
ATOM   801  C C   . LYS A 1 128 ? 9.450   2.757   -8.931  1.00 11.90  ? 342  LYS A C   1 
ATOM   802  O O   . LYS A 1 128 ? 9.245   1.592   -8.575  1.00 14.67  ? 342  LYS A O   1 
ATOM   803  C CB  . LYS A 1 128 ? 11.315  4.151   -7.966  1.00 11.37  ? 342  LYS A CB  1 
ATOM   804  C CG  . LYS A 1 128 ? 11.658  5.362   -7.084  1.00 14.92  ? 342  LYS A CG  1 
ATOM   805  C CD  . LYS A 1 128 ? 13.097  5.820   -7.324  1.00 19.29  ? 342  LYS A CD  1 
ATOM   806  C CE  . LYS A 1 128 ? 14.059  4.813   -6.868  1.00 19.26  ? 342  LYS A CE  1 
ATOM   807  N NZ  . LYS A 1 128 ? 15.433  5.254   -7.302  1.00 21.17  ? 342  LYS A NZ  1 
ATOM   808  N N   . PRO A 1 129 ? 9.367   3.121   -10.223 1.00 13.64  ? 343  PRO A N   1 
ATOM   809  C CA  . PRO A 1 129 ? 9.065   2.106   -11.258 1.00 13.84  ? 343  PRO A CA  1 
ATOM   810  C C   . PRO A 1 129 ? 10.057  0.933   -11.350 1.00 14.55  ? 343  PRO A C   1 
ATOM   811  O O   . PRO A 1 129 ? 9.680   -0.116  -11.901 1.00 13.76  ? 343  PRO A O   1 
ATOM   812  C CB  . PRO A 1 129 ? 8.975   2.945   -12.567 1.00 13.98  ? 343  PRO A CB  1 
ATOM   813  C CG  . PRO A 1 129 ? 9.678   4.166   -12.264 1.00 14.70  ? 343  PRO A CG  1 
ATOM   814  C CD  . PRO A 1 129 ? 9.403   4.475   -10.809 1.00 13.52  ? 343  PRO A CD  1 
ATOM   815  N N   . ASP A 1 130 ? 11.260  1.096   -10.759 1.00 13.76  ? 344  ASP A N   1 
ATOM   816  C CA  . ASP A 1 130 ? 12.244  0.010   -10.674 1.00 14.41  ? 344  ASP A CA  1 
ATOM   817  C C   . ASP A 1 130 ? 12.136  -0.874  -9.427  1.00 15.00  ? 344  ASP A C   1 
ATOM   818  O O   . ASP A 1 130 ? 12.826  -1.886  -9.335  1.00 15.82  ? 344  ASP A O   1 
ATOM   819  C CB  . ASP A 1 130 ? 13.704  0.501   -10.886 1.00 15.90  ? 344  ASP A CB  1 
ATOM   820  C CG  . ASP A 1 130 ? 14.271  1.299   -9.691  1.00 19.15  ? 344  ASP A CG  1 
ATOM   821  O OD1 . ASP A 1 130 ? 13.531  1.650   -8.768  1.00 17.98  ? 344  ASP A OD1 1 
ATOM   822  O OD2 . ASP A 1 130 ? 15.488  1.637   -9.700  1.00 20.50  ? 344  ASP A OD2 1 
ATOM   823  N N   . GLY A 1 131 ? 11.239  -0.530  -8.511  1.00 14.33  ? 345  GLY A N   1 
ATOM   824  C CA  . GLY A 1 131 ? 11.100  -1.272  -7.262  1.00 13.35  ? 345  GLY A CA  1 
ATOM   825  C C   . GLY A 1 131 ? 11.854  -0.700  -6.059  1.00 15.39  ? 345  GLY A C   1 
ATOM   826  O O   . GLY A 1 131 ? 11.591  -1.122  -4.926  1.00 17.14  ? 345  GLY A O   1 
ATOM   827  N N   . GLY A 1 132 ? 12.754  0.253   -6.277  1.00 13.91  ? 346  GLY A N   1 
ATOM   828  C CA  . GLY A 1 132 ? 13.427  0.957   -5.163  1.00 12.68  ? 346  GLY A CA  1 
ATOM   829  C C   . GLY A 1 132 ? 12.394  1.802   -4.422  1.00 14.24  ? 346  GLY A C   1 
ATOM   830  O O   . GLY A 1 132 ? 11.492  2.359   -5.049  1.00 14.96  ? 346  GLY A O   1 
ATOM   831  N N   . PHE A 1 133 ? 12.509  1.903   -3.110  1.00 12.60  ? 347  PHE A N   1 
ATOM   832  C CA  . PHE A 1 133 ? 11.557  2.702   -2.324  1.00 12.70  ? 347  PHE A CA  1 
ATOM   833  C C   . PHE A 1 133 ? 12.251  3.908   -1.689  1.00 12.04  ? 347  PHE A C   1 
ATOM   834  O O   . PHE A 1 133 ? 13.499  3.970   -1.582  1.00 12.66  ? 347  PHE A O   1 
ATOM   835  C CB  . PHE A 1 133 ? 10.849  1.799   -1.260  1.00 12.67  ? 347  PHE A CB  1 
ATOM   836  C CG  . PHE A 1 133 ? 11.743  1.451   -0.084  1.00 12.00  ? 347  PHE A CG  1 
ATOM   837  C CD1 . PHE A 1 133 ? 11.895  2.346   0.984   1.00 14.88  ? 347  PHE A CD1 1 
ATOM   838  C CD2 . PHE A 1 133 ? 12.426  0.241   -0.031  1.00 14.73  ? 347  PHE A CD2 1 
ATOM   839  C CE1 . PHE A 1 133 ? 12.732  2.049   2.042   1.00 16.89  ? 347  PHE A CE1 1 
ATOM   840  C CE2 . PHE A 1 133 ? 13.283  -0.072  1.040   1.00 13.13  ? 347  PHE A CE2 1 
ATOM   841  C CZ  . PHE A 1 133 ? 13.421  0.834   2.091   1.00 14.05  ? 347  PHE A CZ  1 
ATOM   842  N N   . TYR A 1 134 ? 11.441  4.889   -1.269  1.00 11.86  ? 348  TYR A N   1 
ATOM   843  C CA  . TYR A 1 134 ? 11.887  6.046   -0.477  1.00 12.25  ? 348  TYR A CA  1 
ATOM   844  C C   . TYR A 1 134 ? 10.969  6.187   0.753   1.00 12.34  ? 348  TYR A C   1 
ATOM   845  O O   . TYR A 1 134 ? 9.745   6.119   0.614   1.00 12.33  ? 348  TYR A O   1 
ATOM   846  C CB  . TYR A 1 134 ? 11.786  7.295   -1.328  1.00 11.09  ? 348  TYR A CB  1 
ATOM   847  C CG  . TYR A 1 134 ? 11.982  8.562   -0.510  1.00 13.53  ? 348  TYR A CG  1 
ATOM   848  C CD1 . TYR A 1 134 ? 13.265  9.054   -0.214  1.00 15.76  ? 348  TYR A CD1 1 
ATOM   849  C CD2 . TYR A 1 134 ? 10.873  9.234   0.061   1.00 12.90  ? 348  TYR A CD2 1 
ATOM   850  C CE1 . TYR A 1 134 ? 13.445  10.240  0.617   1.00 16.46  ? 348  TYR A CE1 1 
ATOM   851  C CE2 . TYR A 1 134 ? 11.056  10.444  0.825   1.00 20.08  ? 348  TYR A CE2 1 
ATOM   852  C CZ  . TYR A 1 134 ? 12.362  10.899  1.114   1.00 17.86  ? 348  TYR A CZ  1 
ATOM   853  O OH  . TYR A 1 134 ? 12.559  12.063  1.862   1.00 22.19  ? 348  TYR A OH  1 
ATOM   854  N N   . ALA A 1 135 ? 11.560  6.285   1.952   1.00 13.26  ? 349  ALA A N   1 
ATOM   855  C CA  . ALA A 1 135 ? 10.845  6.619   3.178   1.00 11.93  ? 349  ALA A CA  1 
ATOM   856  C C   . ALA A 1 135 ? 11.389  7.919   3.725   1.00 13.72  ? 349  ALA A C   1 
ATOM   857  O O   . ALA A 1 135 ? 12.601  8.042   3.845   1.00 14.05  ? 349  ALA A O   1 
ATOM   858  C CB  . ALA A 1 135 ? 10.990  5.538   4.239   1.00 13.78  ? 349  ALA A CB  1 
ATOM   859  N N   . LYS A 1 136 ? 10.504  8.848   4.098   1.00 13.65  ? 350  LYS A N   1 
ATOM   860  C CA  . LYS A 1 136 ? 10.951  10.183  4.539   1.00 14.87  ? 350  LYS A CA  1 
ATOM   861  C C   . LYS A 1 136 ? 11.497  10.270  5.968   1.00 14.20  ? 350  LYS A C   1 
ATOM   862  O O   . LYS A 1 136 ? 12.246  11.227  6.256   1.00 14.64  ? 350  LYS A O   1 
ATOM   863  C CB  . LYS A 1 136 ? 9.867   11.266  4.292   1.00 14.89  ? 350  LYS A CB  1 
ATOM   864  C CG  . LYS A 1 136 ? 10.409  12.669  4.466   1.00 15.19  ? 350  LYS A CG  1 
ATOM   865  C CD  . LYS A 1 136 ? 9.408   13.696  4.058   1.00 19.45  ? 350  LYS A CD  1 
ATOM   866  C CE  . LYS A 1 136 ? 10.070  15.103  4.089   1.00 23.76  ? 350  LYS A CE  1 
ATOM   867  N NZ  . LYS A 1 136 ? 9.456   16.049  3.107   1.00 25.44  ? 350  LYS A NZ  1 
ATOM   868  N N   . GLU A 1 137 ? 11.216  9.287   6.822   1.00 14.86  ? 351  GLU A N   1 
ATOM   869  C CA  . GLU A 1 137 ? 11.611  9.322   8.262   1.00 15.45  ? 351  GLU A CA  1 
ATOM   870  C C   . GLU A 1 137 ? 12.085  7.965   8.768   1.00 16.14  ? 351  GLU A C   1 
ATOM   871  O O   . GLU A 1 137 ? 11.841  6.912   8.164   1.00 15.68  ? 351  GLU A O   1 
ATOM   872  C CB  . GLU A 1 137 ? 10.492  9.797   9.189   1.00 16.04  ? 351  GLU A CB  1 
ATOM   873  C CG  . GLU A 1 137 ? 9.924   11.211  8.916   1.00 17.63  ? 351  GLU A CG  1 
ATOM   874  C CD  . GLU A 1 137 ? 10.895  12.399  8.987   1.00 26.27  ? 351  GLU A CD  1 
ATOM   875  O OE1 . GLU A 1 137 ? 11.974  12.335  9.629   1.00 24.83  ? 351  GLU A OE1 1 
ATOM   876  O OE2 . GLU A 1 137 ? 10.517  13.448  8.401   1.00 24.66  ? 351  GLU A OE2 1 
ATOM   877  N N   . THR A 1 138 ? 12.669  7.983   9.956   1.00 15.48  ? 352  THR A N   1 
ATOM   878  C CA  . THR A 1 138 ? 13.178  6.781   10.625  1.00 15.44  ? 352  THR A CA  1 
ATOM   879  C C   . THR A 1 138 ? 12.166  5.647   10.656  1.00 15.37  ? 352  THR A C   1 
ATOM   880  O O   . THR A 1 138 ? 10.967  5.878   10.900  1.00 15.45  ? 352  THR A O   1 
ATOM   881  C CB  . THR A 1 138 ? 13.636  7.162   12.042  1.00 16.12  ? 352  THR A CB  1 
ATOM   882  O OG1 . THR A 1 138 ? 14.733  8.085   11.920  1.00 16.95  ? 352  THR A OG1 1 
ATOM   883  C CG2 . THR A 1 138 ? 14.027  5.904   12.875  1.00 16.52  ? 352  THR A CG2 1 
ATOM   884  N N   . SER A 1 139 ? 12.665  4.451   10.325  1.00 12.70  ? 353  SER A N   1 
ATOM   885  C CA  . SER A 1 139 ? 11.839  3.259   10.090  1.00 13.44  ? 353  SER A CA  1 
ATOM   886  C C   . SER A 1 139 ? 12.390  2.113   10.938  1.00 13.52  ? 353  SER A C   1 
ATOM   887  O O   . SER A 1 139 ? 13.481  2.237   11.531  1.00 13.99  ? 353  SER A O   1 
ATOM   888  C CB  . SER A 1 139 ? 11.887  2.959   8.621   1.00 13.18  ? 353  SER A CB  1 
ATOM   889  O OG  . SER A 1 139 ? 11.382  4.085   7.910   1.00 12.28  ? 353  SER A OG  1 
ATOM   890  N N   . GLN A 1 140 ? 11.664  0.990   10.969  1.00 12.90  ? 354  GLN A N   1 
ATOM   891  C CA  . GLN A 1 140 ? 12.016  -0.150  11.838  1.00 14.23  ? 354  GLN A CA  1 
ATOM   892  C C   . GLN A 1 140 ? 11.679  -1.447  11.114  1.00 12.74  ? 354  GLN A C   1 
ATOM   893  O O   . GLN A 1 140 ? 10.620  -1.547  10.499  1.00 12.83  ? 354  GLN A O   1 
ATOM   894  C CB  . GLN A 1 140 ? 11.206  -0.067  13.123  1.00 15.34  ? 354  GLN A CB  1 
ATOM   895  C CG  . GLN A 1 140 ? 11.302  -1.331  14.015  1.00 18.46  ? 354  GLN A CG  1 
ATOM   896  C CD  . GLN A 1 140 ? 10.575  -1.107  15.336  1.00 22.86  ? 354  GLN A CD  1 
ATOM   897  O OE1 . GLN A 1 140 ? 10.064  -0.024  15.583  1.00 28.05  ? 354  GLN A OE1 1 
ATOM   898  N NE2 . GLN A 1 140 ? 10.527  -2.129  16.184  1.00 28.03  ? 354  GLN A NE2 1 
ATOM   899  N N   . ILE A 1 141 ? 12.589  -2.424  11.214  1.00 13.56  ? 355  ILE A N   1 
ATOM   900  C CA  . ILE A 1 141 ? 12.332  -3.834  10.816  1.00 14.41  ? 355  ILE A CA  1 
ATOM   901  C C   . ILE A 1 141 ? 12.550  -4.656  12.084  1.00 15.35  ? 355  ILE A C   1 
ATOM   902  O O   . ILE A 1 141 ? 13.611  -4.517  12.718  1.00 16.17  ? 355  ILE A O   1 
ATOM   903  C CB  . ILE A 1 141 ? 13.296  -4.311  9.684   1.00 14.22  ? 355  ILE A CB  1 
ATOM   904  C CG1 . ILE A 1 141 ? 13.124  -3.436  8.437   1.00 18.18  ? 355  ILE A CG1 1 
ATOM   905  C CG2 . ILE A 1 141 ? 13.032  -5.785  9.250   1.00 15.23  ? 355  ILE A CG2 1 
ATOM   906  C CD1 . ILE A 1 141 ? 14.308  -3.471  7.465   1.00 16.04  ? 355  ILE A CD1 1 
ATOM   907  N N   A ASP A 1 142 ? 11.592  -5.511  12.424  0.50 15.98  ? 356  ASP A N   1 
ATOM   908  N N   B ASP A 1 142 ? 11.598  -5.522  12.452  0.50 15.50  ? 356  ASP A N   1 
ATOM   909  C CA  A ASP A 1 142 ? 11.719  -6.380  13.596  0.50 16.80  ? 356  ASP A CA  1 
ATOM   910  C CA  B ASP A 1 142 ? 11.759  -6.404  13.643  0.50 15.83  ? 356  ASP A CA  1 
ATOM   911  C C   A ASP A 1 142 ? 12.339  -7.698  13.112  0.50 16.04  ? 356  ASP A C   1 
ATOM   912  C C   B ASP A 1 142 ? 12.421  -7.731  13.255  0.50 15.52  ? 356  ASP A C   1 
ATOM   913  O O   A ASP A 1 142 ? 11.715  -8.755  13.178  0.50 17.12  ? 356  ASP A O   1 
ATOM   914  O O   B ASP A 1 142 ? 11.925  -8.824  13.557  0.50 16.75  ? 356  ASP A O   1 
ATOM   915  C CB  A ASP A 1 142 ? 10.334  -6.602  14.199  0.50 17.79  ? 356  ASP A CB  1 
ATOM   916  C CB  B ASP A 1 142 ? 10.419  -6.667  14.322  0.50 16.20  ? 356  ASP A CB  1 
ATOM   917  C CG  A ASP A 1 142 ? 10.382  -7.063  15.630  0.50 19.90  ? 356  ASP A CG  1 
ATOM   918  C CG  B ASP A 1 142 ? 10.070  -5.620  15.337  0.50 16.26  ? 356  ASP A CG  1 
ATOM   919  O OD1 A ASP A 1 142 ? 11.268  -6.619  16.387  0.50 25.09  ? 356  ASP A OD1 1 
ATOM   920  O OD1 B ASP A 1 142 ? 10.852  -4.639  15.483  0.50 17.59  ? 356  ASP A OD1 1 
ATOM   921  O OD2 A ASP A 1 142 ? 9.500   -7.862  16.005  0.50 24.43  ? 356  ASP A OD2 1 
ATOM   922  O OD2 B ASP A 1 142 ? 9.004   -5.768  15.987  0.50 15.53  ? 356  ASP A OD2 1 
ATOM   923  N N   . GLY A 1 143 ? 13.568  -7.606  12.597  1.00 14.40  ? 357  GLY A N   1 
ATOM   924  C CA  . GLY A 1 143 ? 14.263  -8.730  11.979  1.00 14.86  ? 357  GLY A CA  1 
ATOM   925  C C   . GLY A 1 143 ? 15.525  -8.169  11.325  1.00 14.68  ? 357  GLY A C   1 
ATOM   926  O O   . GLY A 1 143 ? 15.970  -7.052  11.632  1.00 15.53  ? 357  GLY A O   1 
ATOM   927  N N   . ASN A 1 144 ? 16.101  -8.962  10.459  1.00 14.29  ? 358  ASN A N   1 
ATOM   928  C CA  . ASN A 1 144 ? 17.309  -8.594  9.714   1.00 15.54  ? 358  ASN A CA  1 
ATOM   929  C C   . ASN A 1 144 ? 16.955  -7.947  8.378   1.00 14.41  ? 358  ASN A C   1 
ATOM   930  O O   . ASN A 1 144 ? 15.827  -8.062  7.924   1.00 15.32  ? 358  ASN A O   1 
ATOM   931  C CB  . ASN A 1 144 ? 18.220  -9.794  9.505   1.00 16.73  ? 358  ASN A CB  1 
ATOM   932  C CG  . ASN A 1 144 ? 18.732  -10.370 10.820  1.00 18.71  ? 358  ASN A CG  1 
ATOM   933  O OD1 . ASN A 1 144 ? 18.350  -11.484 11.236  1.00 21.96  ? 358  ASN A OD1 1 
ATOM   934  N ND2 . ASN A 1 144 ? 19.560  -9.593  11.517  1.00 17.12  ? 358  ASN A ND2 1 
ATOM   935  N N   . LEU A 1 145 ? 17.937  -7.298  7.751   1.00 14.56  ? 359  LEU A N   1 
ATOM   936  C CA  . LEU A 1 145 ? 17.795  -6.777  6.379   1.00 14.15  ? 359  LEU A CA  1 
ATOM   937  C C   . LEU A 1 145 ? 18.906  -7.384  5.543   1.00 15.17  ? 359  LEU A C   1 
ATOM   938  O O   . LEU A 1 145 ? 20.087  -7.184  5.865   1.00 15.38  ? 359  LEU A O   1 
ATOM   939  C CB  . LEU A 1 145 ? 17.893  -5.228  6.356   1.00 13.89  ? 359  LEU A CB  1 
ATOM   940  C CG  . LEU A 1 145 ? 17.834  -4.575  4.946   1.00 13.57  ? 359  LEU A CG  1 
ATOM   941  C CD1 . LEU A 1 145 ? 16.492  -4.848  4.231   1.00 13.67  ? 359  LEU A CD1 1 
ATOM   942  C CD2 . LEU A 1 145 ? 18.031  -3.073  5.078   1.00 18.72  ? 359  LEU A CD2 1 
ATOM   943  N N   . LYS A 1 146 ? 18.545  -8.125  4.492   1.00 14.55  ? 360  LYS A N   1 
ATOM   944  C CA  . LYS A 1 146 ? 19.508  -8.659  3.540   1.00 16.41  ? 360  LYS A CA  1 
ATOM   945  C C   . LYS A 1 146 ? 19.696  -7.593  2.458   1.00 16.01  ? 360  LYS A C   1 
ATOM   946  O O   . LYS A 1 146 ? 18.721  -7.056  1.905   1.00 15.84  ? 360  LYS A O   1 
ATOM   947  C CB  . LYS A 1 146 ? 18.988  -10.010 3.006   1.00 15.46  ? 360  LYS A CB  1 
ATOM   948  C CG  . LYS A 1 146 ? 19.774  -10.594 1.834   1.00 18.66  ? 360  LYS A CG  1 
ATOM   949  C CD  . LYS A 1 146 ? 19.210  -11.966 1.407   1.00 22.41  ? 360  LYS A CD  1 
ATOM   950  C CE  . LYS A 1 146 ? 20.011  -12.477 0.202   1.00 27.50  ? 360  LYS A CE  1 
ATOM   951  N NZ  . LYS A 1 146 ? 19.351  -13.595 -0.589  1.00 30.53  ? 360  LYS A NZ  1 
ATOM   952  N N   . LEU A 1 147 ? 20.939  -7.207  2.182   1.00 16.50  ? 361  LEU A N   1 
ATOM   953  C CA  . LEU A 1 147 ? 21.208  -6.245  1.102   1.00 16.83  ? 361  LEU A CA  1 
ATOM   954  C C   . LEU A 1 147 ? 22.626  -6.367  0.539   1.00 17.13  ? 361  LEU A C   1 
ATOM   955  O O   . LEU A 1 147 ? 23.391  -7.264  0.962   1.00 17.79  ? 361  LEU A O   1 
ATOM   956  C CB  . LEU A 1 147 ? 20.857  -4.778  1.474   1.00 17.67  ? 361  LEU A CB  1 
ATOM   957  C CG  . LEU A 1 147 ? 21.304  -4.238  2.840   1.00 19.91  ? 361  LEU A CG  1 
ATOM   958  C CD1 . LEU A 1 147 ? 22.618  -4.655  3.295   1.00 21.73  ? 361  LEU A CD1 1 
ATOM   959  C CD2 . LEU A 1 147 ? 21.147  -2.696  3.037   1.00 21.41  ? 361  LEU A CD2 1 
ATOM   960  N N   A LYS A 1 148 ? 22.975  -5.487  -0.396  0.50 18.12  ? 362  LYS A N   1 
ATOM   961  N N   B LYS A 1 148 ? 22.967  -5.488  -0.399  0.50 18.15  ? 362  LYS A N   1 
ATOM   962  C CA  A LYS A 1 148 ? 24.312  -5.513  -1.011  0.50 18.56  ? 362  LYS A CA  1 
ATOM   963  C CA  B LYS A 1 148 ? 24.293  -5.506  -1.037  0.50 18.63  ? 362  LYS A CA  1 
ATOM   964  C C   A LYS A 1 148 ? 25.359  -4.737  -0.206  0.50 18.84  ? 362  LYS A C   1 
ATOM   965  C C   B LYS A 1 148 ? 25.349  -4.764  -0.191  0.50 18.87  ? 362  LYS A C   1 
ATOM   966  O O   A LYS A 1 148 ? 25.022  -3.842  0.566   0.50 18.82  ? 362  LYS A O   1 
ATOM   967  O O   B LYS A 1 148 ? 25.002  -3.927  0.642   0.50 18.82  ? 362  LYS A O   1 
ATOM   968  C CB  A LYS A 1 148 ? 24.255  -5.037  -2.456  0.50 19.03  ? 362  LYS A CB  1 
ATOM   969  C CB  B LYS A 1 148 ? 24.199  -4.945  -2.457  0.50 19.07  ? 362  LYS A CB  1 
ATOM   970  C CG  A LYS A 1 148 ? 23.665  -6.111  -3.375  0.50 19.39  ? 362  LYS A CG  1 
ATOM   971  C CG  B LYS A 1 148 ? 23.259  -5.769  -3.386  0.50 20.09  ? 362  LYS A CG  1 
ATOM   972  C CD  A LYS A 1 148 ? 23.389  -5.601  -4.775  0.50 21.27  ? 362  LYS A CD  1 
ATOM   973  C CD  B LYS A 1 148 ? 23.360  -7.276  -3.092  0.50 21.36  ? 362  LYS A CD  1 
ATOM   974  C CE  A LYS A 1 148 ? 22.534  -6.657  -5.505  0.50 21.24  ? 362  LYS A CE  1 
ATOM   975  C CE  B LYS A 1 148 ? 22.989  -8.196  -4.290  0.50 21.73  ? 362  LYS A CE  1 
ATOM   976  N NZ  A LYS A 1 148 ? 22.693  -6.616  -7.005  0.50 24.37  ? 362  LYS A NZ  1 
ATOM   977  N NZ  B LYS A 1 148 ? 21.552  -8.601  -4.372  0.50 24.43  ? 362  LYS A NZ  1 
ATOM   978  N N   . ASP A 1 149 ? 26.630  -5.104  -0.370  1.00 18.97  ? 363  ASP A N   1 
ATOM   979  C CA  . ASP A 1 149 ? 27.717  -4.384  0.317   1.00 19.96  ? 363  ASP A CA  1 
ATOM   980  C C   . ASP A 1 149 ? 27.751  -2.919  -0.111  1.00 18.43  ? 363  ASP A C   1 
ATOM   981  O O   . ASP A 1 149 ? 27.460  -2.599  -1.272  1.00 18.18  ? 363  ASP A O   1 
ATOM   982  C CB  . ASP A 1 149 ? 29.084  -5.020  0.025   1.00 20.20  ? 363  ASP A CB  1 
ATOM   983  C CG  . ASP A 1 149 ? 29.156  -6.473  0.416   1.00 23.62  ? 363  ASP A CG  1 
ATOM   984  O OD1 . ASP A 1 149 ? 28.588  -6.872  1.450   1.00 22.48  ? 363  ASP A OD1 1 
ATOM   985  O OD2 . ASP A 1 149 ? 29.804  -7.233  -0.337  1.00 28.38  ? 363  ASP A OD2 1 
ATOM   986  N N   . PRO A 1 150 ? 28.075  -1.999  0.823   1.00 19.32  ? 364  PRO A N   1 
ATOM   987  C CA  . PRO A 1 150 ? 28.005  -0.575  0.503   1.00 19.05  ? 364  PRO A CA  1 
ATOM   988  C C   . PRO A 1 150 ? 28.971  -0.110  -0.588  1.00 20.84  ? 364  PRO A C   1 
ATOM   989  O O   . PRO A 1 150 ? 30.090  -0.611  -0.652  1.00 21.53  ? 364  PRO A O   1 
ATOM   990  C CB  . PRO A 1 150 ? 28.388  0.103   1.826   1.00 19.27  ? 364  PRO A CB  1 
ATOM   991  C CG  . PRO A 1 150 ? 29.289  -0.936  2.518   1.00 18.04  ? 364  PRO A CG  1 
ATOM   992  C CD  . PRO A 1 150 ? 28.654  -2.251  2.163   1.00 18.24  ? 364  PRO A CD  1 
ATOM   993  N N   . ILE A 1 151 ? 28.526  0.839   -1.411  1.00 20.55  ? 365  ILE A N   1 
ATOM   994  C CA  . ILE A 1 151 ? 29.417  1.511   -2.345  1.00 23.55  ? 365  ILE A CA  1 
ATOM   995  C C   . ILE A 1 151 ? 29.693  2.920   -1.814  1.00 22.89  ? 365  ILE A C   1 
ATOM   996  O O   . ILE A 1 151 ? 30.853  3.306   -1.650  1.00 24.60  ? 365  ILE A O   1 
ATOM   997  C CB  . ILE A 1 151 ? 28.834  1.591   -3.782  1.00 24.78  ? 365  ILE A CB  1 
ATOM   998  C CG1 . ILE A 1 151 ? 28.441  0.206   -4.301  1.00 28.00  ? 365  ILE A CG1 1 
ATOM   999  C CG2 . ILE A 1 151 ? 29.832  2.306   -4.729  1.00 27.17  ? 365  ILE A CG2 1 
ATOM   1000 C CD1 . ILE A 1 151 ? 29.582  -0.753  -4.601  1.00 29.07  ? 365  ILE A CD1 1 
ATOM   1001 N N   . ALA A 1 152 ? 28.647  3.683   -1.565  1.00 21.66  ? 366  ALA A N   1 
ATOM   1002 C CA  . ALA A 1 152 ? 28.784  5.068   -1.118  1.00 21.43  ? 366  ALA A CA  1 
ATOM   1003 C C   . ALA A 1 152 ? 28.943  5.134   0.382   1.00 20.22  ? 366  ALA A C   1 
ATOM   1004 O O   . ALA A 1 152 ? 28.575  4.204   1.098   1.00 19.87  ? 366  ALA A O   1 
ATOM   1005 C CB  . ALA A 1 152 ? 27.541  5.890   -1.526  1.00 20.46  ? 366  ALA A CB  1 
ATOM   1006 N N   . ASN A 1 153 ? 29.428  6.275   0.861   1.00 20.85  ? 367  ASN A N   1 
ATOM   1007 C CA  . ASN A 1 153 ? 29.592  6.509   2.280   1.00 21.21  ? 367  ASN A CA  1 
ATOM   1008 C C   . ASN A 1 153 ? 28.307  6.476   3.081   1.00 20.82  ? 367  ASN A C   1 
ATOM   1009 O O   . ASN A 1 153 ? 28.326  6.130   4.269   1.00 20.42  ? 367  ASN A O   1 
ATOM   1010 C CB  . ASN A 1 153 ? 30.356  7.807   2.552   1.00 22.19  ? 367  ASN A CB  1 
ATOM   1011 C CG  . ASN A 1 153 ? 31.857  7.666   2.239   1.00 26.31  ? 367  ASN A CG  1 
ATOM   1012 O OD1 . ASN A 1 153 ? 32.411  6.556   2.256   1.00 29.78  ? 367  ASN A OD1 1 
ATOM   1013 N ND2 . ASN A 1 153 ? 32.507  8.789   1.952   1.00 30.04  ? 367  ASN A ND2 1 
ATOM   1014 N N   . ASP A 1 154 ? 27.190  6.837   2.443   1.00 19.55  ? 368  ASP A N   1 
ATOM   1015 C CA  . ASP A 1 154 ? 25.902  6.801   3.138   1.00 20.27  ? 368  ASP A CA  1 
ATOM   1016 C C   . ASP A 1 154 ? 25.103  5.524   2.900   1.00 18.65  ? 368  ASP A C   1 
ATOM   1017 O O   . ASP A 1 154 ? 23.920  5.503   3.218   1.00 19.79  ? 368  ASP A O   1 
ATOM   1018 C CB  . ASP A 1 154 ? 25.050  8.049   2.839   1.00 21.28  ? 368  ASP A CB  1 
ATOM   1019 C CG  . ASP A 1 154 ? 24.737  8.224   1.359   1.00 24.76  ? 368  ASP A CG  1 
ATOM   1020 O OD1 . ASP A 1 154 ? 25.140  7.398   0.502   1.00 25.54  ? 368  ASP A OD1 1 
ATOM   1021 O OD2 . ASP A 1 154 ? 24.093  9.257   1.045   1.00 28.15  ? 368  ASP A OD2 1 
ATOM   1022 N N   . HIS A 1 155 ? 25.742  4.477   2.360   1.00 16.92  ? 369  HIS A N   1 
ATOM   1023 C CA  . HIS A 1 155 ? 25.090  3.183   2.227   1.00 16.19  ? 369  HIS A CA  1 
ATOM   1024 C C   . HIS A 1 155 ? 25.228  2.381   3.538   1.00 15.88  ? 369  HIS A C   1 
ATOM   1025 O O   . HIS A 1 155 ? 26.292  2.425   4.210   1.00 15.58  ? 369  HIS A O   1 
ATOM   1026 C CB  . HIS A 1 155 ? 25.661  2.363   1.066   1.00 15.81  ? 369  HIS A CB  1 
ATOM   1027 C CG  . HIS A 1 155 ? 25.265  2.860   -0.299  1.00 14.95  ? 369  HIS A CG  1 
ATOM   1028 N ND1 . HIS A 1 155 ? 25.879  2.427   -1.457  1.00 19.57  ? 369  HIS A ND1 1 
ATOM   1029 C CD2 . HIS A 1 155 ? 24.264  3.696   -0.691  1.00 14.08  ? 369  HIS A CD2 1 
ATOM   1030 C CE1 . HIS A 1 155 ? 25.301  3.009   -2.498  1.00 18.59  ? 369  HIS A CE1 1 
ATOM   1031 N NE2 . HIS A 1 155 ? 24.308  3.772   -2.061  1.00 19.42  ? 369  HIS A NE2 1 
ATOM   1032 N N   . ALA A 1 156 ? 24.190  1.602   3.871   1.00 14.59  ? 370  ALA A N   1 
ATOM   1033 C CA  . ALA A 1 156 ? 24.255  0.674   4.988   1.00 15.88  ? 370  ALA A CA  1 
ATOM   1034 C C   . ALA A 1 156 ? 25.357  -0.350  4.799   1.00 15.61  ? 370  ALA A C   1 
ATOM   1035 O O   . ALA A 1 156 ? 25.520  -0.916  3.689   1.00 15.14  ? 370  ALA A O   1 
ATOM   1036 C CB  . ALA A 1 156 ? 22.881  -0.030  5.195   1.00 16.16  ? 370  ALA A CB  1 
ATOM   1037 N N   . ALA A 1 157 ? 26.151  -0.531  5.858   1.00 15.29  ? 371  ALA A N   1 
ATOM   1038 C CA  . ALA A 1 157 ? 27.193  -1.557  5.912   1.00 16.09  ? 371  ALA A CA  1 
ATOM   1039 C C   . ALA A 1 157 ? 26.613  -2.928  6.175   1.00 16.07  ? 371  ALA A C   1 
ATOM   1040 O O   . ALA A 1 157 ? 25.713  -3.066  7.011   1.00 17.59  ? 371  ALA A O   1 
ATOM   1041 C CB  . ALA A 1 157 ? 28.211  -1.232  7.026   1.00 16.69  ? 371  ALA A CB  1 
ATOM   1042 N N   . THR A 1 158 ? 27.133  -3.929  5.457   1.00 15.71  ? 372  THR A N   1 
ATOM   1043 C CA  . THR A 1 158 ? 26.824  -5.336  5.715   1.00 16.72  ? 372  THR A CA  1 
ATOM   1044 C C   . THR A 1 158 ? 27.774  -5.918  6.787   1.00 17.74  ? 372  THR A C   1 
ATOM   1045 O O   . THR A 1 158 ? 28.824  -5.344  7.039   1.00 17.06  ? 372  THR A O   1 
ATOM   1046 C CB  . THR A 1 158 ? 26.983  -6.199  4.452   1.00 17.95  ? 372  THR A CB  1 
ATOM   1047 O OG1 . THR A 1 158 ? 28.242  -5.923  3.838   1.00 17.26  ? 372  THR A OG1 1 
ATOM   1048 C CG2 . THR A 1 158 ? 25.876  -5.914  3.422   1.00 17.88  ? 372  THR A CG2 1 
ATOM   1049 N N   . LYS A 1 159 ? 27.405  -7.048  7.392   1.00 17.17  ? 373  LYS A N   1 
ATOM   1050 C CA  . LYS A 1 159 ? 28.303  -7.804  8.290   1.00 17.50  ? 373  LYS A CA  1 
ATOM   1051 C C   . LYS A 1 159 ? 29.610  -8.167  7.540   1.00 18.26  ? 373  LYS A C   1 
ATOM   1052 O O   . LYS A 1 159 ? 30.715  -7.936  8.071   1.00 18.05  ? 373  LYS A O   1 
ATOM   1053 C CB  . LYS A 1 159 ? 27.590  -9.067  8.823   1.00 17.43  ? 373  LYS A CB  1 
ATOM   1054 C CG  . LYS A 1 159 ? 28.429  -9.931  9.741   1.00 18.54  ? 373  LYS A CG  1 
ATOM   1055 C CD  . LYS A 1 159 ? 27.658  -11.167 10.224  1.00 19.77  ? 373  LYS A CD  1 
ATOM   1056 C CE  . LYS A 1 159 ? 28.394  -11.822 11.423  1.00 22.92  ? 373  LYS A CE  1 
ATOM   1057 N NZ  . LYS A 1 159 ? 29.686  -12.450 11.046  1.00 24.58  ? 373  LYS A NZ  1 
ATOM   1058 N N   . ALA A 1 160 ? 29.494  -8.684  6.311   1.00 16.55  ? 374  ALA A N   1 
ATOM   1059 C CA  . ALA A 1 160 ? 30.691  -8.905  5.436   1.00 17.75  ? 374  ALA A CA  1 
ATOM   1060 C C   . ALA A 1 160 ? 31.638  -7.698  5.391   1.00 17.44  ? 374  ALA A C   1 
ATOM   1061 O O   . ALA A 1 160 ? 32.862  -7.850  5.558   1.00 18.86  ? 374  ALA A O   1 
ATOM   1062 C CB  . ALA A 1 160 ? 30.276  -9.293  4.012   1.00 17.70  ? 374  ALA A CB  1 
ATOM   1063 N N   . TYR A 1 161 ? 31.106  -6.516  5.077   1.00 17.37  ? 375  TYR A N   1 
ATOM   1064 C CA  . TYR A 1 161 ? 31.946  -5.297  4.944   1.00 15.39  ? 375  TYR A CA  1 
ATOM   1065 C C   . TYR A 1 161 ? 32.698  -4.982  6.247   1.00 16.75  ? 375  TYR A C   1 
ATOM   1066 O O   . TYR A 1 161 ? 33.923  -4.794  6.263   1.00 17.47  ? 375  TYR A O   1 
ATOM   1067 C CB  . TYR A 1 161 ? 31.087  -4.090  4.511   1.00 16.62  ? 375  TYR A CB  1 
ATOM   1068 C CG  . TYR A 1 161 ? 31.947  -2.847  4.365   1.00 15.37  ? 375  TYR A CG  1 
ATOM   1069 C CD1 . TYR A 1 161 ? 32.685  -2.643  3.210   1.00 17.33  ? 375  TYR A CD1 1 
ATOM   1070 C CD2 . TYR A 1 161 ? 32.044  -1.896  5.411   1.00 15.39  ? 375  TYR A CD2 1 
ATOM   1071 C CE1 . TYR A 1 161 ? 33.502  -1.510  3.056   1.00 18.32  ? 375  TYR A CE1 1 
ATOM   1072 C CE2 . TYR A 1 161 ? 32.866  -0.754  5.273   1.00 18.32  ? 375  TYR A CE2 1 
ATOM   1073 C CZ  . TYR A 1 161 ? 33.606  -0.597  4.102   1.00 18.89  ? 375  TYR A CZ  1 
ATOM   1074 O OH  . TYR A 1 161 ? 34.453  0.484   3.912   1.00 19.46  ? 375  TYR A OH  1 
ATOM   1075 N N   . VAL A 1 162 ? 31.962  -4.959  7.342   1.00 15.74  ? 376  VAL A N   1 
ATOM   1076 C CA  . VAL A 1 162 ? 32.556  -4.787  8.667   1.00 15.73  ? 376  VAL A CA  1 
ATOM   1077 C C   . VAL A 1 162 ? 33.628  -5.863  8.949   1.00 15.97  ? 376  VAL A C   1 
ATOM   1078 O O   . VAL A 1 162 ? 34.733  -5.541  9.370   1.00 17.39  ? 376  VAL A O   1 
ATOM   1079 C CB  . VAL A 1 162 ? 31.480  -4.786  9.742   1.00 17.32  ? 376  VAL A CB  1 
ATOM   1080 C CG1 . VAL A 1 162 ? 32.091  -4.691  11.162  1.00 16.76  ? 376  VAL A CG1 1 
ATOM   1081 C CG2 . VAL A 1 162 ? 30.456  -3.615  9.492   1.00 17.54  ? 376  VAL A CG2 1 
ATOM   1082 N N   . ASP A 1 163 ? 33.288  -7.133  8.742   1.00 16.41  ? 377  ASP A N   1 
ATOM   1083 C CA  . ASP A 1 163 ? 34.198  -8.217  9.088   1.00 17.01  ? 377  ASP A CA  1 
ATOM   1084 C C   . ASP A 1 163 ? 35.456  -8.130  8.214   1.00 17.09  ? 377  ASP A C   1 
ATOM   1085 O O   . ASP A 1 163 ? 36.520  -8.501  8.666   1.00 16.95  ? 377  ASP A O   1 
ATOM   1086 C CB  . ASP A 1 163 ? 33.529  -9.605  8.933   1.00 18.02  ? 377  ASP A CB  1 
ATOM   1087 C CG  . ASP A 1 163 ? 32.474  -9.913  9.996   1.00 18.82  ? 377  ASP A CG  1 
ATOM   1088 O OD1 . ASP A 1 163 ? 32.295  -9.158  10.992  1.00 18.63  ? 377  ASP A OD1 1 
ATOM   1089 O OD2 . ASP A 1 163 ? 31.821  -10.955 9.830   1.00 21.61  ? 377  ASP A OD2 1 
ATOM   1090 N N   . GLY A 1 164 ? 35.322  -7.608  6.995   1.00 17.31  ? 378  GLY A N   1 
ATOM   1091 C CA  . GLY A 1 164 ? 36.473  -7.468  6.058   1.00 16.70  ? 378  GLY A CA  1 
ATOM   1092 C C   . GLY A 1 164 ? 37.439  -6.417  6.520   1.00 17.66  ? 378  GLY A C   1 
ATOM   1093 O O   . GLY A 1 164 ? 38.656  -6.585  6.407   1.00 17.50  ? 378  GLY A O   1 
ATOM   1094 N N   . GLU A 1 165 ? 36.906  -5.335  7.071   1.00 17.57  ? 379  GLU A N   1 
ATOM   1095 C CA  . GLU A 1 165 ? 37.737  -4.278  7.642   1.00 18.02  ? 379  GLU A CA  1 
ATOM   1096 C C   . GLU A 1 165 ? 38.411  -4.725  8.907   1.00 18.80  ? 379  GLU A C   1 
ATOM   1097 O O   . GLU A 1 165 ? 39.607  -4.460  9.092   1.00 19.58  ? 379  GLU A O   1 
ATOM   1098 C CB  . GLU A 1 165 ? 36.912  -3.010  7.908   1.00 16.36  ? 379  GLU A CB  1 
ATOM   1099 C CG  . GLU A 1 165 ? 36.319  -2.415  6.623   1.00 17.52  ? 379  GLU A CG  1 
ATOM   1100 C CD  . GLU A 1 165 ? 37.411  -2.027  5.649   1.00 20.24  ? 379  GLU A CD  1 
ATOM   1101 O OE1 . GLU A 1 165 ? 38.265  -1.184  6.045   1.00 21.54  ? 379  GLU A OE1 1 
ATOM   1102 O OE2 . GLU A 1 165 ? 37.447  -2.602  4.526   1.00 22.92  ? 379  GLU A OE2 1 
ATOM   1103 N N   . VAL A 1 166 ? 37.663  -5.411  9.776   1.00 19.13  ? 380  VAL A N   1 
ATOM   1104 C CA  . VAL A 1 166 ? 38.231  -5.965  10.991  1.00 19.74  ? 380  VAL A CA  1 
ATOM   1105 C C   . VAL A 1 166 ? 39.371  -6.969  10.676  1.00 20.59  ? 380  VAL A C   1 
ATOM   1106 O O   . VAL A 1 166 ? 40.380  -6.947  11.361  1.00 21.40  ? 380  VAL A O   1 
ATOM   1107 C CB  . VAL A 1 166 ? 37.165  -6.666  11.864  1.00 20.21  ? 380  VAL A CB  1 
ATOM   1108 C CG1 . VAL A 1 166 ? 37.844  -7.582  12.911  1.00 21.18  ? 380  VAL A CG1 1 
ATOM   1109 C CG2 . VAL A 1 166 ? 36.232  -5.624  12.541  1.00 21.46  ? 380  VAL A CG2 1 
ATOM   1110 N N   . GLU A 1 167 ? 39.225  -7.799  9.632   1.00 20.18  ? 381  GLU A N   1 
ATOM   1111 C CA  . GLU A 1 167 ? 40.256  -8.783  9.267   1.00 20.54  ? 381  GLU A CA  1 
ATOM   1112 C C   . GLU A 1 167 ? 41.564  -8.058  8.966   1.00 20.62  ? 381  GLU A C   1 
ATOM   1113 O O   . GLU A 1 167 ? 42.634  -8.521  9.364   1.00 21.58  ? 381  GLU A O   1 
ATOM   1114 C CB  . GLU A 1 167 ? 39.843  -9.610  8.033   1.00 21.96  ? 381  GLU A CB  1 
ATOM   1115 C CG  . GLU A 1 167 ? 40.757  -10.844 7.716   1.00 24.67  ? 381  GLU A CG  1 
ATOM   1116 C CD  . GLU A 1 167 ? 42.020  -10.504 6.886   1.00 32.32  ? 381  GLU A CD  1 
ATOM   1117 O OE1 . GLU A 1 167 ? 41.938  -9.678  5.936   1.00 30.53  ? 381  GLU A OE1 1 
ATOM   1118 O OE2 . GLU A 1 167 ? 43.099  -11.085 7.193   1.00 35.65  ? 381  GLU A OE2 1 
ATOM   1119 N N   . LYS A 1 168 ? 41.487  -6.953  8.226   1.00 19.60  ? 382  LYS A N   1 
ATOM   1120 C CA  . LYS A 1 168 ? 42.712  -6.225  7.868   1.00 20.12  ? 382  LYS A CA  1 
ATOM   1121 C C   . LYS A 1 168 ? 43.418  -5.598  9.068   1.00 20.71  ? 382  LYS A C   1 
ATOM   1122 O O   . LYS A 1 168 ? 44.660  -5.579  9.109   1.00 21.02  ? 382  LYS A O   1 
ATOM   1123 C CB  . LYS A 1 168 ? 42.423  -5.211  6.789   1.00 19.55  ? 382  LYS A CB  1 
ATOM   1124 C CG  . LYS A 1 168 ? 42.238  -5.869  5.422   1.00 19.43  ? 382  LYS A CG  1 
ATOM   1125 C CD  . LYS A 1 168 ? 41.834  -4.878  4.317   1.00 24.57  ? 382  LYS A CD  1 
ATOM   1126 C CE  . LYS A 1 168 ? 40.550  -4.088  4.641   1.00 22.73  ? 382  LYS A CE  1 
ATOM   1127 N NZ  . LYS A 1 168 ? 40.218  -3.083  3.588   1.00 28.22  ? 382  LYS A NZ  1 
ATOM   1128 N N   A LEU A 1 169 ? 42.641  -5.100  10.040  0.50 21.09  ? 383  LEU A N   1 
ATOM   1129 N N   B LEU A 1 169 ? 42.636  -5.117  10.041  0.50 20.69  ? 383  LEU A N   1 
ATOM   1130 C CA  A LEU A 1 169 ? 43.206  -4.621  11.324  0.50 22.43  ? 383  LEU A CA  1 
ATOM   1131 C CA  B LEU A 1 169 ? 43.189  -4.625  11.318  0.50 21.70  ? 383  LEU A CA  1 
ATOM   1132 C C   A LEU A 1 169 ? 43.801  -5.732  12.201  0.50 23.54  ? 383  LEU A C   1 
ATOM   1133 C C   B LEU A 1 169 ? 43.786  -5.723  12.211  0.50 23.11  ? 383  LEU A C   1 
ATOM   1134 O O   A LEU A 1 169 ? 44.862  -5.547  12.813  0.50 23.91  ? 383  LEU A O   1 
ATOM   1135 O O   B LEU A 1 169 ? 44.833  -5.520  12.840  0.50 23.54  ? 383  LEU A O   1 
ATOM   1136 C CB  A LEU A 1 169 ? 42.161  -3.828  12.127  0.50 22.82  ? 383  LEU A CB  1 
ATOM   1137 C CB  B LEU A 1 169 ? 42.120  -3.834  12.084  0.50 21.65  ? 383  LEU A CB  1 
ATOM   1138 C CG  A LEU A 1 169 ? 42.100  -2.306  12.043  0.50 23.04  ? 383  LEU A CG  1 
ATOM   1139 C CG  B LEU A 1 169 ? 41.607  -2.561  11.432  0.50 20.16  ? 383  LEU A CG  1 
ATOM   1140 C CD1 A LEU A 1 169 ? 41.459  -1.900  10.745  0.50 23.80  ? 383  LEU A CD1 1 
ATOM   1141 C CD1 B LEU A 1 169 ? 40.458  -1.961  12.265  0.50 17.63  ? 383  LEU A CD1 1 
ATOM   1142 C CD2 A LEU A 1 169 ? 41.306  -1.759  13.225  0.50 23.17  ? 383  LEU A CD2 1 
ATOM   1143 C CD2 B LEU A 1 169 ? 42.776  -1.585  11.262  0.50 19.63  ? 383  LEU A CD2 1 
ATOM   1144 N N   . LYS A 1 170 ? 43.138  -6.874  12.243  1.00 23.62  ? 384  LYS A N   1 
ATOM   1145 C CA  . LYS A 1 170 ? 43.646  -8.029  12.936  1.00 27.88  ? 384  LYS A CA  1 
ATOM   1146 C C   . LYS A 1 170 ? 44.968  -8.512  12.341  1.00 30.07  ? 384  LYS A C   1 
ATOM   1147 O O   . LYS A 1 170 ? 45.849  -8.958  13.059  1.00 31.60  ? 384  LYS A O   1 
ATOM   1148 C CB  . LYS A 1 170 ? 42.610  -9.160  12.924  1.00 27.79  ? 384  LYS A CB  1 
ATOM   1149 C CG  . LYS A 1 170 ? 42.748  -10.201 13.975  1.00 31.30  ? 384  LYS A CG  1 
ATOM   1150 C CD  . LYS A 1 170 ? 43.195  -9.613  15.311  1.00 35.87  ? 384  LYS A CD  1 
ATOM   1151 C CE  . LYS A 1 170 ? 43.889  -10.624 16.269  1.00 38.30  ? 384  LYS A CE  1 
ATOM   1152 N NZ  . LYS A 1 170 ? 43.117  -11.926 16.461  1.00 40.24  ? 384  LYS A NZ  1 
ATOM   1153 N N   . ALA A 1 171 ? 45.083  -8.469  11.025  1.00 31.03  ? 385  ALA A N   1 
ATOM   1154 C CA  . ALA A 1 171 ? 46.363  -8.686  10.399  1.00 32.82  ? 385  ALA A CA  1 
ATOM   1155 C C   . ALA A 1 171 ? 47.347  -7.552  10.776  1.00 33.50  ? 385  ALA A C   1 
ATOM   1156 O O   . ALA A 1 171 ? 48.437  -7.772  11.209  1.00 34.81  ? 385  ALA A O   1 
ATOM   1157 C CB  . ALA A 1 171 ? 46.182  -8.750  8.908   1.00 32.04  ? 385  ALA A CB  1 
ATOM   1158 N N   . LEU A 1 172 ? 46.952  -6.317  10.590  1.00 35.21  ? 386  LEU A N   1 
ATOM   1159 C CA  . LEU A 1 172 ? 47.719  -5.154  11.042  1.00 35.58  ? 386  LEU A CA  1 
ATOM   1160 C C   . LEU A 1 172 ? 47.946  -4.037  10.066  1.00 36.68  ? 386  LEU A C   1 
ATOM   1161 O O   . LEU A 1 172 ? 47.273  -3.032  10.118  1.00 38.23  ? 386  LEU A O   1 
ATOM   1162 C CB  . LEU A 1 172 ? 48.965  -5.526  11.777  1.00 36.00  ? 386  LEU A CB  1 
ATOM   1163 C CG  . LEU A 1 172 ? 48.508  -5.964  13.127  1.00 40.54  ? 386  LEU A CG  1 
ATOM   1164 C CD1 . LEU A 1 172 ? 49.545  -6.394  14.118  1.00 42.42  ? 386  LEU A CD1 1 
ATOM   1165 C CD2 . LEU A 1 172 ? 47.775  -4.845  13.548  1.00 40.23  ? 386  LEU A CD2 1 
HETATM 1166 O O   . HOH B 2 .   ? -26.635 11.631  -12.847 1.00 15.93  ? 2001 HOH A O   1 
HETATM 1167 O O   . HOH B 2 .   ? -18.912 15.522  -9.017  1.00 30.32  ? 2002 HOH A O   1 
HETATM 1168 O O   . HOH B 2 .   ? -23.563 15.526  -11.064 1.00 31.06  ? 2003 HOH A O   1 
HETATM 1169 O O   . HOH B 2 .   ? -23.471 10.915  -5.730  1.00 24.29  ? 2004 HOH A O   1 
HETATM 1170 O O   . HOH B 2 .   ? -24.849 11.717  0.619   1.00 34.96  ? 2005 HOH A O   1 
HETATM 1171 O O   . HOH B 2 .   ? -34.775 12.820  5.154   0.50 29.15  ? 2006 HOH A O   1 
HETATM 1172 O O   . HOH B 2 .   ? -36.951 10.122  1.006   1.00 27.60  ? 2007 HOH A O   1 
HETATM 1173 O O   . HOH B 2 .   ? -30.383 6.811   4.868   1.00 32.12  ? 2008 HOH A O   1 
HETATM 1174 O O   . HOH B 2 .   ? -35.269 15.405  -0.626  1.00 26.71  ? 2009 HOH A O   1 
HETATM 1175 O O   . HOH B 2 .   ? -27.956 14.131  4.221   1.00 23.81  ? 2010 HOH A O   1 
HETATM 1176 O O   . HOH B 2 .   ? -32.770 11.227  8.359   1.00 39.31  ? 2011 HOH A O   1 
HETATM 1177 O O   . HOH B 2 .   ? -26.691 15.385  6.093   1.00 36.48  ? 2012 HOH A O   1 
HETATM 1178 O O   . HOH B 2 .   ? -27.183 9.432   11.663  1.00 30.81  ? 2013 HOH A O   1 
HETATM 1179 O O   . HOH B 2 .   ? -33.299 6.738   8.629   0.50 24.01  ? 2014 HOH A O   1 
HETATM 1180 O O   . HOH B 2 .   ? -31.344 4.662   11.062  1.00 37.12  ? 2015 HOH A O   1 
HETATM 1181 O O   . HOH B 2 .   ? -26.514 9.203   17.222  1.00 35.20  ? 2016 HOH A O   1 
HETATM 1182 O O   . HOH B 2 .   ? -28.087 -1.962  10.311  1.00 23.72  ? 2017 HOH A O   1 
HETATM 1183 O O   . HOH B 2 .   ? -21.148 -1.333  6.098   1.00 19.10  ? 2018 HOH A O   1 
HETATM 1184 O O   . HOH B 2 .   ? -20.644 -6.889  -1.003  1.00 18.63  ? 2019 HOH A O   1 
HETATM 1185 O O   . HOH B 2 .   ? -21.358 -9.138  0.454   1.00 36.77  ? 2020 HOH A O   1 
HETATM 1186 O O   . HOH B 2 .   ? -20.003 -14.285 -3.789  1.00 28.66  ? 2021 HOH A O   1 
HETATM 1187 O O   . HOH B 2 .   ? -17.909 -12.012 -11.687 1.00 14.22  ? 2022 HOH A O   1 
HETATM 1188 O O   . HOH B 2 .   ? -18.568 -20.035 -10.260 1.00 20.93  ? 2023 HOH A O   1 
HETATM 1189 O O   . HOH B 2 .   ? -17.322 -21.458 -8.033  1.00 20.93  ? 2024 HOH A O   1 
HETATM 1190 O O   . HOH B 2 .   ? -14.255 -24.028 -6.795  1.00 29.37  ? 2025 HOH A O   1 
HETATM 1191 O O   . HOH B 2 .   ? -12.523 -21.411 -12.954 1.00 31.38  ? 2026 HOH A O   1 
HETATM 1192 O O   . HOH B 2 .   ? -13.575 -17.515 -17.229 1.00 28.04  ? 2027 HOH A O   1 
HETATM 1193 O O   . HOH B 2 .   ? -10.540 -16.278 -14.860 1.00 26.73  ? 2028 HOH A O   1 
HETATM 1194 O O   . HOH B 2 .   ? -10.612 -8.640  -14.749 1.00 23.07  ? 2029 HOH A O   1 
HETATM 1195 O O   . HOH B 2 .   ? -14.047 -5.077  -19.713 1.00 44.73  ? 2030 HOH A O   1 
HETATM 1196 O O   . HOH B 2 .   ? -15.871 -8.709  -17.295 1.00 14.01  ? 2031 HOH A O   1 
HETATM 1197 O O   . HOH B 2 .   ? -5.500  -2.833  -22.009 1.00 27.94  ? 2032 HOH A O   1 
HETATM 1198 O O   . HOH B 2 .   ? -10.108 2.807   -22.357 1.00 37.97  ? 2033 HOH A O   1 
HETATM 1199 O O   . HOH B 2 .   ? -8.925  -5.787  -20.181 1.00 36.82  ? 2034 HOH A O   1 
HETATM 1200 O O   . HOH B 2 .   ? -11.632 8.807   -17.644 1.00 15.99  ? 2035 HOH A O   1 
HETATM 1201 O O   . HOH B 2 .   ? -0.690  14.565  -16.142 1.00 17.00  ? 2036 HOH A O   1 
HETATM 1202 O O   . HOH B 2 .   ? -7.664  14.468  -15.734 1.00 14.95  ? 2037 HOH A O   1 
HETATM 1203 O O   . HOH B 2 .   ? -13.870 11.120  -3.871  1.00 19.10  ? 2038 HOH A O   1 
HETATM 1204 O O   . HOH B 2 .   ? -10.691 11.493  6.970   1.00 14.62  ? 2039 HOH A O   1 
HETATM 1205 O O   . HOH B 2 .   ? -19.737 17.889  5.191   1.00 27.31  ? 2040 HOH A O   1 
HETATM 1206 O O   . HOH B 2 .   ? -18.466 15.538  7.920   1.00 21.36  ? 2041 HOH A O   1 
HETATM 1207 O O   . HOH B 2 .   ? -21.821 13.768  10.194  1.00 31.29  ? 2042 HOH A O   1 
HETATM 1208 O O   . HOH B 2 .   ? -19.518 14.331  16.885  0.50 20.29  ? 2043 HOH A O   1 
HETATM 1209 O O   . HOH B 2 .   ? -18.465 13.884  18.858  0.50 25.44  ? 2044 HOH A O   1 
HETATM 1210 O O   . HOH B 2 .   ? -12.962 17.033  11.605  1.00 13.58  ? 2045 HOH A O   1 
HETATM 1211 O O   . HOH B 2 .   ? -19.303 17.019  15.611  0.50 13.69  ? 2046 HOH A O   1 
HETATM 1212 O O   . HOH B 2 .   ? -10.124 15.090  20.029  1.00 28.75  ? 2047 HOH A O   1 
HETATM 1213 O O   . HOH B 2 .   ? -13.892 10.630  23.065  0.33 22.06  ? 2048 HOH A O   1 
HETATM 1214 O O   . HOH B 2 .   ? -4.382  21.412  14.480  1.00 43.40  ? 2049 HOH A O   1 
HETATM 1215 O O   . HOH B 2 .   ? -6.129  13.564  14.677  1.00 15.74  ? 2050 HOH A O   1 
HETATM 1216 O O   . HOH B 2 .   ? -7.653  21.704  17.387  1.00 36.89  ? 2051 HOH A O   1 
HETATM 1217 O O   . HOH B 2 .   ? -10.617 17.708  18.749  0.50 3.04   ? 2052 HOH A O   1 
HETATM 1218 O O   . HOH B 2 .   ? -6.632  8.338   19.824  1.00 41.28  ? 2053 HOH A O   1 
HETATM 1219 O O   . HOH B 2 .   ? -12.048 8.215   19.163  1.00 24.87  ? 2054 HOH A O   1 
HETATM 1220 O O   . HOH B 2 .   ? -5.930  6.036   13.220  1.00 16.92  ? 2055 HOH A O   1 
HETATM 1221 O O   . HOH B 2 .   ? -9.084  8.550   21.160  1.00 39.84  ? 2056 HOH A O   1 
HETATM 1222 O O   . HOH B 2 .   ? -13.507 4.325   17.884  0.50 4.18   ? 2057 HOH A O   1 
HETATM 1223 O O   . HOH B 2 .   ? -9.462  1.162   19.091  0.50 4.11   ? 2058 HOH A O   1 
HETATM 1224 O O   . HOH B 2 .   ? -8.301  0.004   12.403  1.00 24.14  ? 2059 HOH A O   1 
HETATM 1225 O O   . HOH B 2 .   ? -10.802 0.316   8.489   1.00 28.82  ? 2060 HOH A O   1 
HETATM 1226 O O   . HOH B 2 .   ? -13.773 3.435   17.442  0.50 2.00   ? 2061 HOH A O   1 
HETATM 1227 O O   . HOH B 2 .   ? -14.423 -2.139  6.747   1.00 5.91   ? 2062 HOH A O   1 
HETATM 1228 O O   . HOH B 2 .   ? -10.641 -5.416  6.004   1.00 20.59  ? 2063 HOH A O   1 
HETATM 1229 O O   . HOH B 2 .   ? -14.927 -9.534  5.154   1.00 27.85  ? 2064 HOH A O   1 
HETATM 1230 O O   . HOH B 2 .   ? -13.622 -7.824  7.720   1.00 23.87  ? 2065 HOH A O   1 
HETATM 1231 O O   . HOH B 2 .   ? -14.943 -16.973 5.332   1.00 30.26  ? 2066 HOH A O   1 
HETATM 1232 O O   . HOH B 2 .   ? -15.200 -26.546 -2.924  0.50 9.16   ? 2067 HOH A O   1 
HETATM 1233 O O   . HOH B 2 .   ? -17.029 -23.267 8.164   1.00 42.53  ? 2068 HOH A O   1 
HETATM 1234 O O   . HOH B 2 .   ? -21.334 -19.640 7.979   1.00 57.50  ? 2069 HOH A O   1 
HETATM 1235 O O   . HOH B 2 .   ? -19.721 -21.840 1.315   1.00 24.03  ? 2070 HOH A O   1 
HETATM 1236 O O   . HOH B 2 .   ? -14.336 -29.590 4.167   1.00 37.01  ? 2071 HOH A O   1 
HETATM 1237 O O   . HOH B 2 .   ? -13.543 -23.866 7.549   0.50 27.94  ? 2072 HOH A O   1 
HETATM 1238 O O   . HOH B 2 .   ? -9.785  -23.327 7.848   1.00 34.24  ? 2073 HOH A O   1 
HETATM 1239 O O   . HOH B 2 .   ? -11.768 -32.481 6.228   1.00 30.09  ? 2074 HOH A O   1 
HETATM 1240 O O   . HOH B 2 .   ? -4.538  -20.135 4.247   0.50 15.39  ? 2075 HOH A O   1 
HETATM 1241 O O   . HOH B 2 .   ? -0.583  -8.680  -3.211  1.00 215.79 ? 2076 HOH A O   1 
HETATM 1242 O O   . HOH B 2 .   ? -0.590  -8.764  -14.869 1.00 22.24  ? 2077 HOH A O   1 
HETATM 1243 O O   . HOH B 2 .   ? -24.298 13.900  -5.426  1.00 37.15  ? 2078 HOH A O   1 
HETATM 1244 O O   . HOH B 2 .   ? -1.456  -4.226  -22.111 1.00 23.30  ? 2079 HOH A O   1 
HETATM 1245 O O   . HOH B 2 .   ? -30.863 5.435   2.094   0.50 18.08  ? 2080 HOH A O   1 
HETATM 1246 O O   . HOH B 2 .   ? -30.938 6.633   1.781   0.50 17.50  ? 2081 HOH A O   1 
HETATM 1247 O O   . HOH B 2 .   ? -33.737 8.145   5.060   0.50 18.47  ? 2082 HOH A O   1 
HETATM 1248 O O   . HOH B 2 .   ? -33.172 13.134  11.045  1.00 46.06  ? 2083 HOH A O   1 
HETATM 1249 O O   . HOH B 2 .   ? 1.175   -2.722  -24.322 1.00 47.62  ? 2084 HOH A O   1 
HETATM 1250 O O   . HOH B 2 .   ? 5.217   1.097   -24.201 1.00 31.47  ? 2085 HOH A O   1 
HETATM 1251 O O   . HOH B 2 .   ? 4.027   1.709   -21.993 1.00 34.86  ? 2086 HOH A O   1 
HETATM 1252 O O   . HOH B 2 .   ? -20.265 -3.536  7.809   1.00 22.76  ? 2087 HOH A O   1 
HETATM 1253 O O   . HOH B 2 .   ? 9.953   2.379   -16.459 1.00 30.99  ? 2088 HOH A O   1 
HETATM 1254 O O   . HOH B 2 .   ? 10.888  7.046   -14.218 1.00 23.45  ? 2089 HOH A O   1 
HETATM 1255 O O   . HOH B 2 .   ? 8.073   10.099  -16.331 1.00 23.07  ? 2090 HOH A O   1 
HETATM 1256 O O   . HOH B 2 .   ? 8.450   8.850   -11.788 1.00 21.02  ? 2091 HOH A O   1 
HETATM 1257 O O   . HOH B 2 .   ? -20.578 -17.822 -3.490  1.00 35.38  ? 2092 HOH A O   1 
HETATM 1258 O O   . HOH B 2 .   ? 5.247   9.625   -10.556 1.00 15.08  ? 2093 HOH A O   1 
HETATM 1259 O O   . HOH B 2 .   ? 10.515  8.012   -9.260  1.00 2.54   ? 2094 HOH A O   1 
HETATM 1260 O O   . HOH B 2 .   ? 10.546  12.020  -6.746  1.00 36.56  ? 2095 HOH A O   1 
HETATM 1261 O O   . HOH B 2 .   ? 7.116   11.507  -9.876  1.00 22.94  ? 2096 HOH A O   1 
HETATM 1262 O O   . HOH B 2 .   ? -10.887 -19.344 -14.358 1.00 14.13  ? 2097 HOH A O   1 
HETATM 1263 O O   . HOH B 2 .   ? -8.420  -15.724 -16.010 1.00 35.75  ? 2098 HOH A O   1 
HETATM 1264 O O   . HOH B 2 .   ? 3.527   13.158  -10.710 1.00 30.97  ? 2099 HOH A O   1 
HETATM 1265 O O   . HOH B 2 .   ? 6.613   14.684  -9.474  1.00 38.24  ? 2100 HOH A O   1 
HETATM 1266 O O   . HOH B 2 .   ? 7.327   16.531  -5.777  1.00 37.85  ? 2101 HOH A O   1 
HETATM 1267 O O   . HOH B 2 .   ? -11.564 1.220   -24.057 1.00 41.77  ? 2102 HOH A O   1 
HETATM 1268 O O   . HOH B 2 .   ? 5.408   9.787   -1.968  1.00 30.54  ? 2103 HOH A O   1 
HETATM 1269 O O   . HOH B 2 .   ? 1.779   14.952  -6.848  1.00 31.64  ? 2104 HOH A O   1 
HETATM 1270 O O   . HOH B 2 .   ? 1.766   18.893  -4.805  1.00 37.45  ? 2105 HOH A O   1 
HETATM 1271 O O   . HOH B 2 .   ? 3.656   16.456  -7.381  1.00 35.53  ? 2106 HOH A O   1 
HETATM 1272 O O   . HOH B 2 .   ? -16.064 13.035  -4.548  1.00 29.15  ? 2107 HOH A O   1 
HETATM 1273 O O   . HOH B 2 .   ? -4.139  20.948  0.778   1.00 47.52  ? 2108 HOH A O   1 
HETATM 1274 O O   . HOH B 2 .   ? -21.017 14.637  7.704   1.00 31.64  ? 2109 HOH A O   1 
HETATM 1275 O O   . HOH B 2 .   ? -19.992 10.966  20.728  0.33 23.70  ? 2110 HOH A O   1 
HETATM 1276 O O   . HOH B 2 .   ? -18.208 10.867  21.412  0.33 25.98  ? 2111 HOH A O   1 
HETATM 1277 O O   . HOH B 2 .   ? 6.843   16.528  -1.735  0.50 15.40  ? 2112 HOH A O   1 
HETATM 1278 O O   . HOH B 2 .   ? -5.420  15.938  13.455  0.50 13.52  ? 2113 HOH A O   1 
HETATM 1279 O O   . HOH B 2 .   ? 6.486   16.096  -2.996  0.50 19.04  ? 2114 HOH A O   1 
HETATM 1280 O O   . HOH B 2 .   ? 9.045   14.882  0.388   1.00 26.60  ? 2115 HOH A O   1 
HETATM 1281 O O   . HOH B 2 .   ? -4.674  6.950   15.570  1.00 26.91  ? 2116 HOH A O   1 
HETATM 1282 O O   . HOH B 2 .   ? -7.266  3.130   19.843  1.00 53.43  ? 2117 HOH A O   1 
HETATM 1283 O O   . HOH B 2 .   ? 4.173   17.412  6.299   1.00 23.62  ? 2118 HOH A O   1 
HETATM 1284 O O   . HOH B 2 .   ? 5.037   14.867  8.881   1.00 29.68  ? 2119 HOH A O   1 
HETATM 1285 O O   . HOH B 2 .   ? -11.032 -6.514  8.276   1.00 25.75  ? 2120 HOH A O   1 
HETATM 1286 O O   . HOH B 2 .   ? 12.866  9.569   -7.680  1.00 34.90  ? 2121 HOH A O   1 
HETATM 1287 O O   . HOH B 2 .   ? 12.152  12.377  -2.538  1.00 36.02  ? 2122 HOH A O   1 
HETATM 1288 O O   . HOH B 2 .   ? 14.142  8.447   -4.509  1.00 26.12  ? 2123 HOH A O   1 
HETATM 1289 O O   . HOH B 2 .   ? 15.717  7.893   -6.433  1.00 40.36  ? 2124 HOH A O   1 
HETATM 1290 O O   . HOH B 2 .   ? 19.023  5.271   -6.868  1.00 49.21  ? 2125 HOH A O   1 
HETATM 1291 O O   . HOH B 2 .   ? -13.728 -25.518 9.542   0.50 17.83  ? 2126 HOH A O   1 
HETATM 1292 O O   . HOH B 2 .   ? 15.711  4.495   -10.393 1.00 28.64  ? 2127 HOH A O   1 
HETATM 1293 O O   . HOH B 2 .   ? 17.102  0.902   -11.451 1.00 37.23  ? 2128 HOH A O   1 
HETATM 1294 O O   . HOH B 2 .   ? 16.767  2.515   -7.407  1.00 21.27  ? 2129 HOH A O   1 
HETATM 1295 O O   . HOH B 2 .   ? 13.960  -3.177  -11.616 1.00 22.01  ? 2130 HOH A O   1 
HETATM 1296 O O   . HOH B 2 .   ? 14.530  5.915   -3.429  1.00 22.69  ? 2131 HOH A O   1 
HETATM 1297 O O   . HOH B 2 .   ? 11.893  1.190   -14.744 1.00 34.85  ? 2132 HOH A O   1 
HETATM 1298 O O   . HOH B 2 .   ? 11.704  4.735   -15.672 1.00 30.28  ? 2133 HOH A O   1 
HETATM 1299 O O   . HOH B 2 .   ? 13.674  13.200  7.322   0.50 2.35   ? 2134 HOH A O   1 
HETATM 1300 O O   . HOH B 2 .   ? 11.435  18.085  3.536   1.00 21.81  ? 2135 HOH A O   1 
HETATM 1301 O O   . HOH B 2 .   ? 9.090   11.494  -12.115 1.00 20.49  ? 2136 HOH A O   1 
HETATM 1302 O O   . HOH B 2 .   ? 12.259  7.112   -11.858 1.00 26.97  ? 2137 HOH A O   1 
HETATM 1303 O O   . HOH B 2 .   ? 12.133  14.522  11.365  1.00 28.22  ? 2138 HOH A O   1 
HETATM 1304 O O   . HOH B 2 .   ? 11.326  15.833  7.772   1.00 42.46  ? 2139 HOH A O   1 
HETATM 1305 O O   . HOH B 2 .   ? 13.074  10.674  11.254  1.00 20.68  ? 2140 HOH A O   1 
HETATM 1306 O O   . HOH B 2 .   ? 5.015   14.823  -12.223 1.00 45.02  ? 2141 HOH A O   1 
HETATM 1307 O O   . HOH B 2 .   ? -8.214  -13.374 -18.153 1.00 30.58  ? 2142 HOH A O   1 
HETATM 1308 O O   . HOH B 2 .   ? 9.872   4.456   13.183  1.00 26.32  ? 2143 HOH A O   1 
HETATM 1309 O O   . HOH B 2 .   ? 16.140  8.771   14.253  1.00 28.35  ? 2144 HOH A O   1 
HETATM 1310 O O   . HOH B 2 .   ? -5.641  20.917  -1.435  1.00 54.45  ? 2145 HOH A O   1 
HETATM 1311 O O   . HOH B 2 .   ? 10.013  15.944  -2.056  1.00 38.70  ? 2146 HOH A O   1 
HETATM 1312 O O   . HOH B 2 .   ? -4.971  24.701  -0.071  1.00 43.84  ? 2147 HOH A O   1 
HETATM 1313 O O   . HOH B 2 .   ? 7.168   -0.562  17.432  1.00 49.12  ? 2148 HOH A O   1 
HETATM 1314 O O   . HOH B 2 .   ? 9.677   -2.069  19.366  1.00 35.91  ? 2149 HOH A O   1 
HETATM 1315 O O   . HOH B 2 .   ? 2.172   15.625  7.255   1.00 26.87  ? 2150 HOH A O   1 
HETATM 1316 O O   . HOH B 2 .   ? 13.592  -3.636  15.405  1.00 26.52  ? 2151 HOH A O   1 
HETATM 1317 O O   . HOH B 2 .   ? 19.191  6.263   -3.429  1.00 21.49  ? 2152 HOH A O   1 
HETATM 1318 O O   . HOH B 2 .   ? -13.467 -27.437 12.497  1.00 38.91  ? 2153 HOH A O   1 
HETATM 1319 O O   . HOH B 2 .   ? 8.538   -3.996  17.915  1.00 38.50  ? 2154 HOH A O   1 
HETATM 1320 O O   . HOH B 2 .   ? 7.999   -8.517  16.078  0.50 18.77  ? 2155 HOH A O   1 
HETATM 1321 O O   . HOH B 2 .   ? 16.052  -1.585  -13.523 1.00 42.15  ? 2156 HOH A O   1 
HETATM 1322 O O   . HOH B 2 .   ? 15.723  2.141   -14.068 1.00 39.75  ? 2157 HOH A O   1 
HETATM 1323 O O   . HOH B 2 .   ? 13.213  4.151   -11.539 1.00 17.83  ? 2158 HOH A O   1 
HETATM 1324 O O   . HOH B 2 .   ? 13.018  16.768  6.045   1.00 34.51  ? 2159 HOH A O   1 
HETATM 1325 O O   . HOH B 2 .   ? 16.145  11.690  11.122  1.00 25.58  ? 2160 HOH A O   1 
HETATM 1326 O O   . HOH B 2 .   ? 15.208  7.540   16.495  1.00 34.10  ? 2161 HOH A O   1 
HETATM 1327 O O   . HOH B 2 .   ? 12.797  18.534  -2.103  1.00 55.65  ? 2162 HOH A O   1 
HETATM 1328 O O   . HOH B 2 .   ? -4.639  26.524  -2.037  1.00 41.03  ? 2163 HOH A O   1 
HETATM 1329 O O   . HOH B 2 .   ? 17.828  -11.846 14.028  1.00 34.34  ? 2164 HOH A O   1 
HETATM 1330 O O   . HOH B 2 .   ? 17.586  8.025   18.301  0.50 13.95  ? 2165 HOH A O   1 
HETATM 1331 O O   . HOH B 2 .   ? 17.375  7.023   19.267  0.50 27.33  ? 2166 HOH A O   1 
HETATM 1332 O O   . HOH B 2 .   ? 32.838  -4.093  -0.333  1.00 32.82  ? 2167 HOH A O   1 
HETATM 1333 O O   . HOH B 2 .   ? 34.837  -5.295  1.676   1.00 36.65  ? 2168 HOH A O   1 
HETATM 1334 O O   . HOH B 2 .   ? 28.151  -9.976  -2.152  1.00 40.72  ? 2169 HOH A O   1 
HETATM 1335 O O   . HOH B 2 .   ? 32.815  1.101   -5.173  1.00 49.67  ? 2170 HOH A O   1 
HETATM 1336 O O   . HOH B 2 .   ? 27.928  10.848  2.103   1.00 37.10  ? 2171 HOH A O   1 
HETATM 1337 O O   . HOH B 2 .   ? 27.441  8.627   -3.846  1.00 49.87  ? 2172 HOH A O   1 
HETATM 1338 O O   . HOH B 2 .   ? 27.392  -9.284  1.710   1.00 30.95  ? 2173 HOH A O   1 
HETATM 1339 O O   . HOH B 2 .   ? 27.364  -7.371  -2.432  1.00 25.04  ? 2174 HOH A O   1 
HETATM 1340 O O   . HOH B 2 .   ? 32.238  -6.155  1.699   1.00 35.28  ? 2175 HOH A O   1 
HETATM 1341 O O   . HOH B 2 .   ? 36.387  -11.339 6.355   1.00 35.44  ? 2176 HOH A O   1 
HETATM 1342 O O   . HOH B 2 .   ? 33.230  2.058   -2.518  1.00 32.69  ? 2177 HOH A O   1 
HETATM 1343 O O   . HOH B 2 .   ? 39.043  -11.473 11.454  0.50 19.76  ? 2178 HOH A O   1 
HETATM 1344 O O   . HOH B 2 .   ? 30.532  8.452   -1.392  1.00 27.78  ? 2179 HOH A O   1 
HETATM 1345 O O   . HOH B 2 .   ? 28.026  9.512   0.198   1.00 26.17  ? 2180 HOH A O   1 
HETATM 1346 O O   . HOH B 2 .   ? 40.664  -13.057 11.153  0.50 23.77  ? 2181 HOH A O   1 
HETATM 1347 O O   . HOH B 2 .   ? 44.580  -1.602  5.212   1.00 27.82  ? 2182 HOH A O   1 
HETATM 1348 O O   . HOH B 2 .   ? 41.105  -18.007 12.422  1.00 55.98  ? 2183 HOH A O   1 
HETATM 1349 O O   . HOH B 2 .   ? 24.365  7.342   -2.337  1.00 33.57  ? 2184 HOH A O   1 
HETATM 1350 O O   . HOH B 2 .   ? 21.702  9.536   3.118   1.00 45.64  ? 2185 HOH A O   1 
HETATM 1351 O O   . HOH B 2 .   ? 22.197  5.909   -3.664  1.00 13.19  ? 2186 HOH A O   1 
HETATM 1352 O O   . HOH B 2 .   ? 24.102  -1.134  1.171   1.00 18.28  ? 2187 HOH A O   1 
HETATM 1353 O O   . HOH B 2 .   ? 33.983  -10.340 5.130   1.00 36.02  ? 2188 HOH A O   1 
HETATM 1354 O O   . HOH B 2 .   ? 36.941  -0.296  2.594   1.00 24.34  ? 2189 HOH A O   1 
HETATM 1355 O O   . HOH B 2 .   ? 36.659  -10.445 10.783  1.00 25.75  ? 2190 HOH A O   1 
HETATM 1356 O O   . HOH B 2 .   ? 40.576  -2.162  7.662   1.00 21.86  ? 2191 HOH A O   1 
HETATM 1357 O O   . HOH B 2 .   ? 35.569  -4.561  3.895   1.00 23.71  ? 2192 HOH A O   1 
HETATM 1358 O O   . HOH B 2 .   ? 37.454  1.209   6.745   1.00 28.02  ? 2193 HOH A O   1 
HETATM 1359 O O   . HOH B 2 .   ? 43.323  -11.600 10.039  1.00 31.92  ? 2194 HOH A O   1 
HETATM 1360 O O   . HOH B 2 .   ? 43.893  -13.282 8.054   1.00 53.87  ? 2195 HOH A O   1 
HETATM 1361 O O   . HOH B 2 .   ? 46.470  -5.497  7.196   1.00 18.72  ? 2196 HOH A O   1 
HETATM 1362 O O   . HOH B 2 .   ? 42.654  -1.695  3.069   1.00 43.09  ? 2197 HOH A O   1 
HETATM 1363 O O   . HOH B 2 .   ? 45.668  -11.651 11.784  1.00 39.17  ? 2198 HOH A O   1 
HETATM 1364 O O   . HOH B 2 .   ? 41.282  -13.570 17.612  1.00 44.55  ? 2199 HOH A O   1 
HETATM 1365 O O   . HOH B 2 .   ? 42.818  -14.028 13.653  1.00 39.45  ? 2200 HOH A O   1 
# 
loop_
_pdbx_poly_seq_scheme.asym_id 
_pdbx_poly_seq_scheme.entity_id 
_pdbx_poly_seq_scheme.seq_id 
_pdbx_poly_seq_scheme.mon_id 
_pdbx_poly_seq_scheme.ndb_seq_num 
_pdbx_poly_seq_scheme.pdb_seq_num 
_pdbx_poly_seq_scheme.auth_seq_num 
_pdbx_poly_seq_scheme.pdb_mon_id 
_pdbx_poly_seq_scheme.auth_mon_id 
_pdbx_poly_seq_scheme.pdb_strand_id 
_pdbx_poly_seq_scheme.pdb_ins_code 
_pdbx_poly_seq_scheme.hetero 
A 1 1   MET 1   215 ?   ?   ?   A . n 
A 1 2   GLY 2   216 ?   ?   ?   A . n 
A 1 3   SER 3   217 ?   ?   ?   A . n 
A 1 4   SER 4   218 ?   ?   ?   A . n 
A 1 5   HIS 5   219 ?   ?   ?   A . n 
A 1 6   HIS 6   220 ?   ?   ?   A . n 
A 1 7   HIS 7   221 ?   ?   ?   A . n 
A 1 8   HIS 8   222 ?   ?   ?   A . n 
A 1 9   HIS 9   223 ?   ?   ?   A . n 
A 1 10  HIS 10  224 ?   ?   ?   A . n 
A 1 11  SER 11  225 ?   ?   ?   A . n 
A 1 12  SER 12  226 ?   ?   ?   A . n 
A 1 13  GLY 13  227 ?   ?   ?   A . n 
A 1 14  LEU 14  228 ?   ?   ?   A . n 
A 1 15  VAL 15  229 ?   ?   ?   A . n 
A 1 16  PRO 16  230 ?   ?   ?   A . n 
A 1 17  ARG 17  231 ?   ?   ?   A . n 
A 1 18  GLY 18  232 ?   ?   ?   A . n 
A 1 19  SER 19  233 ?   ?   ?   A . n 
A 1 20  HIS 20  234 ?   ?   ?   A . n 
A 1 21  ASN 21  235 235 ASN ASN A . n 
A 1 22  ALA 22  236 236 ALA ALA A . n 
A 1 23  VAL 23  237 237 VAL VAL A . n 
A 1 24  ASN 24  238 238 ASN ASN A . n 
A 1 25  ILE 25  239 239 ILE ILE A . n 
A 1 26  VAL 26  240 240 VAL VAL A . n 
A 1 27  MET 27  241 241 MET MET A . n 
A 1 28  ARG 28  242 242 ARG ARG A . n 
A 1 29  GLN 29  243 243 GLN GLN A . n 
A 1 30  PRO 30  244 244 PRO PRO A . n 
A 1 31  THR 31  245 245 THR THR A . n 
A 1 32  THR 32  246 246 THR THR A . n 
A 1 33  PRO 33  247 247 PRO PRO A . n 
A 1 34  ASN 34  248 248 ASN ASN A . n 
A 1 35  PHE 35  249 249 PHE PHE A . n 
A 1 36  SER 36  250 250 SER SER A . n 
A 1 37  SER 37  251 251 SER SER A . n 
A 1 38  ALA 38  252 252 ALA ALA A . n 
A 1 39  LEU 39  253 253 LEU LEU A . n 
A 1 40  ASN 40  254 254 ASN ASN A . n 
A 1 41  ILE 41  255 255 ILE ILE A . n 
A 1 42  THR 42  256 256 THR THR A . n 
A 1 43  SER 43  257 257 SER SER A . n 
A 1 44  ALA 44  258 258 ALA ALA A . n 
A 1 45  ASN 45  259 259 ASN ASN A . n 
A 1 46  GLU 46  260 260 GLU GLU A . n 
A 1 47  GLY 47  261 261 GLY GLY A . n 
A 1 48  GLY 48  262 262 GLY GLY A . n 
A 1 49  SER 49  263 263 SER SER A . n 
A 1 50  ALA 50  264 264 ALA ALA A . n 
A 1 51  MET 51  265 265 MET MET A . n 
A 1 52  GLN 52  266 266 GLN GLN A . n 
A 1 53  ILE 53  267 267 ILE ILE A . n 
A 1 54  ARG 54  268 268 ARG ARG A . n 
A 1 55  GLY 55  269 269 GLY GLY A . n 
A 1 56  VAL 56  270 270 VAL VAL A . n 
A 1 57  GLU 57  271 271 GLU GLU A . n 
A 1 58  LYS 58  272 272 LYS LYS A . n 
A 1 59  ALA 59  273 273 ALA ALA A . n 
A 1 60  LEU 60  274 274 LEU LEU A . n 
A 1 61  GLY 61  275 275 GLY GLY A . n 
A 1 62  THR 62  276 276 THR THR A . n 
A 1 63  LEU 63  277 277 LEU LEU A . n 
A 1 64  LYS 64  278 278 LYS LYS A . n 
A 1 65  ILE 65  279 279 ILE ILE A . n 
A 1 66  THR 66  280 280 THR THR A . n 
A 1 67  HIS 67  281 281 HIS HIS A . n 
A 1 68  GLU 68  282 282 GLU GLU A . n 
A 1 69  ASN 69  283 283 ASN ASN A . n 
A 1 70  PRO 70  284 284 PRO PRO A . n 
A 1 71  SER 71  285 285 SER SER A . n 
A 1 72  VAL 72  286 286 VAL VAL A . n 
A 1 73  ASP 73  287 287 ASP ASP A . n 
A 1 74  LYS 74  288 288 LYS LYS A . n 
A 1 75  GLU 75  289 289 GLU GLU A . n 
A 1 76  TYR 76  290 290 TYR TYR A . n 
A 1 77  ASP 77  291 291 ASP ASP A . n 
A 1 78  LYS 78  292 292 LYS LYS A . n 
A 1 79  ASN 79  293 293 ASN ASN A . n 
A 1 80  ALA 80  294 294 ALA ALA A . n 
A 1 81  ALA 81  295 295 ALA ALA A . n 
A 1 82  ALA 82  296 296 ALA ALA A . n 
A 1 83  LEU 83  297 297 LEU LEU A . n 
A 1 84  SER 84  298 298 SER SER A . n 
A 1 85  ILE 85  299 299 ILE ILE A . n 
A 1 86  ASP 86  300 300 ASP ASP A . n 
A 1 87  ILE 87  301 301 ILE ILE A . n 
A 1 88  VAL 88  302 302 VAL VAL A . n 
A 1 89  LYS 89  303 303 LYS LYS A . n 
A 1 90  LYS 90  304 304 LYS LYS A . n 
A 1 91  GLN 91  305 305 GLN GLN A . n 
A 1 92  LYS 92  306 306 LYS LYS A . n 
A 1 93  GLY 93  307 307 GLY GLY A . n 
A 1 94  GLY 94  308 308 GLY GLY A . n 
A 1 95  LYS 95  309 309 LYS LYS A . n 
A 1 96  GLY 96  310 310 GLY GLY A . n 
A 1 97  THR 97  311 311 THR THR A . n 
A 1 98  ALA 98  312 312 ALA ALA A . n 
A 1 99  ALA 99  313 313 ALA ALA A . n 
A 1 100 GLN 100 314 314 GLN GLN A . n 
A 1 101 GLY 101 315 315 GLY GLY A . n 
A 1 102 ILE 102 316 316 ILE ILE A . n 
A 1 103 TYR 103 317 317 TYR TYR A . n 
A 1 104 ILE 104 318 318 ILE ILE A . n 
A 1 105 ASN 105 319 319 ASN ASN A . n 
A 1 106 SER 106 320 320 SER SER A . n 
A 1 107 THR 107 321 321 THR THR A . n 
A 1 108 SER 108 322 322 SER SER A . n 
A 1 109 GLY 109 323 323 GLY GLY A . n 
A 1 110 THR 110 324 324 THR THR A . n 
A 1 111 THR 111 325 325 THR THR A . n 
A 1 112 GLY 112 326 326 GLY GLY A . n 
A 1 113 LYS 113 327 327 LYS LYS A . n 
A 1 114 LEU 114 328 328 LEU LEU A . n 
A 1 115 LEU 115 329 329 LEU LEU A . n 
A 1 116 ARG 116 330 330 ARG ARG A . n 
A 1 117 ILE 117 331 331 ILE ILE A . n 
A 1 118 ARG 118 332 332 ARG ARG A . n 
A 1 119 ASN 119 333 333 ASN ASN A . n 
A 1 120 LEU 120 334 334 LEU LEU A . n 
A 1 121 ASN 121 335 335 ASN ASN A . n 
A 1 122 ASP 122 336 336 ASP ASP A . n 
A 1 123 ASP 123 337 337 ASP ASP A . n 
A 1 124 LYS 124 338 338 LYS LYS A . n 
A 1 125 PHE 125 339 339 PHE PHE A . n 
A 1 126 TYR 126 340 340 TYR TYR A . n 
A 1 127 VAL 127 341 341 VAL VAL A . n 
A 1 128 LYS 128 342 342 LYS LYS A . n 
A 1 129 PRO 129 343 343 PRO PRO A . n 
A 1 130 ASP 130 344 344 ASP ASP A . n 
A 1 131 GLY 131 345 345 GLY GLY A . n 
A 1 132 GLY 132 346 346 GLY GLY A . n 
A 1 133 PHE 133 347 347 PHE PHE A . n 
A 1 134 TYR 134 348 348 TYR TYR A . n 
A 1 135 ALA 135 349 349 ALA ALA A . n 
A 1 136 LYS 136 350 350 LYS LYS A . n 
A 1 137 GLU 137 351 351 GLU GLU A . n 
A 1 138 THR 138 352 352 THR THR A . n 
A 1 139 SER 139 353 353 SER SER A . n 
A 1 140 GLN 140 354 354 GLN GLN A . n 
A 1 141 ILE 141 355 355 ILE ILE A . n 
A 1 142 ASP 142 356 356 ASP ASP A . n 
A 1 143 GLY 143 357 357 GLY GLY A . n 
A 1 144 ASN 144 358 358 ASN ASN A . n 
A 1 145 LEU 145 359 359 LEU LEU A . n 
A 1 146 LYS 146 360 360 LYS LYS A . n 
A 1 147 LEU 147 361 361 LEU LEU A . n 
A 1 148 LYS 148 362 362 LYS LYS A . n 
A 1 149 ASP 149 363 363 ASP ASP A . n 
A 1 150 PRO 150 364 364 PRO PRO A . n 
A 1 151 ILE 151 365 365 ILE ILE A . n 
A 1 152 ALA 152 366 366 ALA ALA A . n 
A 1 153 ASN 153 367 367 ASN ASN A . n 
A 1 154 ASP 154 368 368 ASP ASP A . n 
A 1 155 HIS 155 369 369 HIS HIS A . n 
A 1 156 ALA 156 370 370 ALA ALA A . n 
A 1 157 ALA 157 371 371 ALA ALA A . n 
A 1 158 THR 158 372 372 THR THR A . n 
A 1 159 LYS 159 373 373 LYS LYS A . n 
A 1 160 ALA 160 374 374 ALA ALA A . n 
A 1 161 TYR 161 375 375 TYR TYR A . n 
A 1 162 VAL 162 376 376 VAL VAL A . n 
A 1 163 ASP 163 377 377 ASP ASP A . n 
A 1 164 GLY 164 378 378 GLY GLY A . n 
A 1 165 GLU 165 379 379 GLU GLU A . n 
A 1 166 VAL 166 380 380 VAL VAL A . n 
A 1 167 GLU 167 381 381 GLU GLU A . n 
A 1 168 LYS 168 382 382 LYS LYS A . n 
A 1 169 LEU 169 383 383 LEU LEU A . n 
A 1 170 LYS 170 384 384 LYS LYS A . n 
A 1 171 ALA 171 385 385 ALA ALA A . n 
A 1 172 LEU 172 386 386 LEU LEU A . n 
A 1 173 LEU 173 387 ?   ?   ?   A . n 
A 1 174 ALA 174 388 ?   ?   ?   A . n 
A 1 175 ALA 175 389 ?   ?   ?   A . n 
A 1 176 LYS 176 390 ?   ?   ?   A . n 
A 1 177 GLN 177 391 ?   ?   ?   A . n 
A 1 178 MET 178 392 ?   ?   ?   A . n 
# 
loop_
_pdbx_nonpoly_scheme.asym_id 
_pdbx_nonpoly_scheme.entity_id 
_pdbx_nonpoly_scheme.mon_id 
_pdbx_nonpoly_scheme.ndb_seq_num 
_pdbx_nonpoly_scheme.pdb_seq_num 
_pdbx_nonpoly_scheme.auth_seq_num 
_pdbx_nonpoly_scheme.pdb_mon_id 
_pdbx_nonpoly_scheme.auth_mon_id 
_pdbx_nonpoly_scheme.pdb_strand_id 
_pdbx_nonpoly_scheme.pdb_ins_code 
B 2 HOH 1   2001 2001 HOH HOH A . 
B 2 HOH 2   2002 2002 HOH HOH A . 
B 2 HOH 3   2003 2003 HOH HOH A . 
B 2 HOH 4   2004 2004 HOH HOH A . 
B 2 HOH 5   2005 2005 HOH HOH A . 
B 2 HOH 6   2006 2006 HOH HOH A . 
B 2 HOH 7   2007 2007 HOH HOH A . 
B 2 HOH 8   2008 2008 HOH HOH A . 
B 2 HOH 9   2009 2009 HOH HOH A . 
B 2 HOH 10  2010 2010 HOH HOH A . 
B 2 HOH 11  2011 2011 HOH HOH A . 
B 2 HOH 12  2012 2012 HOH HOH A . 
B 2 HOH 13  2013 2013 HOH HOH A . 
B 2 HOH 14  2014 2014 HOH HOH A . 
B 2 HOH 15  2015 2015 HOH HOH A . 
B 2 HOH 16  2016 2016 HOH HOH A . 
B 2 HOH 17  2017 2017 HOH HOH A . 
B 2 HOH 18  2018 2018 HOH HOH A . 
B 2 HOH 19  2019 2019 HOH HOH A . 
B 2 HOH 20  2020 2020 HOH HOH A . 
B 2 HOH 21  2021 2021 HOH HOH A . 
B 2 HOH 22  2022 2022 HOH HOH A . 
B 2 HOH 23  2023 2023 HOH HOH A . 
B 2 HOH 24  2024 2024 HOH HOH A . 
B 2 HOH 25  2025 2025 HOH HOH A . 
B 2 HOH 26  2026 2026 HOH HOH A . 
B 2 HOH 27  2027 2027 HOH HOH A . 
B 2 HOH 28  2028 2028 HOH HOH A . 
B 2 HOH 29  2029 2029 HOH HOH A . 
B 2 HOH 30  2030 2030 HOH HOH A . 
B 2 HOH 31  2031 2031 HOH HOH A . 
B 2 HOH 32  2032 2032 HOH HOH A . 
B 2 HOH 33  2033 2033 HOH HOH A . 
B 2 HOH 34  2034 2034 HOH HOH A . 
B 2 HOH 35  2035 2035 HOH HOH A . 
B 2 HOH 36  2036 2036 HOH HOH A . 
B 2 HOH 37  2037 2037 HOH HOH A . 
B 2 HOH 38  2038 2038 HOH HOH A . 
B 2 HOH 39  2039 2039 HOH HOH A . 
B 2 HOH 40  2040 2040 HOH HOH A . 
B 2 HOH 41  2041 2041 HOH HOH A . 
B 2 HOH 42  2042 2042 HOH HOH A . 
B 2 HOH 43  2043 2043 HOH HOH A . 
B 2 HOH 44  2044 2044 HOH HOH A . 
B 2 HOH 45  2045 2045 HOH HOH A . 
B 2 HOH 46  2046 2046 HOH HOH A . 
B 2 HOH 47  2047 2047 HOH HOH A . 
B 2 HOH 48  2048 2048 HOH HOH A . 
B 2 HOH 49  2049 2049 HOH HOH A . 
B 2 HOH 50  2050 2050 HOH HOH A . 
B 2 HOH 51  2051 2051 HOH HOH A . 
B 2 HOH 52  2052 2052 HOH HOH A . 
B 2 HOH 53  2053 2053 HOH HOH A . 
B 2 HOH 54  2054 2054 HOH HOH A . 
B 2 HOH 55  2055 2055 HOH HOH A . 
B 2 HOH 56  2056 2056 HOH HOH A . 
B 2 HOH 57  2057 2057 HOH HOH A . 
B 2 HOH 58  2058 2058 HOH HOH A . 
B 2 HOH 59  2059 2059 HOH HOH A . 
B 2 HOH 60  2060 2060 HOH HOH A . 
B 2 HOH 61  2061 2061 HOH HOH A . 
B 2 HOH 62  2062 2062 HOH HOH A . 
B 2 HOH 63  2063 2063 HOH HOH A . 
B 2 HOH 64  2064 2064 HOH HOH A . 
B 2 HOH 65  2065 2065 HOH HOH A . 
B 2 HOH 66  2066 2066 HOH HOH A . 
B 2 HOH 67  2067 2067 HOH HOH A . 
B 2 HOH 68  2068 2068 HOH HOH A . 
B 2 HOH 69  2069 2069 HOH HOH A . 
B 2 HOH 70  2070 2070 HOH HOH A . 
B 2 HOH 71  2071 2071 HOH HOH A . 
B 2 HOH 72  2072 2072 HOH HOH A . 
B 2 HOH 73  2073 2073 HOH HOH A . 
B 2 HOH 74  2074 2074 HOH HOH A . 
B 2 HOH 75  2075 2075 HOH HOH A . 
B 2 HOH 76  2076 2076 HOH HOH A . 
B 2 HOH 77  2077 2077 HOH HOH A . 
B 2 HOH 78  2078 2078 HOH HOH A . 
B 2 HOH 79  2079 2079 HOH HOH A . 
B 2 HOH 80  2080 2080 HOH HOH A . 
B 2 HOH 81  2081 2081 HOH HOH A . 
B 2 HOH 82  2082 2082 HOH HOH A . 
B 2 HOH 83  2083 2083 HOH HOH A . 
B 2 HOH 84  2084 2084 HOH HOH A . 
B 2 HOH 85  2085 2085 HOH HOH A . 
B 2 HOH 86  2086 2086 HOH HOH A . 
B 2 HOH 87  2087 2087 HOH HOH A . 
B 2 HOH 88  2088 2088 HOH HOH A . 
B 2 HOH 89  2089 2089 HOH HOH A . 
B 2 HOH 90  2090 2090 HOH HOH A . 
B 2 HOH 91  2091 2091 HOH HOH A . 
B 2 HOH 92  2092 2092 HOH HOH A . 
B 2 HOH 93  2093 2093 HOH HOH A . 
B 2 HOH 94  2094 2094 HOH HOH A . 
B 2 HOH 95  2095 2095 HOH HOH A . 
B 2 HOH 96  2096 2096 HOH HOH A . 
B 2 HOH 97  2097 2097 HOH HOH A . 
B 2 HOH 98  2098 2098 HOH HOH A . 
B 2 HOH 99  2099 2099 HOH HOH A . 
B 2 HOH 100 2100 2100 HOH HOH A . 
B 2 HOH 101 2101 2101 HOH HOH A . 
B 2 HOH 102 2102 2102 HOH HOH A . 
B 2 HOH 103 2103 2103 HOH HOH A . 
B 2 HOH 104 2104 2104 HOH HOH A . 
B 2 HOH 105 2105 2105 HOH HOH A . 
B 2 HOH 106 2106 2106 HOH HOH A . 
B 2 HOH 107 2107 2107 HOH HOH A . 
B 2 HOH 108 2108 2108 HOH HOH A . 
B 2 HOH 109 2109 2109 HOH HOH A . 
B 2 HOH 110 2110 2110 HOH HOH A . 
B 2 HOH 111 2111 2111 HOH HOH A . 
B 2 HOH 112 2112 2112 HOH HOH A . 
B 2 HOH 113 2113 2113 HOH HOH A . 
B 2 HOH 114 2114 2114 HOH HOH A . 
B 2 HOH 115 2115 2115 HOH HOH A . 
B 2 HOH 116 2116 2116 HOH HOH A . 
B 2 HOH 117 2117 2117 HOH HOH A . 
B 2 HOH 118 2118 2118 HOH HOH A . 
B 2 HOH 119 2119 2119 HOH HOH A . 
B 2 HOH 120 2120 2120 HOH HOH A . 
B 2 HOH 121 2121 2121 HOH HOH A . 
B 2 HOH 122 2122 2122 HOH HOH A . 
B 2 HOH 123 2123 2123 HOH HOH A . 
B 2 HOH 124 2124 2124 HOH HOH A . 
B 2 HOH 125 2125 2125 HOH HOH A . 
B 2 HOH 126 2126 2126 HOH HOH A . 
B 2 HOH 127 2127 2127 HOH HOH A . 
B 2 HOH 128 2128 2128 HOH HOH A . 
B 2 HOH 129 2129 2129 HOH HOH A . 
B 2 HOH 130 2130 2130 HOH HOH A . 
B 2 HOH 131 2131 2131 HOH HOH A . 
B 2 HOH 132 2132 2132 HOH HOH A . 
B 2 HOH 133 2133 2133 HOH HOH A . 
B 2 HOH 134 2134 2134 HOH HOH A . 
B 2 HOH 135 2135 2135 HOH HOH A . 
B 2 HOH 136 2136 2136 HOH HOH A . 
B 2 HOH 137 2137 2137 HOH HOH A . 
B 2 HOH 138 2138 2138 HOH HOH A . 
B 2 HOH 139 2139 2139 HOH HOH A . 
B 2 HOH 140 2140 2140 HOH HOH A . 
B 2 HOH 141 2141 2141 HOH HOH A . 
B 2 HOH 142 2142 2142 HOH HOH A . 
B 2 HOH 143 2143 2143 HOH HOH A . 
B 2 HOH 144 2144 2144 HOH HOH A . 
B 2 HOH 145 2145 2145 HOH HOH A . 
B 2 HOH 146 2146 2146 HOH HOH A . 
B 2 HOH 147 2147 2147 HOH HOH A . 
B 2 HOH 148 2148 2148 HOH HOH A . 
B 2 HOH 149 2149 2149 HOH HOH A . 
B 2 HOH 150 2150 2150 HOH HOH A . 
B 2 HOH 151 2151 2151 HOH HOH A . 
B 2 HOH 152 2152 2152 HOH HOH A . 
B 2 HOH 153 2153 2153 HOH HOH A . 
B 2 HOH 154 2154 2154 HOH HOH A . 
B 2 HOH 155 2155 2155 HOH HOH A . 
B 2 HOH 156 2156 2156 HOH HOH A . 
B 2 HOH 157 2157 2157 HOH HOH A . 
B 2 HOH 158 2158 2158 HOH HOH A . 
B 2 HOH 159 2159 2159 HOH HOH A . 
B 2 HOH 160 2160 2160 HOH HOH A . 
B 2 HOH 161 2161 2161 HOH HOH A . 
B 2 HOH 162 2162 2162 HOH HOH A . 
B 2 HOH 163 2163 2163 HOH HOH A . 
B 2 HOH 164 2164 2164 HOH HOH A . 
B 2 HOH 165 2165 2165 HOH HOH A . 
B 2 HOH 166 2166 2166 HOH HOH A . 
B 2 HOH 167 2167 2167 HOH HOH A . 
B 2 HOH 168 2168 2168 HOH HOH A . 
B 2 HOH 169 2169 2169 HOH HOH A . 
B 2 HOH 170 2170 2170 HOH HOH A . 
B 2 HOH 171 2171 2171 HOH HOH A . 
B 2 HOH 172 2172 2172 HOH HOH A . 
B 2 HOH 173 2173 2173 HOH HOH A . 
B 2 HOH 174 2174 2174 HOH HOH A . 
B 2 HOH 175 2175 2175 HOH HOH A . 
B 2 HOH 176 2176 2176 HOH HOH A . 
B 2 HOH 177 2177 2177 HOH HOH A . 
B 2 HOH 178 2178 2178 HOH HOH A . 
B 2 HOH 179 2179 2179 HOH HOH A . 
B 2 HOH 180 2180 2180 HOH HOH A . 
B 2 HOH 181 2181 2181 HOH HOH A . 
B 2 HOH 182 2182 2182 HOH HOH A . 
B 2 HOH 183 2183 2183 HOH HOH A . 
B 2 HOH 184 2184 2184 HOH HOH A . 
B 2 HOH 185 2185 2185 HOH HOH A . 
B 2 HOH 186 2186 2186 HOH HOH A . 
B 2 HOH 187 2187 2187 HOH HOH A . 
B 2 HOH 188 2188 2188 HOH HOH A . 
B 2 HOH 189 2189 2189 HOH HOH A . 
B 2 HOH 190 2190 2190 HOH HOH A . 
B 2 HOH 191 2191 2191 HOH HOH A . 
B 2 HOH 192 2192 2192 HOH HOH A . 
B 2 HOH 193 2193 2193 HOH HOH A . 
B 2 HOH 194 2194 2194 HOH HOH A . 
B 2 HOH 195 2195 2195 HOH HOH A . 
B 2 HOH 196 2196 2196 HOH HOH A . 
B 2 HOH 197 2197 2197 HOH HOH A . 
B 2 HOH 198 2198 2198 HOH HOH A . 
B 2 HOH 199 2199 2199 HOH HOH A . 
B 2 HOH 200 2200 2200 HOH HOH A . 
# 
_pdbx_struct_assembly.id                   1 
_pdbx_struct_assembly.details              author_and_software_defined_assembly 
_pdbx_struct_assembly.method_details       PISA 
_pdbx_struct_assembly.oligomeric_details   trimeric 
_pdbx_struct_assembly.oligomeric_count     3 
# 
_pdbx_struct_assembly_gen.assembly_id       1 
_pdbx_struct_assembly_gen.oper_expression   1,2,3 
_pdbx_struct_assembly_gen.asym_id_list      A,B 
# 
loop_
_pdbx_struct_assembly_prop.biol_id 
_pdbx_struct_assembly_prop.type 
_pdbx_struct_assembly_prop.value 
_pdbx_struct_assembly_prop.details 
1 'ABSA (A^2)' 28510   ? 
1 MORE         -116.97 ? 
1 'SSA (A^2)'  17830   ? 
# 
loop_
_pdbx_struct_oper_list.id 
_pdbx_struct_oper_list.type 
_pdbx_struct_oper_list.name 
_pdbx_struct_oper_list.symmetry_operation 
_pdbx_struct_oper_list.matrix[1][1] 
_pdbx_struct_oper_list.matrix[1][2] 
_pdbx_struct_oper_list.matrix[1][3] 
_pdbx_struct_oper_list.vector[1] 
_pdbx_struct_oper_list.matrix[2][1] 
_pdbx_struct_oper_list.matrix[2][2] 
_pdbx_struct_oper_list.matrix[2][3] 
_pdbx_struct_oper_list.vector[2] 
_pdbx_struct_oper_list.matrix[3][1] 
_pdbx_struct_oper_list.matrix[3][2] 
_pdbx_struct_oper_list.matrix[3][3] 
_pdbx_struct_oper_list.vector[3] 
1 'identity operation'         1_555 x,y,z        1.0000000000 0.0000000000  0.0000000000 0.0000000000 0.0000000000  1.0000000000  0.0000000000  0.0000000000  0.0000000000 0.0000000000  1.0000000000  0.0000000000  
2 'crystal symmetry operation' 3_565 -x+y,-x+1,z  0.8047427682 -0.3808493414 0.4553491587 0.4122680700 0.2377517883  -0.4960764470 -0.8350941539 -0.9400344106 0.5439330513 0.7802960579  -0.3086663212 -1.2111935725 
3 'crystal symmetry operation' 2_665 -y+1,x-y+1,z 0.8047427682 0.2377517883  0.5439330513 0.5505333301 -0.3808493414 -0.4960764470 0.7802960579  0.6357726629  0.4553491587 -0.8350941539 -0.3086663212 -1.3465978244 
# 
loop_
_pdbx_struct_special_symmetry.id 
_pdbx_struct_special_symmetry.PDB_model_num 
_pdbx_struct_special_symmetry.auth_asym_id 
_pdbx_struct_special_symmetry.auth_comp_id 
_pdbx_struct_special_symmetry.auth_seq_id 
_pdbx_struct_special_symmetry.PDB_ins_code 
_pdbx_struct_special_symmetry.label_asym_id 
_pdbx_struct_special_symmetry.label_comp_id 
_pdbx_struct_special_symmetry.label_seq_id 
1 1 A HOH 2048 ? B HOH . 
2 1 A HOH 2110 ? B HOH . 
3 1 A HOH 2111 ? B HOH . 
# 
loop_
_pdbx_audit_revision_history.ordinal 
_pdbx_audit_revision_history.data_content_type 
_pdbx_audit_revision_history.major_revision 
_pdbx_audit_revision_history.minor_revision 
_pdbx_audit_revision_history.revision_date 
1 'Structure model' 1 0 2009-09-01 
2 'Structure model' 1 1 2011-05-08 
3 'Structure model' 1 2 2011-07-13 
4 'Structure model' 1 3 2023-12-13 
# 
_pdbx_audit_revision_details.ordinal             1 
_pdbx_audit_revision_details.revision_ordinal    1 
_pdbx_audit_revision_details.data_content_type   'Structure model' 
_pdbx_audit_revision_details.provider            repository 
_pdbx_audit_revision_details.type                'Initial release' 
_pdbx_audit_revision_details.description         ? 
_pdbx_audit_revision_details.details             ? 
# 
loop_
_pdbx_audit_revision_group.ordinal 
_pdbx_audit_revision_group.revision_ordinal 
_pdbx_audit_revision_group.data_content_type 
_pdbx_audit_revision_group.group 
1 2 'Structure model' 'Version format compliance' 
2 3 'Structure model' 'Version format compliance' 
3 4 'Structure model' 'Data collection'           
4 4 'Structure model' 'Database references'       
5 4 'Structure model' Other                       
6 4 'Structure model' 'Refinement description'    
# 
loop_
_pdbx_audit_revision_category.ordinal 
_pdbx_audit_revision_category.revision_ordinal 
_pdbx_audit_revision_category.data_content_type 
_pdbx_audit_revision_category.category 
1 4 'Structure model' chem_comp_atom                
2 4 'Structure model' chem_comp_bond                
3 4 'Structure model' database_2                    
4 4 'Structure model' pdbx_database_status          
5 4 'Structure model' pdbx_initial_refinement_model 
# 
loop_
_pdbx_audit_revision_item.ordinal 
_pdbx_audit_revision_item.revision_ordinal 
_pdbx_audit_revision_item.data_content_type 
_pdbx_audit_revision_item.item 
1 4 'Structure model' '_database_2.pdbx_DOI'                 
2 4 'Structure model' '_database_2.pdbx_database_accession'  
3 4 'Structure model' '_pdbx_database_status.status_code_sf' 
# 
loop_
_software.name 
_software.classification 
_software.version 
_software.citation_id 
_software.pdbx_ordinal 
REFMAC    refinement       5.5.0082 ? 1 
DENZO     'data reduction' .        ? 2 
SCALEPACK 'data scaling'   .        ? 3 
AMoRE     phasing          .        ? 4 
# 
_pdbx_entry_details.entry_id                 2WH7 
_pdbx_entry_details.compound_details         ? 
_pdbx_entry_details.source_details           ? 
_pdbx_entry_details.nonpolymer_details       ? 
_pdbx_entry_details.sequence_details         
;THIS STRUCTURE IS A FRAGMENT, THE N-TERMINAL PORTION IS
MISSING, THE STRUCTURE BEGINS AS RESIDUE 235
;
_pdbx_entry_details.has_ligand_of_interest   ? 
# 
_pdbx_validate_torsion.id              1 
_pdbx_validate_torsion.PDB_model_num   1 
_pdbx_validate_torsion.auth_comp_id    ALA 
_pdbx_validate_torsion.auth_asym_id    A 
_pdbx_validate_torsion.auth_seq_id     273 
_pdbx_validate_torsion.PDB_ins_code    ? 
_pdbx_validate_torsion.label_alt_id    ? 
_pdbx_validate_torsion.phi             -142.70 
_pdbx_validate_torsion.psi             24.76 
# 
loop_
_pdbx_distant_solvent_atoms.id 
_pdbx_distant_solvent_atoms.PDB_model_num 
_pdbx_distant_solvent_atoms.auth_atom_id 
_pdbx_distant_solvent_atoms.label_alt_id 
_pdbx_distant_solvent_atoms.auth_asym_id 
_pdbx_distant_solvent_atoms.auth_comp_id 
_pdbx_distant_solvent_atoms.auth_seq_id 
_pdbx_distant_solvent_atoms.PDB_ins_code 
_pdbx_distant_solvent_atoms.neighbor_macromolecule_distance 
_pdbx_distant_solvent_atoms.neighbor_ligand_distance 
1 1 O ? A HOH 2142 ? 6.24 . 
2 1 O ? A HOH 2153 ? 7.01 . 
3 1 O ? A HOH 2162 ? 6.67 . 
4 1 O ? A HOH 2163 ? 7.48 . 
5 1 O ? A HOH 2165 ? 6.99 . 
6 1 O ? A HOH 2166 ? 7.88 . 
7 1 O ? A HOH 2183 ? 7.57 . 
# 
loop_
_pdbx_unobs_or_zero_occ_atoms.id 
_pdbx_unobs_or_zero_occ_atoms.PDB_model_num 
_pdbx_unobs_or_zero_occ_atoms.polymer_flag 
_pdbx_unobs_or_zero_occ_atoms.occupancy_flag 
_pdbx_unobs_or_zero_occ_atoms.auth_asym_id 
_pdbx_unobs_or_zero_occ_atoms.auth_comp_id 
_pdbx_unobs_or_zero_occ_atoms.auth_seq_id 
_pdbx_unobs_or_zero_occ_atoms.PDB_ins_code 
_pdbx_unobs_or_zero_occ_atoms.auth_atom_id 
_pdbx_unobs_or_zero_occ_atoms.label_alt_id 
_pdbx_unobs_or_zero_occ_atoms.label_asym_id 
_pdbx_unobs_or_zero_occ_atoms.label_comp_id 
_pdbx_unobs_or_zero_occ_atoms.label_seq_id 
_pdbx_unobs_or_zero_occ_atoms.label_atom_id 
1 1 Y 1 A GLN 305 ? CG  ? A GLN 91 CG  
2 1 Y 1 A GLN 305 ? CD  ? A GLN 91 CD  
3 1 Y 1 A GLN 305 ? OE1 ? A GLN 91 OE1 
4 1 Y 1 A GLN 305 ? NE2 ? A GLN 91 NE2 
# 
loop_
_pdbx_unobs_or_zero_occ_residues.id 
_pdbx_unobs_or_zero_occ_residues.PDB_model_num 
_pdbx_unobs_or_zero_occ_residues.polymer_flag 
_pdbx_unobs_or_zero_occ_residues.occupancy_flag 
_pdbx_unobs_or_zero_occ_residues.auth_asym_id 
_pdbx_unobs_or_zero_occ_residues.auth_comp_id 
_pdbx_unobs_or_zero_occ_residues.auth_seq_id 
_pdbx_unobs_or_zero_occ_residues.PDB_ins_code 
_pdbx_unobs_or_zero_occ_residues.label_asym_id 
_pdbx_unobs_or_zero_occ_residues.label_comp_id 
_pdbx_unobs_or_zero_occ_residues.label_seq_id 
1  1 Y 1 A MET 215 ? A MET 1   
2  1 Y 1 A GLY 216 ? A GLY 2   
3  1 Y 1 A SER 217 ? A SER 3   
4  1 Y 1 A SER 218 ? A SER 4   
5  1 Y 1 A HIS 219 ? A HIS 5   
6  1 Y 1 A HIS 220 ? A HIS 6   
7  1 Y 1 A HIS 221 ? A HIS 7   
8  1 Y 1 A HIS 222 ? A HIS 8   
9  1 Y 1 A HIS 223 ? A HIS 9   
10 1 Y 1 A HIS 224 ? A HIS 10  
11 1 Y 1 A SER 225 ? A SER 11  
12 1 Y 1 A SER 226 ? A SER 12  
13 1 Y 1 A GLY 227 ? A GLY 13  
14 1 Y 1 A LEU 228 ? A LEU 14  
15 1 Y 1 A VAL 229 ? A VAL 15  
16 1 Y 1 A PRO 230 ? A PRO 16  
17 1 Y 1 A ARG 231 ? A ARG 17  
18 1 Y 1 A GLY 232 ? A GLY 18  
19 1 Y 1 A SER 233 ? A SER 19  
20 1 Y 1 A HIS 234 ? A HIS 20  
21 1 Y 1 A LEU 387 ? A LEU 173 
22 1 Y 1 A ALA 388 ? A ALA 174 
23 1 Y 1 A ALA 389 ? A ALA 175 
24 1 Y 1 A LYS 390 ? A LYS 176 
25 1 Y 1 A GLN 391 ? A GLN 177 
26 1 Y 1 A MET 392 ? A MET 178 
# 
loop_
_chem_comp_atom.comp_id 
_chem_comp_atom.atom_id 
_chem_comp_atom.type_symbol 
_chem_comp_atom.pdbx_aromatic_flag 
_chem_comp_atom.pdbx_stereo_config 
_chem_comp_atom.pdbx_ordinal 
ALA N    N N N 1   
ALA CA   C N S 2   
ALA C    C N N 3   
ALA O    O N N 4   
ALA CB   C N N 5   
ALA OXT  O N N 6   
ALA H    H N N 7   
ALA H2   H N N 8   
ALA HA   H N N 9   
ALA HB1  H N N 10  
ALA HB2  H N N 11  
ALA HB3  H N N 12  
ALA HXT  H N N 13  
ARG N    N N N 14  
ARG CA   C N S 15  
ARG C    C N N 16  
ARG O    O N N 17  
ARG CB   C N N 18  
ARG CG   C N N 19  
ARG CD   C N N 20  
ARG NE   N N N 21  
ARG CZ   C N N 22  
ARG NH1  N N N 23  
ARG NH2  N N N 24  
ARG OXT  O N N 25  
ARG H    H N N 26  
ARG H2   H N N 27  
ARG HA   H N N 28  
ARG HB2  H N N 29  
ARG HB3  H N N 30  
ARG HG2  H N N 31  
ARG HG3  H N N 32  
ARG HD2  H N N 33  
ARG HD3  H N N 34  
ARG HE   H N N 35  
ARG HH11 H N N 36  
ARG HH12 H N N 37  
ARG HH21 H N N 38  
ARG HH22 H N N 39  
ARG HXT  H N N 40  
ASN N    N N N 41  
ASN CA   C N S 42  
ASN C    C N N 43  
ASN O    O N N 44  
ASN CB   C N N 45  
ASN CG   C N N 46  
ASN OD1  O N N 47  
ASN ND2  N N N 48  
ASN OXT  O N N 49  
ASN H    H N N 50  
ASN H2   H N N 51  
ASN HA   H N N 52  
ASN HB2  H N N 53  
ASN HB3  H N N 54  
ASN HD21 H N N 55  
ASN HD22 H N N 56  
ASN HXT  H N N 57  
ASP N    N N N 58  
ASP CA   C N S 59  
ASP C    C N N 60  
ASP O    O N N 61  
ASP CB   C N N 62  
ASP CG   C N N 63  
ASP OD1  O N N 64  
ASP OD2  O N N 65  
ASP OXT  O N N 66  
ASP H    H N N 67  
ASP H2   H N N 68  
ASP HA   H N N 69  
ASP HB2  H N N 70  
ASP HB3  H N N 71  
ASP HD2  H N N 72  
ASP HXT  H N N 73  
GLN N    N N N 74  
GLN CA   C N S 75  
GLN C    C N N 76  
GLN O    O N N 77  
GLN CB   C N N 78  
GLN CG   C N N 79  
GLN CD   C N N 80  
GLN OE1  O N N 81  
GLN NE2  N N N 82  
GLN OXT  O N N 83  
GLN H    H N N 84  
GLN H2   H N N 85  
GLN HA   H N N 86  
GLN HB2  H N N 87  
GLN HB3  H N N 88  
GLN HG2  H N N 89  
GLN HG3  H N N 90  
GLN HE21 H N N 91  
GLN HE22 H N N 92  
GLN HXT  H N N 93  
GLU N    N N N 94  
GLU CA   C N S 95  
GLU C    C N N 96  
GLU O    O N N 97  
GLU CB   C N N 98  
GLU CG   C N N 99  
GLU CD   C N N 100 
GLU OE1  O N N 101 
GLU OE2  O N N 102 
GLU OXT  O N N 103 
GLU H    H N N 104 
GLU H2   H N N 105 
GLU HA   H N N 106 
GLU HB2  H N N 107 
GLU HB3  H N N 108 
GLU HG2  H N N 109 
GLU HG3  H N N 110 
GLU HE2  H N N 111 
GLU HXT  H N N 112 
GLY N    N N N 113 
GLY CA   C N N 114 
GLY C    C N N 115 
GLY O    O N N 116 
GLY OXT  O N N 117 
GLY H    H N N 118 
GLY H2   H N N 119 
GLY HA2  H N N 120 
GLY HA3  H N N 121 
GLY HXT  H N N 122 
HIS N    N N N 123 
HIS CA   C N S 124 
HIS C    C N N 125 
HIS O    O N N 126 
HIS CB   C N N 127 
HIS CG   C Y N 128 
HIS ND1  N Y N 129 
HIS CD2  C Y N 130 
HIS CE1  C Y N 131 
HIS NE2  N Y N 132 
HIS OXT  O N N 133 
HIS H    H N N 134 
HIS H2   H N N 135 
HIS HA   H N N 136 
HIS HB2  H N N 137 
HIS HB3  H N N 138 
HIS HD1  H N N 139 
HIS HD2  H N N 140 
HIS HE1  H N N 141 
HIS HE2  H N N 142 
HIS HXT  H N N 143 
HOH O    O N N 144 
HOH H1   H N N 145 
HOH H2   H N N 146 
ILE N    N N N 147 
ILE CA   C N S 148 
ILE C    C N N 149 
ILE O    O N N 150 
ILE CB   C N S 151 
ILE CG1  C N N 152 
ILE CG2  C N N 153 
ILE CD1  C N N 154 
ILE OXT  O N N 155 
ILE H    H N N 156 
ILE H2   H N N 157 
ILE HA   H N N 158 
ILE HB   H N N 159 
ILE HG12 H N N 160 
ILE HG13 H N N 161 
ILE HG21 H N N 162 
ILE HG22 H N N 163 
ILE HG23 H N N 164 
ILE HD11 H N N 165 
ILE HD12 H N N 166 
ILE HD13 H N N 167 
ILE HXT  H N N 168 
LEU N    N N N 169 
LEU CA   C N S 170 
LEU C    C N N 171 
LEU O    O N N 172 
LEU CB   C N N 173 
LEU CG   C N N 174 
LEU CD1  C N N 175 
LEU CD2  C N N 176 
LEU OXT  O N N 177 
LEU H    H N N 178 
LEU H2   H N N 179 
LEU HA   H N N 180 
LEU HB2  H N N 181 
LEU HB3  H N N 182 
LEU HG   H N N 183 
LEU HD11 H N N 184 
LEU HD12 H N N 185 
LEU HD13 H N N 186 
LEU HD21 H N N 187 
LEU HD22 H N N 188 
LEU HD23 H N N 189 
LEU HXT  H N N 190 
LYS N    N N N 191 
LYS CA   C N S 192 
LYS C    C N N 193 
LYS O    O N N 194 
LYS CB   C N N 195 
LYS CG   C N N 196 
LYS CD   C N N 197 
LYS CE   C N N 198 
LYS NZ   N N N 199 
LYS OXT  O N N 200 
LYS H    H N N 201 
LYS H2   H N N 202 
LYS HA   H N N 203 
LYS HB2  H N N 204 
LYS HB3  H N N 205 
LYS HG2  H N N 206 
LYS HG3  H N N 207 
LYS HD2  H N N 208 
LYS HD3  H N N 209 
LYS HE2  H N N 210 
LYS HE3  H N N 211 
LYS HZ1  H N N 212 
LYS HZ2  H N N 213 
LYS HZ3  H N N 214 
LYS HXT  H N N 215 
MET N    N N N 216 
MET CA   C N S 217 
MET C    C N N 218 
MET O    O N N 219 
MET CB   C N N 220 
MET CG   C N N 221 
MET SD   S N N 222 
MET CE   C N N 223 
MET OXT  O N N 224 
MET H    H N N 225 
MET H2   H N N 226 
MET HA   H N N 227 
MET HB2  H N N 228 
MET HB3  H N N 229 
MET HG2  H N N 230 
MET HG3  H N N 231 
MET HE1  H N N 232 
MET HE2  H N N 233 
MET HE3  H N N 234 
MET HXT  H N N 235 
PHE N    N N N 236 
PHE CA   C N S 237 
PHE C    C N N 238 
PHE O    O N N 239 
PHE CB   C N N 240 
PHE CG   C Y N 241 
PHE CD1  C Y N 242 
PHE CD2  C Y N 243 
PHE CE1  C Y N 244 
PHE CE2  C Y N 245 
PHE CZ   C Y N 246 
PHE OXT  O N N 247 
PHE H    H N N 248 
PHE H2   H N N 249 
PHE HA   H N N 250 
PHE HB2  H N N 251 
PHE HB3  H N N 252 
PHE HD1  H N N 253 
PHE HD2  H N N 254 
PHE HE1  H N N 255 
PHE HE2  H N N 256 
PHE HZ   H N N 257 
PHE HXT  H N N 258 
PRO N    N N N 259 
PRO CA   C N S 260 
PRO C    C N N 261 
PRO O    O N N 262 
PRO CB   C N N 263 
PRO CG   C N N 264 
PRO CD   C N N 265 
PRO OXT  O N N 266 
PRO H    H N N 267 
PRO HA   H N N 268 
PRO HB2  H N N 269 
PRO HB3  H N N 270 
PRO HG2  H N N 271 
PRO HG3  H N N 272 
PRO HD2  H N N 273 
PRO HD3  H N N 274 
PRO HXT  H N N 275 
SER N    N N N 276 
SER CA   C N S 277 
SER C    C N N 278 
SER O    O N N 279 
SER CB   C N N 280 
SER OG   O N N 281 
SER OXT  O N N 282 
SER H    H N N 283 
SER H2   H N N 284 
SER HA   H N N 285 
SER HB2  H N N 286 
SER HB3  H N N 287 
SER HG   H N N 288 
SER HXT  H N N 289 
THR N    N N N 290 
THR CA   C N S 291 
THR C    C N N 292 
THR O    O N N 293 
THR CB   C N R 294 
THR OG1  O N N 295 
THR CG2  C N N 296 
THR OXT  O N N 297 
THR H    H N N 298 
THR H2   H N N 299 
THR HA   H N N 300 
THR HB   H N N 301 
THR HG1  H N N 302 
THR HG21 H N N 303 
THR HG22 H N N 304 
THR HG23 H N N 305 
THR HXT  H N N 306 
TYR N    N N N 307 
TYR CA   C N S 308 
TYR C    C N N 309 
TYR O    O N N 310 
TYR CB   C N N 311 
TYR CG   C Y N 312 
TYR CD1  C Y N 313 
TYR CD2  C Y N 314 
TYR CE1  C Y N 315 
TYR CE2  C Y N 316 
TYR CZ   C Y N 317 
TYR OH   O N N 318 
TYR OXT  O N N 319 
TYR H    H N N 320 
TYR H2   H N N 321 
TYR HA   H N N 322 
TYR HB2  H N N 323 
TYR HB3  H N N 324 
TYR HD1  H N N 325 
TYR HD2  H N N 326 
TYR HE1  H N N 327 
TYR HE2  H N N 328 
TYR HH   H N N 329 
TYR HXT  H N N 330 
VAL N    N N N 331 
VAL CA   C N S 332 
VAL C    C N N 333 
VAL O    O N N 334 
VAL CB   C N N 335 
VAL CG1  C N N 336 
VAL CG2  C N N 337 
VAL OXT  O N N 338 
VAL H    H N N 339 
VAL H2   H N N 340 
VAL HA   H N N 341 
VAL HB   H N N 342 
VAL HG11 H N N 343 
VAL HG12 H N N 344 
VAL HG13 H N N 345 
VAL HG21 H N N 346 
VAL HG22 H N N 347 
VAL HG23 H N N 348 
VAL HXT  H N N 349 
# 
loop_
_chem_comp_bond.comp_id 
_chem_comp_bond.atom_id_1 
_chem_comp_bond.atom_id_2 
_chem_comp_bond.value_order 
_chem_comp_bond.pdbx_aromatic_flag 
_chem_comp_bond.pdbx_stereo_config 
_chem_comp_bond.pdbx_ordinal 
ALA N   CA   sing N N 1   
ALA N   H    sing N N 2   
ALA N   H2   sing N N 3   
ALA CA  C    sing N N 4   
ALA CA  CB   sing N N 5   
ALA CA  HA   sing N N 6   
ALA C   O    doub N N 7   
ALA C   OXT  sing N N 8   
ALA CB  HB1  sing N N 9   
ALA CB  HB2  sing N N 10  
ALA CB  HB3  sing N N 11  
ALA OXT HXT  sing N N 12  
ARG N   CA   sing N N 13  
ARG N   H    sing N N 14  
ARG N   H2   sing N N 15  
ARG CA  C    sing N N 16  
ARG CA  CB   sing N N 17  
ARG CA  HA   sing N N 18  
ARG C   O    doub N N 19  
ARG C   OXT  sing N N 20  
ARG CB  CG   sing N N 21  
ARG CB  HB2  sing N N 22  
ARG CB  HB3  sing N N 23  
ARG CG  CD   sing N N 24  
ARG CG  HG2  sing N N 25  
ARG CG  HG3  sing N N 26  
ARG CD  NE   sing N N 27  
ARG CD  HD2  sing N N 28  
ARG CD  HD3  sing N N 29  
ARG NE  CZ   sing N N 30  
ARG NE  HE   sing N N 31  
ARG CZ  NH1  sing N N 32  
ARG CZ  NH2  doub N N 33  
ARG NH1 HH11 sing N N 34  
ARG NH1 HH12 sing N N 35  
ARG NH2 HH21 sing N N 36  
ARG NH2 HH22 sing N N 37  
ARG OXT HXT  sing N N 38  
ASN N   CA   sing N N 39  
ASN N   H    sing N N 40  
ASN N   H2   sing N N 41  
ASN CA  C    sing N N 42  
ASN CA  CB   sing N N 43  
ASN CA  HA   sing N N 44  
ASN C   O    doub N N 45  
ASN C   OXT  sing N N 46  
ASN CB  CG   sing N N 47  
ASN CB  HB2  sing N N 48  
ASN CB  HB3  sing N N 49  
ASN CG  OD1  doub N N 50  
ASN CG  ND2  sing N N 51  
ASN ND2 HD21 sing N N 52  
ASN ND2 HD22 sing N N 53  
ASN OXT HXT  sing N N 54  
ASP N   CA   sing N N 55  
ASP N   H    sing N N 56  
ASP N   H2   sing N N 57  
ASP CA  C    sing N N 58  
ASP CA  CB   sing N N 59  
ASP CA  HA   sing N N 60  
ASP C   O    doub N N 61  
ASP C   OXT  sing N N 62  
ASP CB  CG   sing N N 63  
ASP CB  HB2  sing N N 64  
ASP CB  HB3  sing N N 65  
ASP CG  OD1  doub N N 66  
ASP CG  OD2  sing N N 67  
ASP OD2 HD2  sing N N 68  
ASP OXT HXT  sing N N 69  
GLN N   CA   sing N N 70  
GLN N   H    sing N N 71  
GLN N   H2   sing N N 72  
GLN CA  C    sing N N 73  
GLN CA  CB   sing N N 74  
GLN CA  HA   sing N N 75  
GLN C   O    doub N N 76  
GLN C   OXT  sing N N 77  
GLN CB  CG   sing N N 78  
GLN CB  HB2  sing N N 79  
GLN CB  HB3  sing N N 80  
GLN CG  CD   sing N N 81  
GLN CG  HG2  sing N N 82  
GLN CG  HG3  sing N N 83  
GLN CD  OE1  doub N N 84  
GLN CD  NE2  sing N N 85  
GLN NE2 HE21 sing N N 86  
GLN NE2 HE22 sing N N 87  
GLN OXT HXT  sing N N 88  
GLU N   CA   sing N N 89  
GLU N   H    sing N N 90  
GLU N   H2   sing N N 91  
GLU CA  C    sing N N 92  
GLU CA  CB   sing N N 93  
GLU CA  HA   sing N N 94  
GLU C   O    doub N N 95  
GLU C   OXT  sing N N 96  
GLU CB  CG   sing N N 97  
GLU CB  HB2  sing N N 98  
GLU CB  HB3  sing N N 99  
GLU CG  CD   sing N N 100 
GLU CG  HG2  sing N N 101 
GLU CG  HG3  sing N N 102 
GLU CD  OE1  doub N N 103 
GLU CD  OE2  sing N N 104 
GLU OE2 HE2  sing N N 105 
GLU OXT HXT  sing N N 106 
GLY N   CA   sing N N 107 
GLY N   H    sing N N 108 
GLY N   H2   sing N N 109 
GLY CA  C    sing N N 110 
GLY CA  HA2  sing N N 111 
GLY CA  HA3  sing N N 112 
GLY C   O    doub N N 113 
GLY C   OXT  sing N N 114 
GLY OXT HXT  sing N N 115 
HIS N   CA   sing N N 116 
HIS N   H    sing N N 117 
HIS N   H2   sing N N 118 
HIS CA  C    sing N N 119 
HIS CA  CB   sing N N 120 
HIS CA  HA   sing N N 121 
HIS C   O    doub N N 122 
HIS C   OXT  sing N N 123 
HIS CB  CG   sing N N 124 
HIS CB  HB2  sing N N 125 
HIS CB  HB3  sing N N 126 
HIS CG  ND1  sing Y N 127 
HIS CG  CD2  doub Y N 128 
HIS ND1 CE1  doub Y N 129 
HIS ND1 HD1  sing N N 130 
HIS CD2 NE2  sing Y N 131 
HIS CD2 HD2  sing N N 132 
HIS CE1 NE2  sing Y N 133 
HIS CE1 HE1  sing N N 134 
HIS NE2 HE2  sing N N 135 
HIS OXT HXT  sing N N 136 
HOH O   H1   sing N N 137 
HOH O   H2   sing N N 138 
ILE N   CA   sing N N 139 
ILE N   H    sing N N 140 
ILE N   H2   sing N N 141 
ILE CA  C    sing N N 142 
ILE CA  CB   sing N N 143 
ILE CA  HA   sing N N 144 
ILE C   O    doub N N 145 
ILE C   OXT  sing N N 146 
ILE CB  CG1  sing N N 147 
ILE CB  CG2  sing N N 148 
ILE CB  HB   sing N N 149 
ILE CG1 CD1  sing N N 150 
ILE CG1 HG12 sing N N 151 
ILE CG1 HG13 sing N N 152 
ILE CG2 HG21 sing N N 153 
ILE CG2 HG22 sing N N 154 
ILE CG2 HG23 sing N N 155 
ILE CD1 HD11 sing N N 156 
ILE CD1 HD12 sing N N 157 
ILE CD1 HD13 sing N N 158 
ILE OXT HXT  sing N N 159 
LEU N   CA   sing N N 160 
LEU N   H    sing N N 161 
LEU N   H2   sing N N 162 
LEU CA  C    sing N N 163 
LEU CA  CB   sing N N 164 
LEU CA  HA   sing N N 165 
LEU C   O    doub N N 166 
LEU C   OXT  sing N N 167 
LEU CB  CG   sing N N 168 
LEU CB  HB2  sing N N 169 
LEU CB  HB3  sing N N 170 
LEU CG  CD1  sing N N 171 
LEU CG  CD2  sing N N 172 
LEU CG  HG   sing N N 173 
LEU CD1 HD11 sing N N 174 
LEU CD1 HD12 sing N N 175 
LEU CD1 HD13 sing N N 176 
LEU CD2 HD21 sing N N 177 
LEU CD2 HD22 sing N N 178 
LEU CD2 HD23 sing N N 179 
LEU OXT HXT  sing N N 180 
LYS N   CA   sing N N 181 
LYS N   H    sing N N 182 
LYS N   H2   sing N N 183 
LYS CA  C    sing N N 184 
LYS CA  CB   sing N N 185 
LYS CA  HA   sing N N 186 
LYS C   O    doub N N 187 
LYS C   OXT  sing N N 188 
LYS CB  CG   sing N N 189 
LYS CB  HB2  sing N N 190 
LYS CB  HB3  sing N N 191 
LYS CG  CD   sing N N 192 
LYS CG  HG2  sing N N 193 
LYS CG  HG3  sing N N 194 
LYS CD  CE   sing N N 195 
LYS CD  HD2  sing N N 196 
LYS CD  HD3  sing N N 197 
LYS CE  NZ   sing N N 198 
LYS CE  HE2  sing N N 199 
LYS CE  HE3  sing N N 200 
LYS NZ  HZ1  sing N N 201 
LYS NZ  HZ2  sing N N 202 
LYS NZ  HZ3  sing N N 203 
LYS OXT HXT  sing N N 204 
MET N   CA   sing N N 205 
MET N   H    sing N N 206 
MET N   H2   sing N N 207 
MET CA  C    sing N N 208 
MET CA  CB   sing N N 209 
MET CA  HA   sing N N 210 
MET C   O    doub N N 211 
MET C   OXT  sing N N 212 
MET CB  CG   sing N N 213 
MET CB  HB2  sing N N 214 
MET CB  HB3  sing N N 215 
MET CG  SD   sing N N 216 
MET CG  HG2  sing N N 217 
MET CG  HG3  sing N N 218 
MET SD  CE   sing N N 219 
MET CE  HE1  sing N N 220 
MET CE  HE2  sing N N 221 
MET CE  HE3  sing N N 222 
MET OXT HXT  sing N N 223 
PHE N   CA   sing N N 224 
PHE N   H    sing N N 225 
PHE N   H2   sing N N 226 
PHE CA  C    sing N N 227 
PHE CA  CB   sing N N 228 
PHE CA  HA   sing N N 229 
PHE C   O    doub N N 230 
PHE C   OXT  sing N N 231 
PHE CB  CG   sing N N 232 
PHE CB  HB2  sing N N 233 
PHE CB  HB3  sing N N 234 
PHE CG  CD1  doub Y N 235 
PHE CG  CD2  sing Y N 236 
PHE CD1 CE1  sing Y N 237 
PHE CD1 HD1  sing N N 238 
PHE CD2 CE2  doub Y N 239 
PHE CD2 HD2  sing N N 240 
PHE CE1 CZ   doub Y N 241 
PHE CE1 HE1  sing N N 242 
PHE CE2 CZ   sing Y N 243 
PHE CE2 HE2  sing N N 244 
PHE CZ  HZ   sing N N 245 
PHE OXT HXT  sing N N 246 
PRO N   CA   sing N N 247 
PRO N   CD   sing N N 248 
PRO N   H    sing N N 249 
PRO CA  C    sing N N 250 
PRO CA  CB   sing N N 251 
PRO CA  HA   sing N N 252 
PRO C   O    doub N N 253 
PRO C   OXT  sing N N 254 
PRO CB  CG   sing N N 255 
PRO CB  HB2  sing N N 256 
PRO CB  HB3  sing N N 257 
PRO CG  CD   sing N N 258 
PRO CG  HG2  sing N N 259 
PRO CG  HG3  sing N N 260 
PRO CD  HD2  sing N N 261 
PRO CD  HD3  sing N N 262 
PRO OXT HXT  sing N N 263 
SER N   CA   sing N N 264 
SER N   H    sing N N 265 
SER N   H2   sing N N 266 
SER CA  C    sing N N 267 
SER CA  CB   sing N N 268 
SER CA  HA   sing N N 269 
SER C   O    doub N N 270 
SER C   OXT  sing N N 271 
SER CB  OG   sing N N 272 
SER CB  HB2  sing N N 273 
SER CB  HB3  sing N N 274 
SER OG  HG   sing N N 275 
SER OXT HXT  sing N N 276 
THR N   CA   sing N N 277 
THR N   H    sing N N 278 
THR N   H2   sing N N 279 
THR CA  C    sing N N 280 
THR CA  CB   sing N N 281 
THR CA  HA   sing N N 282 
THR C   O    doub N N 283 
THR C   OXT  sing N N 284 
THR CB  OG1  sing N N 285 
THR CB  CG2  sing N N 286 
THR CB  HB   sing N N 287 
THR OG1 HG1  sing N N 288 
THR CG2 HG21 sing N N 289 
THR CG2 HG22 sing N N 290 
THR CG2 HG23 sing N N 291 
THR OXT HXT  sing N N 292 
TYR N   CA   sing N N 293 
TYR N   H    sing N N 294 
TYR N   H2   sing N N 295 
TYR CA  C    sing N N 296 
TYR CA  CB   sing N N 297 
TYR CA  HA   sing N N 298 
TYR C   O    doub N N 299 
TYR C   OXT  sing N N 300 
TYR CB  CG   sing N N 301 
TYR CB  HB2  sing N N 302 
TYR CB  HB3  sing N N 303 
TYR CG  CD1  doub Y N 304 
TYR CG  CD2  sing Y N 305 
TYR CD1 CE1  sing Y N 306 
TYR CD1 HD1  sing N N 307 
TYR CD2 CE2  doub Y N 308 
TYR CD2 HD2  sing N N 309 
TYR CE1 CZ   doub Y N 310 
TYR CE1 HE1  sing N N 311 
TYR CE2 CZ   sing Y N 312 
TYR CE2 HE2  sing N N 313 
TYR CZ  OH   sing N N 314 
TYR OH  HH   sing N N 315 
TYR OXT HXT  sing N N 316 
VAL N   CA   sing N N 317 
VAL N   H    sing N N 318 
VAL N   H2   sing N N 319 
VAL CA  C    sing N N 320 
VAL CA  CB   sing N N 321 
VAL CA  HA   sing N N 322 
VAL C   O    doub N N 323 
VAL C   OXT  sing N N 324 
VAL CB  CG1  sing N N 325 
VAL CB  CG2  sing N N 326 
VAL CB  HB   sing N N 327 
VAL CG1 HG11 sing N N 328 
VAL CG1 HG12 sing N N 329 
VAL CG1 HG13 sing N N 330 
VAL CG2 HG21 sing N N 331 
VAL CG2 HG22 sing N N 332 
VAL CG2 HG23 sing N N 333 
VAL OXT HXT  sing N N 334 
# 
_pdbx_entity_nonpoly.entity_id   2 
_pdbx_entity_nonpoly.name        water 
_pdbx_entity_nonpoly.comp_id     HOH 
# 
_pdbx_initial_refinement_model.id               1 
_pdbx_initial_refinement_model.entity_id_list   ? 
_pdbx_initial_refinement_model.type             'experimental model' 
_pdbx_initial_refinement_model.source_name      PDB 
_pdbx_initial_refinement_model.accession_code   2C3F 
_pdbx_initial_refinement_model.details          'PDB ENTRY 2C3F' 
# 
